data_2MRA
#
_entry.id   2MRA
#
_entity_poly.entity_id   1
_entity_poly.type   'polypeptide(L)'
_entity_poly.pdbx_seq_one_letter_code
;MAGKELRVEIKIDCGNDDKETTYDLYFSKAEEAKELLKKVAEKAADKIKKQGCKRVKIRFEKKGLDDDARKKAKKWALEV
ANKIANELGAKQSTTTTDGDTFEVEVILELEHHHHHH
;
_entity_poly.pdbx_strand_id   A
#
# COMPACT_ATOMS: atom_id res chain seq x y z
N MET A 1 -3.69 8.88 -21.06
CA MET A 1 -3.66 10.24 -20.45
C MET A 1 -5.09 10.79 -20.42
N ALA A 2 -5.89 10.40 -19.41
CA ALA A 2 -7.31 10.82 -19.28
C ALA A 2 -7.78 10.82 -17.82
N GLY A 3 -7.31 9.84 -17.03
CA GLY A 3 -7.82 9.62 -15.67
C GLY A 3 -8.81 8.44 -15.60
N LYS A 4 -8.94 7.75 -16.74
CA LYS A 4 -9.66 6.46 -16.86
C LYS A 4 -8.77 5.35 -16.28
N GLU A 5 -7.46 5.50 -16.50
CA GLU A 5 -6.46 4.50 -16.19
C GLU A 5 -6.16 4.53 -14.67
N LEU A 6 -6.25 3.36 -14.01
CA LEU A 6 -6.03 3.25 -12.58
C LEU A 6 -4.53 3.27 -12.29
N ARG A 7 -4.03 4.45 -11.93
CA ARG A 7 -2.60 4.67 -11.65
C ARG A 7 -2.37 4.60 -10.14
N VAL A 8 -1.71 3.53 -9.68
CA VAL A 8 -1.41 3.31 -8.27
C VAL A 8 0.07 3.66 -8.02
N GLU A 9 0.32 4.60 -7.10
CA GLU A 9 1.68 5.00 -6.72
C GLU A 9 1.90 4.63 -5.24
N ILE A 10 2.61 3.51 -5.00
CA ILE A 10 2.84 3.01 -3.64
C ILE A 10 4.14 3.61 -3.08
N LYS A 11 4.03 4.28 -1.94
CA LYS A 11 5.14 4.94 -1.24
C LYS A 11 5.58 4.05 -0.06
N ILE A 12 6.78 3.49 -0.10
CA ILE A 12 7.34 2.72 1.04
C ILE A 12 8.41 3.57 1.75
N ASP A 13 8.13 4.01 2.99
CA ASP A 13 9.09 4.82 3.76
C ASP A 13 9.99 3.90 4.60
N CYS A 14 11.24 3.74 4.13
CA CYS A 14 12.30 3.03 4.87
C CYS A 14 13.24 4.06 5.52
N GLY A 15 12.64 5.21 5.92
CA GLY A 15 13.40 6.38 6.33
C GLY A 15 13.90 7.13 5.10
N ASN A 16 13.01 7.98 4.53
CA ASN A 16 13.26 8.69 3.25
C ASN A 16 14.50 9.60 3.36
N ASP A 17 15.60 9.15 2.75
CA ASP A 17 16.92 9.81 2.81
C ASP A 17 17.40 10.17 1.38
N ASP A 18 17.36 9.17 0.48
CA ASP A 18 17.79 9.34 -0.93
C ASP A 18 16.62 9.87 -1.77
N LYS A 19 15.62 9.01 -1.99
CA LYS A 19 14.45 9.31 -2.82
C LYS A 19 13.24 8.50 -2.34
N GLU A 20 12.04 9.11 -2.45
CA GLU A 20 10.76 8.44 -2.22
C GLU A 20 10.60 7.24 -3.18
N THR A 21 10.29 6.06 -2.64
CA THR A 21 10.21 4.84 -3.45
C THR A 21 8.77 4.67 -3.92
N THR A 22 8.56 4.97 -5.20
CA THR A 22 7.25 4.92 -5.85
C THR A 22 7.16 3.67 -6.71
N TYR A 23 6.11 2.88 -6.48
CA TYR A 23 5.87 1.65 -7.22
C TYR A 23 4.70 1.86 -8.17
N ASP A 24 4.94 1.57 -9.46
CA ASP A 24 3.95 1.76 -10.52
C ASP A 24 3.23 0.45 -10.80
N LEU A 25 1.91 0.47 -10.63
CA LEU A 25 1.04 -0.68 -10.91
C LEU A 25 -0.33 -0.18 -11.37
N TYR A 26 -1.02 -0.99 -12.17
CA TYR A 26 -2.30 -0.65 -12.77
C TYR A 26 -3.28 -1.81 -12.54
N PHE A 27 -4.55 -1.47 -12.31
CA PHE A 27 -5.62 -2.46 -12.09
C PHE A 27 -6.66 -2.33 -13.21
N SER A 28 -7.24 -3.47 -13.59
CA SER A 28 -8.31 -3.54 -14.60
C SER A 28 -9.14 -4.80 -14.32
N LYS A 29 -8.45 -5.95 -14.28
CA LYS A 29 -9.02 -7.22 -13.80
C LYS A 29 -8.75 -7.31 -12.28
N ALA A 30 -9.68 -7.95 -11.56
CA ALA A 30 -9.54 -8.26 -10.11
C ALA A 30 -8.39 -9.25 -9.87
N GLU A 31 -8.14 -10.08 -10.89
CA GLU A 31 -7.06 -11.09 -10.89
C GLU A 31 -5.68 -10.40 -10.91
N GLU A 32 -5.57 -9.31 -11.69
CA GLU A 32 -4.36 -8.48 -11.74
C GLU A 32 -4.15 -7.80 -10.39
N ALA A 33 -5.24 -7.25 -9.82
CA ALA A 33 -5.21 -6.61 -8.50
C ALA A 33 -4.65 -7.57 -7.45
N LYS A 34 -5.09 -8.84 -7.51
CA LYS A 34 -4.63 -9.91 -6.60
C LYS A 34 -3.14 -10.26 -6.80
N GLU A 35 -2.66 -10.17 -8.04
CA GLU A 35 -1.27 -10.50 -8.40
C GLU A 35 -0.34 -9.40 -7.83
N LEU A 36 -0.71 -8.13 -8.07
CA LEU A 36 -0.04 -6.94 -7.51
C LEU A 36 -0.16 -6.90 -5.97
N LEU A 37 -1.26 -7.46 -5.44
CA LEU A 37 -1.54 -7.51 -3.99
C LEU A 37 -0.43 -8.22 -3.22
N LYS A 38 -0.09 -9.44 -3.67
CA LYS A 38 0.96 -10.25 -3.04
C LYS A 38 2.36 -9.65 -3.30
N LYS A 39 2.53 -8.95 -4.46
CA LYS A 39 3.82 -8.31 -4.81
C LYS A 39 4.17 -7.17 -3.84
N VAL A 40 3.24 -6.20 -3.70
CA VAL A 40 3.46 -4.99 -2.89
C VAL A 40 3.55 -5.35 -1.39
N ALA A 41 2.67 -6.25 -0.94
CA ALA A 41 2.56 -6.62 0.48
C ALA A 41 3.78 -7.44 0.98
N GLU A 42 4.38 -8.25 0.07
CA GLU A 42 5.63 -8.99 0.37
C GLU A 42 6.83 -8.04 0.39
N LYS A 43 6.99 -7.27 -0.71
CA LYS A 43 8.17 -6.41 -0.93
C LYS A 43 8.27 -5.27 0.09
N ALA A 44 7.11 -4.81 0.58
CA ALA A 44 7.03 -3.80 1.66
C ALA A 44 7.59 -4.40 2.96
N ALA A 45 7.08 -5.60 3.33
CA ALA A 45 7.49 -6.34 4.55
C ALA A 45 9.00 -6.66 4.56
N ASP A 46 9.58 -6.84 3.34
CA ASP A 46 11.02 -7.09 3.16
C ASP A 46 11.85 -5.88 3.58
N LYS A 47 11.33 -4.66 3.32
CA LYS A 47 12.00 -3.38 3.69
C LYS A 47 11.95 -3.18 5.21
N ILE A 48 10.79 -3.54 5.79
CA ILE A 48 10.51 -3.43 7.23
C ILE A 48 11.43 -4.35 8.05
N LYS A 49 11.84 -5.47 7.42
CA LYS A 49 12.70 -6.51 8.04
C LYS A 49 14.00 -5.91 8.66
N LYS A 50 14.61 -4.91 7.98
CA LYS A 50 15.93 -4.35 8.40
C LYS A 50 15.77 -3.15 9.37
N GLN A 51 14.96 -2.16 8.95
CA GLN A 51 14.88 -0.84 9.64
C GLN A 51 13.68 -0.75 10.58
N GLY A 52 12.70 -1.64 10.38
CA GLY A 52 11.40 -1.52 11.02
C GLY A 52 10.61 -0.38 10.39
N CYS A 53 10.52 -0.40 9.04
CA CYS A 53 9.81 0.61 8.25
C CYS A 53 8.30 0.61 8.59
N LYS A 54 7.95 1.38 9.62
CA LYS A 54 6.61 1.40 10.22
C LYS A 54 5.75 2.54 9.67
N ARG A 55 6.31 3.29 8.71
CA ARG A 55 5.55 4.22 7.88
C ARG A 55 5.45 3.66 6.46
N VAL A 56 4.22 3.36 6.04
CA VAL A 56 3.87 2.96 4.69
C VAL A 56 2.74 3.89 4.23
N LYS A 57 2.76 4.32 2.96
CA LYS A 57 1.72 5.22 2.40
C LYS A 57 1.28 4.69 1.03
N ILE A 58 0.01 4.39 0.88
CA ILE A 58 -0.57 3.95 -0.40
C ILE A 58 -1.35 5.12 -0.99
N ARG A 59 -0.89 5.64 -2.12
CA ARG A 59 -1.58 6.69 -2.87
C ARG A 59 -2.05 6.11 -4.19
N PHE A 60 -3.28 6.47 -4.57
CA PHE A 60 -3.91 5.95 -5.77
C PHE A 60 -4.75 7.06 -6.41
N GLU A 61 -4.67 7.18 -7.74
CA GLU A 61 -5.42 8.20 -8.50
C GLU A 61 -6.61 7.54 -9.20
N LYS A 62 -7.78 8.19 -9.09
CA LYS A 62 -9.04 7.67 -9.62
C LYS A 62 -10.00 8.83 -9.91
N LYS A 63 -10.82 8.66 -10.95
CA LYS A 63 -11.81 9.67 -11.37
C LYS A 63 -12.83 9.02 -12.30
N GLY A 64 -12.36 8.65 -13.50
CA GLY A 64 -13.21 8.08 -14.53
C GLY A 64 -13.19 6.56 -14.52
N LEU A 65 -13.42 5.96 -13.33
CA LEU A 65 -13.50 4.49 -13.18
C LEU A 65 -14.95 4.06 -12.97
N ASP A 66 -15.20 2.77 -13.23
CA ASP A 66 -16.48 2.12 -12.97
C ASP A 66 -16.59 1.80 -11.46
N ASP A 67 -17.82 1.60 -10.96
CA ASP A 67 -18.10 1.26 -9.55
C ASP A 67 -17.32 0.00 -9.10
N ASP A 68 -17.18 -0.96 -10.03
CA ASP A 68 -16.43 -2.21 -9.82
C ASP A 68 -14.93 -1.90 -9.68
N ALA A 69 -14.37 -1.11 -10.63
CA ALA A 69 -12.93 -0.73 -10.62
C ALA A 69 -12.53 -0.02 -9.31
N ARG A 70 -13.45 0.84 -8.81
CA ARG A 70 -13.31 1.54 -7.52
C ARG A 70 -13.22 0.53 -6.38
N LYS A 71 -14.08 -0.50 -6.44
CA LYS A 71 -14.20 -1.53 -5.39
C LYS A 71 -12.96 -2.45 -5.37
N LYS A 72 -12.34 -2.67 -6.55
CA LYS A 72 -11.15 -3.54 -6.65
C LYS A 72 -9.99 -2.92 -5.86
N ALA A 73 -9.71 -1.63 -6.18
CA ALA A 73 -8.62 -0.85 -5.57
C ALA A 73 -8.90 -0.49 -4.10
N LYS A 74 -10.20 -0.34 -3.74
CA LYS A 74 -10.65 -0.04 -2.36
C LYS A 74 -10.34 -1.24 -1.45
N LYS A 75 -10.83 -2.44 -1.86
CA LYS A 75 -10.64 -3.70 -1.10
C LYS A 75 -9.15 -4.06 -1.06
N TRP A 76 -8.45 -3.77 -2.16
CA TRP A 76 -7.01 -4.00 -2.33
C TRP A 76 -6.22 -3.26 -1.25
N ALA A 77 -6.47 -1.94 -1.14
CA ALA A 77 -5.79 -1.05 -0.19
C ALA A 77 -5.94 -1.51 1.27
N LEU A 78 -7.08 -2.19 1.54
CA LEU A 78 -7.36 -2.77 2.87
C LEU A 78 -6.51 -4.03 3.11
N GLU A 79 -6.56 -4.97 2.13
CA GLU A 79 -6.00 -6.33 2.29
C GLU A 79 -4.47 -6.34 2.33
N VAL A 80 -3.84 -5.52 1.47
CA VAL A 80 -2.38 -5.36 1.48
C VAL A 80 -1.91 -4.72 2.79
N ALA A 81 -2.72 -3.78 3.33
CA ALA A 81 -2.46 -3.10 4.60
C ALA A 81 -2.53 -4.09 5.79
N ASN A 82 -3.53 -4.99 5.73
CA ASN A 82 -3.74 -6.04 6.75
C ASN A 82 -2.66 -7.13 6.64
N LYS A 83 -2.10 -7.33 5.42
CA LYS A 83 -1.03 -8.33 5.17
C LYS A 83 0.29 -7.80 5.78
N ILE A 84 0.62 -6.54 5.47
CA ILE A 84 1.82 -5.84 5.98
C ILE A 84 1.76 -5.74 7.53
N ALA A 85 0.53 -5.54 8.05
CA ALA A 85 0.26 -5.57 9.50
C ALA A 85 0.46 -6.99 10.06
N ASN A 86 -0.05 -8.00 9.34
CA ASN A 86 -0.01 -9.42 9.75
C ASN A 86 1.42 -9.92 9.94
N GLU A 87 2.34 -9.45 9.07
CA GLU A 87 3.74 -9.88 9.08
C GLU A 87 4.46 -9.40 10.37
N LEU A 88 4.28 -8.11 10.71
CA LEU A 88 5.00 -7.47 11.82
C LEU A 88 4.14 -7.48 13.09
N GLY A 89 3.02 -6.75 13.07
CA GLY A 89 2.11 -6.66 14.20
C GLY A 89 1.10 -5.54 14.03
N ALA A 90 1.22 -4.49 14.88
CA ALA A 90 0.40 -3.26 14.82
C ALA A 90 -1.12 -3.54 14.98
N LYS A 91 -1.94 -2.55 14.60
CA LYS A 91 -3.40 -2.70 14.48
C LYS A 91 -3.79 -2.59 13.00
N GLN A 92 -4.14 -1.37 12.52
CA GLN A 92 -4.72 -1.16 11.18
C GLN A 92 -4.08 0.05 10.47
N SER A 93 -4.45 0.21 9.19
CA SER A 93 -4.05 1.35 8.37
C SER A 93 -4.99 2.55 8.60
N THR A 94 -4.45 3.75 8.37
CA THR A 94 -5.21 5.00 8.42
C THR A 94 -5.74 5.30 7.00
N THR A 95 -7.07 5.30 6.84
CA THR A 95 -7.74 5.42 5.54
C THR A 95 -8.37 6.82 5.39
N THR A 96 -8.08 7.46 4.25
CA THR A 96 -8.55 8.80 3.90
C THR A 96 -9.06 8.77 2.44
N THR A 97 -10.37 8.98 2.24
CA THR A 97 -10.95 9.04 0.88
C THR A 97 -11.01 10.52 0.43
N ASP A 98 -10.81 10.72 -0.87
CA ASP A 98 -10.66 12.06 -1.48
C ASP A 98 -11.30 12.03 -2.88
N GLY A 99 -11.48 13.21 -3.50
CA GLY A 99 -12.04 13.32 -4.84
C GLY A 99 -11.14 12.69 -5.90
N ASP A 100 -9.89 13.19 -6.00
CA ASP A 100 -8.94 12.77 -7.05
C ASP A 100 -8.09 11.58 -6.55
N THR A 101 -7.29 11.84 -5.51
CA THR A 101 -6.38 10.82 -4.92
C THR A 101 -7.15 9.92 -3.93
N PHE A 102 -6.49 8.84 -3.48
CA PHE A 102 -7.01 7.93 -2.47
C PHE A 102 -5.83 7.55 -1.57
N GLU A 103 -5.84 8.07 -0.33
CA GLU A 103 -4.72 7.92 0.62
C GLU A 103 -5.08 6.88 1.68
N VAL A 104 -4.39 5.75 1.68
CA VAL A 104 -4.45 4.76 2.76
C VAL A 104 -3.01 4.48 3.20
N GLU A 105 -2.61 5.04 4.33
CA GLU A 105 -1.23 4.88 4.83
C GLU A 105 -1.26 3.87 5.98
N VAL A 106 -0.32 2.93 5.98
CA VAL A 106 -0.26 1.88 6.99
C VAL A 106 0.74 2.31 8.07
N ILE A 107 0.22 2.74 9.22
CA ILE A 107 1.03 3.14 10.37
C ILE A 107 1.19 1.93 11.28
N LEU A 108 2.33 1.26 11.17
CA LEU A 108 2.66 0.11 11.99
C LEU A 108 3.22 0.56 13.34
N GLU A 109 2.66 0.02 14.42
CA GLU A 109 3.13 0.29 15.78
C GLU A 109 4.18 -0.74 16.16
N LEU A 110 5.43 -0.48 15.74
CA LEU A 110 6.53 -1.45 15.85
C LEU A 110 7.79 -0.76 16.39
N GLU A 111 7.97 -0.80 17.72
CA GLU A 111 9.20 -0.34 18.39
C GLU A 111 10.13 -1.54 18.63
N HIS A 112 9.53 -2.60 19.20
CA HIS A 112 10.24 -3.85 19.55
C HIS A 112 10.87 -4.51 18.29
N HIS A 113 12.20 -4.37 18.16
CA HIS A 113 13.00 -4.96 17.07
C HIS A 113 14.34 -5.48 17.63
N HIS A 114 14.92 -6.47 16.91
CA HIS A 114 16.30 -6.96 17.13
C HIS A 114 16.53 -7.52 18.57
N HIS A 115 15.52 -8.24 19.11
CA HIS A 115 15.65 -8.93 20.42
C HIS A 115 16.68 -10.07 20.33
N HIS A 116 17.89 -9.80 20.81
CA HIS A 116 19.03 -10.73 20.77
C HIS A 116 19.62 -10.86 22.18
N HIS A 117 19.62 -12.09 22.73
CA HIS A 117 20.18 -12.37 24.06
C HIS A 117 21.72 -12.55 23.91
N MET A 1 -3.86 -7.82 -20.05
CA MET A 1 -5.26 -7.34 -20.11
C MET A 1 -5.34 -5.99 -20.83
N ALA A 2 -4.42 -5.08 -20.47
CA ALA A 2 -4.31 -3.74 -21.08
C ALA A 2 -2.92 -3.15 -20.79
N GLY A 3 -2.61 -3.04 -19.49
CA GLY A 3 -1.30 -2.53 -19.03
C GLY A 3 -1.23 -1.01 -19.06
N LYS A 4 -0.96 -0.39 -17.89
CA LYS A 4 -0.84 1.06 -17.69
C LYS A 4 -2.18 1.80 -17.93
N GLU A 5 -2.89 2.09 -16.82
CA GLU A 5 -4.14 2.86 -16.84
C GLU A 5 -4.48 3.34 -15.42
N LEU A 6 -4.90 2.39 -14.54
CA LEU A 6 -5.32 2.69 -13.17
C LEU A 6 -4.08 2.83 -12.27
N ARG A 7 -3.69 4.08 -12.01
CA ARG A 7 -2.38 4.43 -11.43
C ARG A 7 -2.36 4.24 -9.91
N VAL A 8 -1.46 3.36 -9.44
CA VAL A 8 -1.23 3.11 -8.01
C VAL A 8 0.15 3.64 -7.63
N GLU A 9 0.22 4.59 -6.68
CA GLU A 9 1.49 5.10 -6.15
C GLU A 9 1.66 4.58 -4.71
N ILE A 10 2.39 3.49 -4.54
CA ILE A 10 2.67 2.94 -3.21
C ILE A 10 3.98 3.54 -2.70
N LYS A 11 3.91 4.33 -1.63
CA LYS A 11 5.10 4.79 -0.92
C LYS A 11 5.40 3.85 0.25
N ILE A 12 6.47 3.07 0.11
CA ILE A 12 7.06 2.33 1.22
C ILE A 12 8.22 3.17 1.72
N ASP A 13 8.08 3.76 2.91
CA ASP A 13 9.14 4.55 3.54
C ASP A 13 9.70 3.72 4.69
N CYS A 14 10.88 3.16 4.50
CA CYS A 14 11.60 2.41 5.54
C CYS A 14 12.22 3.37 6.57
N GLY A 15 12.59 4.56 6.08
CA GLY A 15 13.20 5.61 6.87
C GLY A 15 13.55 6.80 5.99
N ASN A 16 13.07 8.00 6.39
CA ASN A 16 13.31 9.26 5.65
C ASN A 16 14.82 9.60 5.67
N ASP A 17 15.55 9.05 4.68
CA ASP A 17 17.01 9.24 4.52
C ASP A 17 17.42 8.66 3.16
N ASP A 18 16.77 9.20 2.10
CA ASP A 18 17.02 8.87 0.67
C ASP A 18 16.53 7.45 0.26
N LYS A 19 16.14 6.61 1.24
CA LYS A 19 15.82 5.19 1.01
C LYS A 19 14.31 4.91 0.97
N GLU A 20 13.52 5.97 0.75
CA GLU A 20 12.10 5.85 0.42
C GLU A 20 11.96 5.18 -0.98
N THR A 21 11.02 4.24 -1.11
CA THR A 21 10.89 3.39 -2.30
C THR A 21 9.45 3.48 -2.82
N THR A 22 9.29 3.90 -4.08
CA THR A 22 7.97 4.12 -4.69
C THR A 22 7.69 3.03 -5.72
N TYR A 23 6.51 2.41 -5.62
CA TYR A 23 6.03 1.44 -6.58
C TYR A 23 4.93 2.07 -7.44
N ASP A 24 5.12 2.05 -8.76
CA ASP A 24 4.08 2.38 -9.73
C ASP A 24 3.62 1.08 -10.38
N LEU A 25 2.43 0.66 -9.97
CA LEU A 25 1.79 -0.56 -10.45
C LEU A 25 0.40 -0.21 -10.94
N TYR A 26 -0.23 -1.18 -11.59
CA TYR A 26 -1.55 -1.03 -12.18
C TYR A 26 -2.34 -2.31 -11.92
N PHE A 27 -3.44 -2.19 -11.15
CA PHE A 27 -4.34 -3.32 -10.91
C PHE A 27 -5.25 -3.46 -12.16
N SER A 28 -5.42 -4.69 -12.67
CA SER A 28 -6.29 -4.95 -13.84
C SER A 28 -7.77 -5.00 -13.40
N LYS A 29 -8.08 -5.90 -12.44
CA LYS A 29 -9.45 -6.09 -11.93
C LYS A 29 -9.45 -6.83 -10.59
N ALA A 30 -9.07 -8.13 -10.61
CA ALA A 30 -9.14 -9.01 -9.42
C ALA A 30 -7.97 -10.02 -9.38
N GLU A 31 -7.80 -10.79 -10.48
CA GLU A 31 -6.76 -11.84 -10.56
C GLU A 31 -5.35 -11.24 -10.55
N GLU A 32 -5.11 -10.31 -11.49
CA GLU A 32 -3.83 -9.60 -11.61
C GLU A 32 -3.63 -8.67 -10.41
N ALA A 33 -4.74 -8.05 -9.97
CA ALA A 33 -4.77 -7.16 -8.79
C ALA A 33 -4.24 -7.89 -7.54
N LYS A 34 -4.67 -9.17 -7.37
CA LYS A 34 -4.31 -9.99 -6.20
C LYS A 34 -2.80 -10.33 -6.18
N GLU A 35 -2.22 -10.51 -7.38
CA GLU A 35 -0.77 -10.72 -7.56
C GLU A 35 0.00 -9.42 -7.24
N LEU A 36 -0.53 -8.27 -7.69
CA LEU A 36 0.05 -6.94 -7.41
C LEU A 36 -0.02 -6.60 -5.92
N LEU A 37 -1.08 -7.09 -5.26
CA LEU A 37 -1.26 -7.01 -3.80
C LEU A 37 -0.15 -7.80 -3.10
N LYS A 38 0.08 -9.02 -3.63
CA LYS A 38 1.09 -9.95 -3.11
C LYS A 38 2.49 -9.37 -3.29
N LYS A 39 2.67 -8.64 -4.41
CA LYS A 39 3.94 -7.98 -4.77
C LYS A 39 4.27 -6.83 -3.80
N VAL A 40 3.30 -5.93 -3.54
CA VAL A 40 3.50 -4.82 -2.58
C VAL A 40 3.89 -5.37 -1.19
N ALA A 41 3.20 -6.45 -0.78
CA ALA A 41 3.44 -7.10 0.53
C ALA A 41 4.85 -7.69 0.68
N GLU A 42 5.25 -8.53 -0.30
CA GLU A 42 6.54 -9.27 -0.25
C GLU A 42 7.73 -8.29 -0.38
N LYS A 43 7.56 -7.26 -1.21
CA LYS A 43 8.61 -6.27 -1.49
C LYS A 43 8.78 -5.27 -0.34
N ALA A 44 7.66 -4.97 0.36
CA ALA A 44 7.67 -4.09 1.56
C ALA A 44 8.39 -4.77 2.73
N ALA A 45 8.14 -6.09 2.86
CA ALA A 45 8.73 -6.95 3.91
C ALA A 45 10.27 -6.93 3.89
N ASP A 46 10.85 -6.71 2.69
CA ASP A 46 12.30 -6.54 2.50
C ASP A 46 12.81 -5.30 3.26
N LYS A 47 12.12 -4.15 3.05
CA LYS A 47 12.48 -2.85 3.68
C LYS A 47 12.39 -2.95 5.22
N ILE A 48 11.47 -3.80 5.68
CA ILE A 48 11.29 -4.09 7.11
C ILE A 48 12.54 -4.82 7.67
N LYS A 49 13.08 -5.73 6.85
CA LYS A 49 14.29 -6.51 7.19
C LYS A 49 15.53 -5.58 7.26
N LYS A 50 15.53 -4.52 6.44
CA LYS A 50 16.64 -3.54 6.39
C LYS A 50 16.70 -2.69 7.67
N GLN A 51 15.53 -2.28 8.19
CA GLN A 51 15.45 -1.41 9.39
C GLN A 51 14.02 -1.33 9.96
N GLY A 52 13.03 -1.56 9.10
CA GLY A 52 11.62 -1.44 9.49
C GLY A 52 10.95 -0.31 8.74
N CYS A 53 9.92 0.27 9.36
CA CYS A 53 9.20 1.46 8.86
C CYS A 53 8.23 1.90 9.96
N LYS A 54 7.99 3.21 10.09
CA LYS A 54 7.04 3.76 11.07
C LYS A 54 5.74 4.20 10.37
N ARG A 55 5.85 4.59 9.08
CA ARG A 55 4.71 5.10 8.31
C ARG A 55 4.87 4.72 6.83
N VAL A 56 3.88 3.99 6.33
CA VAL A 56 3.70 3.67 4.91
C VAL A 56 2.48 4.44 4.40
N LYS A 57 2.56 4.93 3.17
CA LYS A 57 1.46 5.66 2.52
C LYS A 57 1.09 4.96 1.22
N ILE A 58 -0.15 4.48 1.13
CA ILE A 58 -0.69 3.88 -0.09
C ILE A 58 -1.54 4.96 -0.77
N ARG A 59 -1.09 5.41 -1.93
CA ARG A 59 -1.80 6.41 -2.74
C ARG A 59 -2.33 5.70 -3.99
N PHE A 60 -3.45 6.18 -4.48
CA PHE A 60 -4.12 5.60 -5.64
C PHE A 60 -4.99 6.66 -6.30
N GLU A 61 -4.98 6.71 -7.63
CA GLU A 61 -5.79 7.66 -8.40
C GLU A 61 -7.23 7.14 -8.54
N LYS A 62 -8.15 7.72 -7.76
CA LYS A 62 -9.58 7.36 -7.78
C LYS A 62 -10.26 7.99 -9.04
N LYS A 63 -9.61 9.04 -9.59
CA LYS A 63 -10.09 9.74 -10.81
C LYS A 63 -10.20 8.74 -12.00
N GLY A 64 -11.45 8.50 -12.45
CA GLY A 64 -11.75 7.57 -13.55
C GLY A 64 -12.62 6.41 -13.10
N LEU A 65 -12.51 6.04 -11.81
CA LEU A 65 -13.18 4.85 -11.23
C LEU A 65 -14.50 5.28 -10.57
N ASP A 66 -15.63 4.89 -11.19
CA ASP A 66 -16.98 5.26 -10.73
C ASP A 66 -17.36 4.50 -9.44
N ASP A 67 -17.72 3.21 -9.58
CA ASP A 67 -18.20 2.38 -8.45
C ASP A 67 -17.59 0.97 -8.52
N ASP A 68 -17.78 0.29 -9.68
CA ASP A 68 -17.33 -1.09 -9.89
C ASP A 68 -15.79 -1.20 -9.76
N ALA A 69 -15.07 -0.39 -10.58
CA ALA A 69 -13.60 -0.33 -10.56
C ALA A 69 -13.09 0.24 -9.23
N ARG A 70 -13.85 1.23 -8.69
CA ARG A 70 -13.53 1.90 -7.41
C ARG A 70 -13.47 0.88 -6.26
N LYS A 71 -14.48 -0.01 -6.21
CA LYS A 71 -14.62 -1.00 -5.12
C LYS A 71 -13.58 -2.10 -5.25
N LYS A 72 -13.18 -2.43 -6.50
CA LYS A 72 -12.06 -3.35 -6.77
C LYS A 72 -10.78 -2.80 -6.12
N ALA A 73 -10.49 -1.52 -6.44
CA ALA A 73 -9.30 -0.79 -5.98
C ALA A 73 -9.30 -0.57 -4.46
N LYS A 74 -10.48 -0.26 -3.91
CA LYS A 74 -10.68 0.06 -2.49
C LYS A 74 -10.46 -1.18 -1.63
N LYS A 75 -11.21 -2.25 -1.96
CA LYS A 75 -11.18 -3.54 -1.23
C LYS A 75 -9.78 -4.17 -1.34
N TRP A 76 -9.14 -3.97 -2.51
CA TRP A 76 -7.75 -4.35 -2.77
C TRP A 76 -6.81 -3.64 -1.79
N ALA A 77 -6.89 -2.29 -1.77
CA ALA A 77 -6.01 -1.41 -0.96
C ALA A 77 -6.19 -1.66 0.56
N LEU A 78 -7.41 -2.06 0.96
CA LEU A 78 -7.73 -2.43 2.35
C LEU A 78 -6.95 -3.69 2.75
N GLU A 79 -6.97 -4.70 1.85
CA GLU A 79 -6.29 -5.99 2.08
C GLU A 79 -4.76 -5.85 1.96
N VAL A 80 -4.28 -4.91 1.10
CA VAL A 80 -2.84 -4.59 0.98
C VAL A 80 -2.36 -4.02 2.32
N ALA A 81 -3.07 -2.98 2.79
CA ALA A 81 -2.78 -2.26 4.03
C ALA A 81 -2.77 -3.21 5.24
N ASN A 82 -3.81 -4.07 5.29
CA ASN A 82 -3.99 -5.06 6.37
C ASN A 82 -3.00 -6.22 6.24
N LYS A 83 -2.53 -6.51 5.00
CA LYS A 83 -1.57 -7.61 4.78
C LYS A 83 -0.23 -7.30 5.45
N ILE A 84 0.34 -6.10 5.15
CA ILE A 84 1.62 -5.68 5.73
C ILE A 84 1.45 -5.49 7.26
N ALA A 85 0.31 -4.89 7.68
CA ALA A 85 -0.03 -4.66 9.10
C ALA A 85 -0.13 -5.98 9.90
N ASN A 86 -0.70 -7.02 9.25
CA ASN A 86 -0.95 -8.34 9.88
C ASN A 86 0.36 -9.12 10.01
N GLU A 87 1.12 -9.19 8.90
CA GLU A 87 2.38 -9.95 8.82
C GLU A 87 3.40 -9.46 9.86
N LEU A 88 3.48 -8.14 10.02
CA LEU A 88 4.39 -7.51 10.99
C LEU A 88 3.81 -7.54 12.42
N GLY A 89 2.47 -7.56 12.52
CA GLY A 89 1.78 -7.46 13.81
C GLY A 89 1.94 -6.08 14.43
N ALA A 90 1.92 -5.05 13.56
CA ALA A 90 2.08 -3.64 13.96
C ALA A 90 0.69 -2.99 14.17
N LYS A 91 0.60 -1.65 14.05
CA LYS A 91 -0.69 -0.94 14.19
C LYS A 91 -1.55 -1.09 12.91
N GLN A 92 -2.77 -0.53 12.96
CA GLN A 92 -3.72 -0.60 11.83
C GLN A 92 -3.59 0.62 10.91
N SER A 93 -4.22 0.52 9.73
CA SER A 93 -4.14 1.51 8.67
C SER A 93 -5.36 2.44 8.68
N THR A 94 -5.11 3.75 8.48
CA THR A 94 -6.17 4.76 8.35
C THR A 94 -6.51 4.96 6.86
N THR A 95 -7.81 4.84 6.50
CA THR A 95 -8.28 4.87 5.11
C THR A 95 -8.96 6.22 4.81
N THR A 96 -8.28 7.03 3.98
CA THR A 96 -8.83 8.29 3.45
C THR A 96 -9.59 8.00 2.15
N THR A 97 -10.91 8.17 2.19
CA THR A 97 -11.78 7.99 1.02
C THR A 97 -11.99 9.37 0.35
N ASP A 98 -11.56 9.49 -0.91
CA ASP A 98 -11.54 10.77 -1.64
C ASP A 98 -11.83 10.51 -3.14
N GLY A 99 -12.49 11.50 -3.80
CA GLY A 99 -13.02 11.33 -5.16
C GLY A 99 -12.02 11.59 -6.28
N ASP A 100 -10.78 11.95 -5.92
CA ASP A 100 -9.71 12.27 -6.89
C ASP A 100 -8.52 11.32 -6.67
N THR A 101 -8.04 11.27 -5.42
CA THR A 101 -6.93 10.41 -5.01
C THR A 101 -7.33 9.67 -3.72
N PHE A 102 -7.58 8.37 -3.85
CA PHE A 102 -7.88 7.48 -2.72
C PHE A 102 -6.55 7.13 -2.01
N GLU A 103 -6.52 7.15 -0.67
CA GLU A 103 -5.29 6.88 0.10
C GLU A 103 -5.61 6.03 1.35
N VAL A 104 -4.67 5.13 1.69
CA VAL A 104 -4.69 4.35 2.93
C VAL A 104 -3.27 4.41 3.53
N GLU A 105 -3.08 5.12 4.65
CA GLU A 105 -1.77 5.23 5.32
C GLU A 105 -1.68 4.17 6.41
N VAL A 106 -0.69 3.27 6.28
CA VAL A 106 -0.48 2.17 7.23
C VAL A 106 0.63 2.60 8.20
N ILE A 107 0.24 2.96 9.43
CA ILE A 107 1.20 3.39 10.46
C ILE A 107 1.69 2.14 11.20
N LEU A 108 2.93 1.76 10.93
CA LEU A 108 3.53 0.53 11.46
C LEU A 108 4.52 0.87 12.57
N GLU A 109 4.11 0.69 13.82
CA GLU A 109 4.95 1.02 14.98
C GLU A 109 5.38 -0.26 15.70
N LEU A 110 6.57 -0.77 15.30
CA LEU A 110 7.17 -1.99 15.85
C LEU A 110 8.23 -1.62 16.90
N GLU A 111 7.81 -0.78 17.87
CA GLU A 111 8.68 -0.33 18.97
C GLU A 111 8.81 -1.45 20.02
N HIS A 112 9.81 -2.31 19.80
CA HIS A 112 10.19 -3.40 20.73
C HIS A 112 11.67 -3.30 21.09
N HIS A 113 12.22 -2.07 20.91
CA HIS A 113 13.65 -1.74 21.14
C HIS A 113 14.57 -2.45 20.12
N HIS A 114 14.99 -1.71 19.10
CA HIS A 114 16.01 -2.14 18.14
C HIS A 114 16.92 -0.93 17.87
N HIS A 115 18.21 -1.18 17.61
CA HIS A 115 19.21 -0.11 17.42
C HIS A 115 19.28 0.30 15.94
N HIS A 116 18.12 0.76 15.41
CA HIS A 116 17.94 1.25 14.02
C HIS A 116 18.11 0.12 12.98
N HIS A 117 19.36 -0.33 12.80
CA HIS A 117 19.70 -1.49 11.94
C HIS A 117 20.80 -2.32 12.63
N MET A 1 -12.70 -5.42 -20.74
CA MET A 1 -13.02 -4.74 -19.46
C MET A 1 -11.87 -4.96 -18.45
N ALA A 2 -11.17 -3.86 -18.11
CA ALA A 2 -10.01 -3.88 -17.20
C ALA A 2 -9.99 -2.59 -16.33
N GLY A 3 -9.68 -1.45 -16.95
CA GLY A 3 -9.53 -0.17 -16.24
C GLY A 3 -9.16 0.94 -17.20
N LYS A 4 -8.09 1.70 -16.88
CA LYS A 4 -7.56 2.78 -17.74
C LYS A 4 -6.19 3.20 -17.17
N GLU A 5 -5.70 4.39 -17.54
CA GLU A 5 -4.53 5.03 -16.91
C GLU A 5 -4.76 5.26 -15.40
N LEU A 6 -4.44 4.23 -14.62
CA LEU A 6 -4.39 4.28 -13.16
C LEU A 6 -2.94 4.03 -12.74
N ARG A 7 -2.22 5.14 -12.53
CA ARG A 7 -0.87 5.11 -11.99
C ARG A 7 -1.02 5.12 -10.47
N VAL A 8 -0.43 4.13 -9.81
CA VAL A 8 -0.52 3.99 -8.36
C VAL A 8 0.78 4.55 -7.76
N GLU A 9 0.68 5.26 -6.65
CA GLU A 9 1.86 5.74 -5.92
C GLU A 9 1.91 5.05 -4.55
N ILE A 10 2.63 3.93 -4.49
CA ILE A 10 2.83 3.18 -3.24
C ILE A 10 4.14 3.70 -2.63
N LYS A 11 4.11 4.11 -1.36
CA LYS A 11 5.26 4.76 -0.71
C LYS A 11 5.53 4.07 0.63
N ILE A 12 6.69 3.40 0.74
CA ILE A 12 7.08 2.68 1.97
C ILE A 12 8.14 3.51 2.72
N ASP A 13 7.89 3.89 3.98
CA ASP A 13 8.89 4.54 4.85
C ASP A 13 9.34 3.54 5.92
N CYS A 14 10.59 3.07 5.80
CA CYS A 14 11.19 2.11 6.73
C CYS A 14 12.22 2.83 7.63
N GLY A 15 11.79 3.18 8.85
CA GLY A 15 12.62 3.91 9.82
C GLY A 15 12.68 5.41 9.51
N ASN A 16 13.29 5.73 8.37
CA ASN A 16 13.40 7.08 7.78
C ASN A 16 13.94 6.89 6.36
N ASP A 17 13.04 6.62 5.42
CA ASP A 17 13.39 6.35 4.01
C ASP A 17 13.81 7.66 3.32
N ASP A 18 12.91 8.68 3.39
CA ASP A 18 13.18 10.07 2.93
C ASP A 18 13.40 10.16 1.38
N LYS A 19 12.99 9.12 0.63
CA LYS A 19 12.94 9.13 -0.85
C LYS A 19 11.62 8.52 -1.30
N GLU A 20 11.02 9.07 -2.38
CA GLU A 20 9.83 8.47 -3.00
C GLU A 20 10.24 7.13 -3.66
N THR A 21 9.66 6.05 -3.13
CA THR A 21 9.95 4.68 -3.56
C THR A 21 8.62 4.05 -3.97
N THR A 22 8.38 3.93 -5.29
CA THR A 22 7.06 3.66 -5.85
C THR A 22 7.13 2.60 -6.95
N TYR A 23 6.21 1.64 -6.89
CA TYR A 23 6.05 0.57 -7.88
C TYR A 23 4.72 0.78 -8.62
N ASP A 24 4.76 0.85 -9.96
CA ASP A 24 3.54 1.04 -10.80
C ASP A 24 2.90 -0.31 -11.10
N LEU A 25 1.67 -0.49 -10.61
CA LEU A 25 0.96 -1.77 -10.58
C LEU A 25 -0.04 -1.87 -11.73
N TYR A 26 -1.04 -0.93 -11.72
CA TYR A 26 -2.25 -0.97 -12.59
C TYR A 26 -3.18 -2.15 -12.20
N PHE A 27 -4.49 -1.88 -12.12
CA PHE A 27 -5.50 -2.89 -11.73
C PHE A 27 -6.50 -3.09 -12.87
N SER A 28 -6.98 -4.33 -12.98
CA SER A 28 -7.88 -4.76 -14.06
C SER A 28 -9.07 -5.56 -13.49
N LYS A 29 -8.75 -6.69 -12.85
CA LYS A 29 -9.71 -7.62 -12.23
C LYS A 29 -9.14 -8.08 -10.88
N ALA A 30 -9.92 -8.88 -10.12
CA ALA A 30 -9.58 -9.26 -8.73
C ALA A 30 -8.35 -10.19 -8.63
N GLU A 31 -8.19 -11.11 -9.59
CA GLU A 31 -7.07 -12.09 -9.63
C GLU A 31 -5.74 -11.36 -9.86
N GLU A 32 -5.74 -10.47 -10.87
CA GLU A 32 -4.55 -9.69 -11.25
C GLU A 32 -4.24 -8.62 -10.18
N ALA A 33 -5.29 -8.02 -9.58
CA ALA A 33 -5.13 -7.07 -8.47
C ALA A 33 -4.45 -7.76 -7.29
N LYS A 34 -4.96 -8.96 -6.93
CA LYS A 34 -4.43 -9.78 -5.84
C LYS A 34 -2.99 -10.26 -6.12
N GLU A 35 -2.64 -10.40 -7.41
CA GLU A 35 -1.26 -10.69 -7.85
C GLU A 35 -0.32 -9.54 -7.42
N LEU A 36 -0.77 -8.28 -7.64
CA LEU A 36 -0.04 -7.07 -7.19
C LEU A 36 -0.06 -6.95 -5.65
N LEU A 37 -1.16 -7.42 -5.01
CA LEU A 37 -1.27 -7.48 -3.53
C LEU A 37 -0.13 -8.31 -2.93
N LYS A 38 0.08 -9.49 -3.54
CA LYS A 38 1.13 -10.44 -3.16
C LYS A 38 2.51 -9.79 -3.26
N LYS A 39 2.76 -9.16 -4.42
CA LYS A 39 4.05 -8.54 -4.75
C LYS A 39 4.39 -7.38 -3.78
N VAL A 40 3.46 -6.41 -3.64
CA VAL A 40 3.65 -5.21 -2.79
C VAL A 40 3.85 -5.60 -1.31
N ALA A 41 3.09 -6.61 -0.85
CA ALA A 41 3.15 -7.10 0.52
C ALA A 41 4.57 -7.59 0.87
N GLU A 42 5.16 -8.39 -0.05
CA GLU A 42 6.47 -9.02 0.13
C GLU A 42 7.63 -8.00 -0.04
N LYS A 43 7.53 -7.11 -1.05
CA LYS A 43 8.61 -6.12 -1.36
C LYS A 43 8.71 -5.07 -0.25
N ALA A 44 7.54 -4.70 0.29
CA ALA A 44 7.43 -3.81 1.46
C ALA A 44 7.92 -4.54 2.72
N ALA A 45 7.64 -5.85 2.81
CA ALA A 45 8.10 -6.69 3.92
C ALA A 45 9.63 -6.78 3.95
N ASP A 46 10.27 -6.74 2.76
CA ASP A 46 11.74 -6.71 2.61
C ASP A 46 12.32 -5.40 3.19
N LYS A 47 11.58 -4.27 2.98
CA LYS A 47 11.97 -2.94 3.51
C LYS A 47 11.94 -2.96 5.04
N ILE A 48 10.91 -3.62 5.59
CA ILE A 48 10.71 -3.76 7.05
C ILE A 48 11.77 -4.73 7.63
N LYS A 49 12.14 -5.75 6.84
CA LYS A 49 13.09 -6.80 7.24
C LYS A 49 14.50 -6.22 7.49
N LYS A 50 14.95 -5.36 6.56
CA LYS A 50 16.29 -4.73 6.62
C LYS A 50 16.32 -3.63 7.70
N GLN A 51 15.16 -2.98 7.93
CA GLN A 51 14.96 -1.93 8.93
C GLN A 51 13.45 -1.73 9.15
N GLY A 52 12.99 -1.77 10.42
CA GLY A 52 11.56 -1.70 10.75
C GLY A 52 10.85 -0.51 10.11
N CYS A 53 9.58 -0.69 9.70
CA CYS A 53 8.77 0.40 9.12
C CYS A 53 8.38 1.42 10.21
N LYS A 54 7.82 2.55 9.77
CA LYS A 54 7.36 3.63 10.67
C LYS A 54 5.99 4.11 10.13
N ARG A 55 5.96 4.44 8.83
CA ARG A 55 4.73 4.87 8.16
C ARG A 55 4.72 4.31 6.73
N VAL A 56 3.58 3.74 6.33
CA VAL A 56 3.33 3.33 4.93
C VAL A 56 2.20 4.20 4.40
N LYS A 57 2.28 4.59 3.13
CA LYS A 57 1.25 5.40 2.47
C LYS A 57 0.94 4.80 1.10
N ILE A 58 -0.32 4.41 0.90
CA ILE A 58 -0.84 3.96 -0.38
C ILE A 58 -1.63 5.14 -0.98
N ARG A 59 -1.12 5.70 -2.06
CA ARG A 59 -1.77 6.78 -2.82
C ARG A 59 -2.21 6.20 -4.16
N PHE A 60 -3.39 6.60 -4.62
CA PHE A 60 -4.01 6.04 -5.82
C PHE A 60 -4.99 7.07 -6.41
N GLU A 61 -5.02 7.15 -7.75
CA GLU A 61 -5.87 8.08 -8.49
C GLU A 61 -7.35 7.64 -8.47
N LYS A 62 -8.20 8.43 -7.80
CA LYS A 62 -9.63 8.13 -7.62
C LYS A 62 -10.45 9.11 -8.52
N LYS A 63 -9.90 9.40 -9.72
CA LYS A 63 -10.51 10.33 -10.68
C LYS A 63 -10.72 9.65 -12.04
N GLY A 64 -9.63 9.11 -12.60
CA GLY A 64 -9.66 8.48 -13.94
C GLY A 64 -10.10 7.01 -13.90
N LEU A 65 -11.07 6.70 -13.04
CA LEU A 65 -11.61 5.34 -12.88
C LEU A 65 -13.15 5.35 -12.97
N ASP A 66 -13.73 4.16 -12.76
CA ASP A 66 -15.18 3.93 -12.67
C ASP A 66 -15.47 3.34 -11.28
N ASP A 67 -16.76 3.21 -10.91
CA ASP A 67 -17.21 2.57 -9.64
C ASP A 67 -16.67 1.12 -9.52
N ASP A 68 -16.54 0.46 -10.69
CA ASP A 68 -15.90 -0.86 -10.84
C ASP A 68 -14.46 -0.83 -10.29
N ALA A 69 -13.66 0.12 -10.78
CA ALA A 69 -12.26 0.29 -10.42
C ALA A 69 -12.10 0.82 -8.98
N ARG A 70 -13.09 1.64 -8.51
CA ARG A 70 -13.16 2.09 -7.10
C ARG A 70 -13.21 0.88 -6.17
N LYS A 71 -14.15 -0.04 -6.47
CA LYS A 71 -14.54 -1.15 -5.58
C LYS A 71 -13.39 -2.14 -5.37
N LYS A 72 -12.71 -2.49 -6.48
CA LYS A 72 -11.65 -3.51 -6.46
C LYS A 72 -10.33 -2.95 -5.88
N ALA A 73 -10.03 -1.66 -6.14
CA ALA A 73 -8.83 -0.99 -5.59
C ALA A 73 -9.01 -0.64 -4.10
N LYS A 74 -10.28 -0.40 -3.72
CA LYS A 74 -10.69 -0.14 -2.33
C LYS A 74 -10.41 -1.38 -1.48
N LYS A 75 -10.97 -2.52 -1.95
CA LYS A 75 -10.80 -3.84 -1.34
C LYS A 75 -9.32 -4.23 -1.27
N TRP A 76 -8.60 -3.96 -2.38
CA TRP A 76 -7.17 -4.27 -2.54
C TRP A 76 -6.33 -3.62 -1.43
N ALA A 77 -6.42 -2.28 -1.34
CA ALA A 77 -5.55 -1.47 -0.49
C ALA A 77 -5.84 -1.66 1.00
N LEU A 78 -7.11 -1.99 1.32
CA LEU A 78 -7.51 -2.37 2.68
C LEU A 78 -6.83 -3.69 3.08
N GLU A 79 -6.88 -4.68 2.17
CA GLU A 79 -6.29 -6.02 2.39
C GLU A 79 -4.75 -5.97 2.42
N VAL A 80 -4.13 -5.05 1.65
CA VAL A 80 -2.65 -4.88 1.62
C VAL A 80 -2.16 -4.18 2.89
N ALA A 81 -2.94 -3.18 3.35
CA ALA A 81 -2.73 -2.48 4.63
C ALA A 81 -2.75 -3.49 5.80
N ASN A 82 -3.79 -4.33 5.80
CA ASN A 82 -3.99 -5.39 6.80
C ASN A 82 -3.02 -6.57 6.60
N LYS A 83 -2.55 -6.79 5.34
CA LYS A 83 -1.64 -7.92 5.03
C LYS A 83 -0.29 -7.69 5.70
N ILE A 84 0.31 -6.51 5.42
CA ILE A 84 1.59 -6.09 5.99
C ILE A 84 1.47 -5.98 7.53
N ALA A 85 0.33 -5.40 7.97
CA ALA A 85 -0.01 -5.28 9.41
C ALA A 85 -0.09 -6.65 10.10
N ASN A 86 -0.55 -7.68 9.36
CA ASN A 86 -0.67 -9.07 9.84
C ASN A 86 0.69 -9.76 9.90
N GLU A 87 1.51 -9.58 8.83
CA GLU A 87 2.82 -10.26 8.72
C GLU A 87 3.77 -9.80 9.85
N LEU A 88 3.59 -8.53 10.28
CA LEU A 88 4.32 -7.95 11.41
C LEU A 88 3.57 -8.23 12.73
N GLY A 89 2.22 -8.24 12.64
CA GLY A 89 1.35 -8.39 13.80
C GLY A 89 1.40 -7.16 14.72
N ALA A 90 1.61 -5.98 14.13
CA ALA A 90 1.87 -4.74 14.88
C ALA A 90 0.59 -3.93 15.12
N LYS A 91 0.22 -3.09 14.14
CA LYS A 91 -0.83 -2.06 14.29
C LYS A 91 -1.81 -2.13 13.12
N GLN A 92 -2.81 -1.25 13.12
CA GLN A 92 -3.78 -1.12 12.00
C GLN A 92 -3.43 0.07 11.08
N SER A 93 -4.35 0.34 10.14
CA SER A 93 -4.23 1.46 9.20
C SER A 93 -5.43 2.40 9.33
N THR A 94 -5.22 3.66 8.99
CA THR A 94 -6.30 4.62 8.74
C THR A 94 -6.48 4.73 7.21
N THR A 95 -7.73 4.80 6.74
CA THR A 95 -8.05 4.80 5.30
C THR A 95 -9.00 5.95 4.93
N THR A 96 -8.49 6.90 4.13
CA THR A 96 -9.31 7.90 3.46
C THR A 96 -9.79 7.32 2.12
N THR A 97 -11.09 7.00 2.05
CA THR A 97 -11.74 6.56 0.82
C THR A 97 -12.55 7.74 0.27
N ASP A 98 -12.45 7.98 -1.04
CA ASP A 98 -13.22 9.05 -1.74
C ASP A 98 -12.86 10.46 -1.24
N GLY A 99 -13.75 11.45 -1.49
CA GLY A 99 -13.47 12.86 -1.23
C GLY A 99 -12.60 13.46 -2.33
N ASP A 100 -11.29 13.24 -2.21
CA ASP A 100 -10.29 13.60 -3.24
C ASP A 100 -9.05 12.72 -3.02
N THR A 101 -8.70 11.91 -4.05
CA THR A 101 -7.57 10.97 -4.05
C THR A 101 -7.72 9.84 -3.00
N PHE A 102 -7.48 8.60 -3.41
CA PHE A 102 -7.58 7.43 -2.53
C PHE A 102 -6.25 7.24 -1.75
N GLU A 103 -6.29 7.39 -0.41
CA GLU A 103 -5.08 7.29 0.44
C GLU A 103 -5.35 6.36 1.63
N VAL A 104 -4.57 5.27 1.71
CA VAL A 104 -4.58 4.32 2.85
C VAL A 104 -3.21 4.42 3.57
N GLU A 105 -3.20 5.03 4.76
CA GLU A 105 -1.94 5.28 5.50
C GLU A 105 -1.83 4.28 6.68
N VAL A 106 -0.85 3.38 6.60
CA VAL A 106 -0.66 2.28 7.57
C VAL A 106 0.44 2.67 8.57
N ILE A 107 0.06 2.97 9.83
CA ILE A 107 1.01 3.43 10.86
C ILE A 107 1.55 2.23 11.65
N LEU A 108 2.74 1.76 11.27
CA LEU A 108 3.40 0.60 11.92
C LEU A 108 4.78 1.03 12.42
N GLU A 109 4.91 1.30 13.73
CA GLU A 109 6.18 1.79 14.30
C GLU A 109 7.00 0.63 14.91
N LEU A 110 7.77 -0.05 14.07
CA LEU A 110 8.65 -1.18 14.49
C LEU A 110 10.09 -0.68 14.71
N GLU A 111 10.45 0.41 14.03
CA GLU A 111 11.77 1.00 14.17
C GLU A 111 11.71 2.06 15.28
N HIS A 112 12.67 1.99 16.19
CA HIS A 112 12.85 2.96 17.30
C HIS A 112 13.81 4.08 16.82
N HIS A 113 13.44 4.69 15.67
CA HIS A 113 14.22 5.75 15.02
C HIS A 113 14.07 7.04 15.84
N HIS A 114 15.18 7.49 16.43
CA HIS A 114 15.19 8.56 17.45
C HIS A 114 14.87 9.94 16.84
N HIS A 115 13.56 10.20 16.76
CA HIS A 115 12.99 11.49 16.39
C HIS A 115 11.70 11.62 17.21
N HIS A 116 11.88 12.06 18.47
CA HIS A 116 10.81 12.15 19.47
C HIS A 116 9.78 13.23 19.06
N HIS A 117 8.75 12.77 18.31
CA HIS A 117 7.62 13.58 17.80
C HIS A 117 8.12 14.66 16.79
N MET A 1 -5.69 6.44 -29.54
CA MET A 1 -6.58 7.57 -29.20
C MET A 1 -7.25 7.32 -27.84
N ALA A 2 -8.08 6.26 -27.79
CA ALA A 2 -8.73 5.81 -26.55
C ALA A 2 -7.77 4.92 -25.74
N GLY A 3 -7.96 4.92 -24.42
CA GLY A 3 -7.17 4.09 -23.53
C GLY A 3 -7.43 4.40 -22.07
N LYS A 4 -7.15 3.43 -21.20
CA LYS A 4 -7.29 3.59 -19.74
C LYS A 4 -5.90 3.48 -19.09
N GLU A 5 -5.71 4.12 -17.93
CA GLU A 5 -4.43 4.07 -17.22
C GLU A 5 -4.65 4.39 -15.74
N LEU A 6 -4.99 3.37 -14.95
CA LEU A 6 -5.18 3.49 -13.50
C LEU A 6 -3.83 3.23 -12.83
N ARG A 7 -3.12 4.29 -12.42
CA ARG A 7 -1.80 4.13 -11.79
C ARG A 7 -1.95 3.97 -10.26
N VAL A 8 -1.34 2.92 -9.72
CA VAL A 8 -1.30 2.66 -8.28
C VAL A 8 0.08 3.09 -7.77
N GLU A 9 0.12 4.11 -6.90
CA GLU A 9 1.37 4.61 -6.33
C GLU A 9 1.46 4.16 -4.87
N ILE A 10 2.21 3.07 -4.61
CA ILE A 10 2.37 2.60 -3.22
C ILE A 10 3.63 3.27 -2.66
N LYS A 11 3.42 4.16 -1.69
CA LYS A 11 4.48 4.93 -1.07
C LYS A 11 4.89 4.21 0.23
N ILE A 12 6.12 3.69 0.29
CA ILE A 12 6.69 3.09 1.50
C ILE A 12 7.81 3.99 2.02
N ASP A 13 7.69 4.44 3.26
CA ASP A 13 8.77 5.14 3.96
C ASP A 13 9.41 4.14 4.92
N CYS A 14 10.64 3.71 4.59
CA CYS A 14 11.38 2.68 5.33
C CYS A 14 12.11 3.26 6.57
N GLY A 15 11.67 4.44 7.04
CA GLY A 15 12.35 5.19 8.09
C GLY A 15 13.36 6.17 7.52
N ASN A 16 13.78 5.93 6.27
CA ASN A 16 14.73 6.80 5.54
C ASN A 16 13.92 7.65 4.54
N ASP A 17 13.66 8.91 4.91
CA ASP A 17 12.89 9.88 4.09
C ASP A 17 13.61 10.18 2.76
N ASP A 18 14.95 10.09 2.78
CA ASP A 18 15.80 10.37 1.61
C ASP A 18 15.51 9.40 0.47
N LYS A 19 15.64 8.09 0.78
CA LYS A 19 15.50 7.01 -0.19
C LYS A 19 14.07 6.47 -0.17
N GLU A 20 13.19 7.25 -0.81
CA GLU A 20 11.75 6.96 -0.88
C GLU A 20 11.52 5.73 -1.77
N THR A 21 10.97 4.65 -1.20
CA THR A 21 10.68 3.43 -1.94
C THR A 21 9.22 3.48 -2.38
N THR A 22 8.99 3.75 -3.65
CA THR A 22 7.66 4.05 -4.18
C THR A 22 7.42 3.22 -5.44
N TYR A 23 6.30 2.47 -5.46
CA TYR A 23 6.02 1.47 -6.50
C TYR A 23 4.95 2.03 -7.45
N ASP A 24 5.26 2.01 -8.75
CA ASP A 24 4.29 2.40 -9.79
C ASP A 24 3.84 1.14 -10.53
N LEU A 25 2.69 0.65 -10.12
CA LEU A 25 2.01 -0.50 -10.75
C LEU A 25 0.69 0.01 -11.33
N TYR A 26 -0.15 -0.91 -11.86
CA TYR A 26 -1.37 -0.53 -12.59
C TYR A 26 -2.54 -1.42 -12.20
N PHE A 27 -3.67 -0.74 -11.94
CA PHE A 27 -4.98 -1.32 -11.57
C PHE A 27 -4.93 -1.98 -10.20
N SER A 28 -6.09 -1.97 -9.54
CA SER A 28 -6.29 -2.62 -8.24
C SER A 28 -7.60 -3.42 -8.28
N LYS A 29 -7.90 -3.99 -9.47
CA LYS A 29 -9.10 -4.78 -9.72
C LYS A 29 -8.72 -6.14 -10.35
N ALA A 30 -9.51 -7.18 -9.98
CA ALA A 30 -9.36 -8.57 -10.45
C ALA A 30 -8.15 -9.27 -9.80
N GLU A 31 -8.09 -10.62 -9.98
CA GLU A 31 -7.03 -11.50 -9.44
C GLU A 31 -5.64 -11.14 -9.97
N GLU A 32 -5.61 -10.54 -11.18
CA GLU A 32 -4.40 -10.05 -11.84
C GLU A 32 -3.72 -8.97 -10.98
N ALA A 33 -4.51 -7.98 -10.53
CA ALA A 33 -4.03 -6.90 -9.65
C ALA A 33 -3.77 -7.43 -8.23
N LYS A 34 -4.53 -8.47 -7.83
CA LYS A 34 -4.34 -9.16 -6.55
C LYS A 34 -2.96 -9.86 -6.50
N GLU A 35 -2.47 -10.26 -7.68
CA GLU A 35 -1.12 -10.81 -7.85
C GLU A 35 -0.07 -9.70 -7.63
N LEU A 36 -0.41 -8.44 -8.01
CA LEU A 36 0.40 -7.25 -7.70
C LEU A 36 0.33 -6.93 -6.20
N LEU A 37 -0.80 -7.22 -5.56
CA LEU A 37 -0.99 -7.10 -4.10
C LEU A 37 0.05 -7.96 -3.37
N LYS A 38 0.21 -9.21 -3.87
CA LYS A 38 1.18 -10.17 -3.33
C LYS A 38 2.61 -9.62 -3.45
N LYS A 39 2.91 -9.05 -4.64
CA LYS A 39 4.22 -8.49 -4.96
C LYS A 39 4.56 -7.30 -4.05
N VAL A 40 3.65 -6.32 -3.99
CA VAL A 40 3.80 -5.07 -3.26
C VAL A 40 3.93 -5.31 -1.75
N ALA A 41 3.04 -6.16 -1.21
CA ALA A 41 3.00 -6.46 0.22
C ALA A 41 4.25 -7.20 0.68
N GLU A 42 4.78 -8.08 -0.20
CA GLU A 42 6.05 -8.77 0.05
C GLU A 42 7.20 -7.76 0.07
N LYS A 43 7.27 -6.91 -0.96
CA LYS A 43 8.35 -5.93 -1.14
C LYS A 43 8.35 -4.88 -0.03
N ALA A 44 7.15 -4.53 0.47
CA ALA A 44 6.97 -3.62 1.60
C ALA A 44 7.50 -4.25 2.88
N ALA A 45 7.12 -5.53 3.08
CA ALA A 45 7.56 -6.34 4.23
C ALA A 45 9.08 -6.56 4.21
N ASP A 46 9.67 -6.61 2.98
CA ASP A 46 11.12 -6.72 2.77
C ASP A 46 11.83 -5.46 3.27
N LYS A 47 11.27 -4.29 2.89
CA LYS A 47 11.79 -2.96 3.29
C LYS A 47 11.80 -2.82 4.82
N ILE A 48 10.76 -3.35 5.49
CA ILE A 48 10.65 -3.36 6.97
C ILE A 48 11.71 -4.28 7.59
N LYS A 49 11.93 -5.43 6.93
CA LYS A 49 12.91 -6.45 7.37
C LYS A 49 14.34 -5.87 7.40
N LYS A 50 14.65 -5.04 6.40
CA LYS A 50 15.94 -4.31 6.34
C LYS A 50 15.96 -3.18 7.41
N GLN A 51 14.87 -2.39 7.41
CA GLN A 51 14.72 -1.18 8.27
C GLN A 51 13.22 -0.86 8.45
N GLY A 52 12.76 -0.84 9.72
CA GLY A 52 11.34 -0.80 10.06
C GLY A 52 10.58 0.37 9.42
N CYS A 53 9.79 0.05 8.37
CA CYS A 53 8.95 1.05 7.66
C CYS A 53 7.84 1.56 8.59
N LYS A 54 8.15 2.65 9.27
CA LYS A 54 7.29 3.27 10.27
C LYS A 54 6.06 3.93 9.62
N ARG A 55 6.26 4.47 8.41
CA ARG A 55 5.23 5.20 7.67
C ARG A 55 4.98 4.53 6.33
N VAL A 56 3.72 4.15 6.08
CA VAL A 56 3.26 3.67 4.77
C VAL A 56 2.11 4.57 4.32
N LYS A 57 2.13 4.96 3.05
CA LYS A 57 1.02 5.65 2.37
C LYS A 57 0.66 4.81 1.14
N ILE A 58 -0.54 4.27 1.08
CA ILE A 58 -1.00 3.51 -0.09
C ILE A 58 -1.85 4.46 -0.90
N ARG A 59 -1.37 4.86 -2.06
CA ARG A 59 -2.10 5.77 -2.96
C ARG A 59 -2.52 5.00 -4.20
N PHE A 60 -3.67 5.39 -4.71
CA PHE A 60 -4.21 4.87 -5.96
C PHE A 60 -4.92 6.02 -6.65
N GLU A 61 -4.70 6.14 -7.97
CA GLU A 61 -5.29 7.21 -8.77
C GLU A 61 -6.77 6.89 -8.99
N LYS A 62 -7.62 7.57 -8.21
CA LYS A 62 -9.05 7.33 -8.19
C LYS A 62 -9.76 8.63 -8.61
N LYS A 63 -10.07 8.72 -9.91
CA LYS A 63 -10.82 9.84 -10.50
C LYS A 63 -11.26 9.45 -11.92
N GLY A 64 -10.26 9.20 -12.78
CA GLY A 64 -10.48 8.83 -14.17
C GLY A 64 -10.63 7.33 -14.36
N LEU A 65 -11.77 6.80 -13.87
CA LEU A 65 -12.10 5.38 -13.89
C LEU A 65 -13.62 5.17 -13.72
N ASP A 66 -14.03 3.93 -13.44
CA ASP A 66 -15.42 3.58 -13.14
C ASP A 66 -15.58 3.31 -11.63
N ASP A 67 -16.81 3.39 -11.14
CA ASP A 67 -17.16 3.13 -9.73
C ASP A 67 -16.74 1.72 -9.27
N ASP A 68 -16.82 0.75 -10.22
CA ASP A 68 -16.39 -0.63 -10.01
C ASP A 68 -14.92 -0.66 -9.57
N ALA A 69 -14.08 0.11 -10.29
CA ALA A 69 -12.65 0.21 -10.04
C ALA A 69 -12.35 0.83 -8.66
N ARG A 70 -13.23 1.75 -8.19
CA ARG A 70 -13.12 2.36 -6.84
C ARG A 70 -13.31 1.28 -5.76
N LYS A 71 -14.40 0.50 -5.92
CA LYS A 71 -14.78 -0.56 -4.97
C LYS A 71 -13.70 -1.64 -4.88
N LYS A 72 -13.21 -2.08 -6.04
CA LYS A 72 -12.16 -3.10 -6.16
C LYS A 72 -10.85 -2.64 -5.52
N ALA A 73 -10.48 -1.37 -5.81
CA ALA A 73 -9.23 -0.76 -5.33
C ALA A 73 -9.24 -0.56 -3.82
N LYS A 74 -10.42 -0.23 -3.30
CA LYS A 74 -10.64 -0.05 -1.87
C LYS A 74 -10.44 -1.37 -1.13
N LYS A 75 -11.11 -2.42 -1.63
CA LYS A 75 -11.02 -3.78 -1.10
C LYS A 75 -9.56 -4.28 -1.14
N TRP A 76 -8.89 -3.99 -2.28
CA TRP A 76 -7.50 -4.35 -2.57
C TRP A 76 -6.54 -3.75 -1.53
N ALA A 77 -6.60 -2.42 -1.38
CA ALA A 77 -5.66 -1.64 -0.56
C ALA A 77 -5.82 -1.95 0.94
N LEU A 78 -7.06 -2.27 1.35
CA LEU A 78 -7.36 -2.69 2.73
C LEU A 78 -6.69 -4.05 3.02
N GLU A 79 -6.74 -4.97 2.02
CA GLU A 79 -6.09 -6.28 2.11
C GLU A 79 -4.56 -6.13 2.18
N VAL A 80 -4.00 -5.15 1.42
CA VAL A 80 -2.54 -4.83 1.43
C VAL A 80 -2.11 -4.37 2.84
N ALA A 81 -2.93 -3.48 3.45
CA ALA A 81 -2.69 -2.92 4.79
C ALA A 81 -2.61 -4.04 5.84
N ASN A 82 -3.64 -4.93 5.84
CA ASN A 82 -3.73 -6.06 6.79
C ASN A 82 -2.70 -7.17 6.48
N LYS A 83 -2.30 -7.29 5.20
CA LYS A 83 -1.33 -8.30 4.72
C LYS A 83 0.04 -8.04 5.39
N ILE A 84 0.50 -6.79 5.29
CA ILE A 84 1.78 -6.32 5.85
C ILE A 84 1.72 -6.35 7.40
N ALA A 85 0.58 -5.88 7.94
CA ALA A 85 0.32 -5.85 9.40
C ALA A 85 0.31 -7.26 10.01
N ASN A 86 -0.10 -8.27 9.21
CA ASN A 86 -0.13 -9.68 9.63
C ASN A 86 1.30 -10.24 9.73
N GLU A 87 2.12 -9.96 8.69
CA GLU A 87 3.48 -10.51 8.57
C GLU A 87 4.39 -10.03 9.72
N LEU A 88 4.46 -8.70 9.91
CA LEU A 88 5.34 -8.08 10.92
C LEU A 88 4.67 -8.03 12.31
N GLY A 89 3.35 -7.95 12.32
CA GLY A 89 2.56 -7.93 13.57
C GLY A 89 2.47 -6.52 14.12
N ALA A 90 2.16 -5.56 13.23
CA ALA A 90 2.26 -4.12 13.52
C ALA A 90 0.87 -3.46 13.58
N LYS A 91 0.83 -2.12 13.66
CA LYS A 91 -0.39 -1.35 13.95
C LYS A 91 -1.29 -1.15 12.71
N GLN A 92 -2.43 -0.47 12.92
CA GLN A 92 -3.49 -0.28 11.90
C GLN A 92 -3.19 0.92 10.97
N SER A 93 -4.19 1.25 10.12
CA SER A 93 -4.09 2.29 9.09
C SER A 93 -5.22 3.31 9.22
N THR A 94 -4.91 4.57 8.88
CA THR A 94 -5.92 5.63 8.68
C THR A 94 -6.25 5.69 7.18
N THR A 95 -7.51 5.97 6.84
CA THR A 95 -7.97 5.95 5.43
C THR A 95 -8.65 7.27 5.07
N THR A 96 -8.41 7.72 3.83
CA THR A 96 -9.16 8.76 3.16
C THR A 96 -9.70 8.16 1.85
N THR A 97 -11.02 7.96 1.78
CA THR A 97 -11.68 7.36 0.62
C THR A 97 -12.41 8.45 -0.18
N ASP A 98 -12.26 8.38 -1.52
CA ASP A 98 -12.94 9.28 -2.47
C ASP A 98 -12.45 10.75 -2.28
N GLY A 99 -13.21 11.76 -2.76
CA GLY A 99 -12.80 13.16 -2.70
C GLY A 99 -11.79 13.47 -3.78
N ASP A 100 -10.53 13.12 -3.50
CA ASP A 100 -9.42 13.21 -4.44
C ASP A 100 -8.37 12.15 -4.07
N THR A 101 -8.20 11.14 -4.96
CA THR A 101 -7.25 10.01 -4.77
C THR A 101 -7.70 9.08 -3.61
N PHE A 102 -7.41 7.77 -3.74
CA PHE A 102 -7.67 6.80 -2.67
C PHE A 102 -6.36 6.57 -1.89
N GLU A 103 -6.31 7.03 -0.62
CA GLU A 103 -5.12 6.90 0.23
C GLU A 103 -5.43 6.14 1.51
N VAL A 104 -4.78 4.98 1.69
CA VAL A 104 -4.75 4.24 2.99
C VAL A 104 -3.33 4.37 3.57
N GLU A 105 -3.16 5.21 4.61
CA GLU A 105 -1.84 5.42 5.23
C GLU A 105 -1.71 4.49 6.44
N VAL A 106 -0.78 3.52 6.34
CA VAL A 106 -0.60 2.49 7.37
C VAL A 106 0.60 2.88 8.24
N ILE A 107 0.32 3.31 9.48
CA ILE A 107 1.37 3.74 10.41
C ILE A 107 1.79 2.57 11.29
N LEU A 108 2.91 1.93 10.91
CA LEU A 108 3.44 0.76 11.61
C LEU A 108 4.53 1.22 12.59
N GLU A 109 4.18 1.35 13.87
CA GLU A 109 5.13 1.78 14.89
C GLU A 109 5.79 0.56 15.52
N LEU A 110 6.86 0.08 14.86
CA LEU A 110 7.66 -1.04 15.36
C LEU A 110 8.50 -0.57 16.55
N GLU A 111 9.36 0.43 16.27
CA GLU A 111 10.18 1.15 17.28
C GLU A 111 11.14 0.24 18.10
N HIS A 112 11.23 -1.05 17.70
CA HIS A 112 12.06 -2.06 18.39
C HIS A 112 13.53 -1.91 17.96
N HIS A 113 13.76 -1.04 16.97
CA HIS A 113 15.09 -0.67 16.47
C HIS A 113 14.96 0.66 15.69
N HIS A 114 14.60 1.72 16.42
CA HIS A 114 14.42 3.07 15.83
C HIS A 114 15.80 3.75 15.70
N HIS A 115 16.54 3.40 14.62
CA HIS A 115 17.84 4.01 14.24
C HIS A 115 18.95 3.59 15.24
N HIS A 116 19.97 2.88 14.73
CA HIS A 116 21.05 2.26 15.57
C HIS A 116 21.76 3.29 16.47
N HIS A 117 22.01 4.49 15.91
CA HIS A 117 22.49 5.67 16.68
C HIS A 117 21.58 6.86 16.35
N MET A 1 -3.14 -3.48 -15.43
CA MET A 1 -1.86 -3.65 -16.13
C MET A 1 -1.96 -3.13 -17.56
N ALA A 2 -2.79 -3.83 -18.37
CA ALA A 2 -2.85 -3.62 -19.83
C ALA A 2 -3.60 -2.32 -20.19
N GLY A 3 -2.86 -1.20 -20.18
CA GLY A 3 -3.34 0.12 -20.61
C GLY A 3 -4.56 0.62 -19.82
N LYS A 4 -4.31 1.34 -18.72
CA LYS A 4 -5.39 1.87 -17.86
C LYS A 4 -4.98 3.19 -17.19
N GLU A 5 -5.98 3.98 -16.78
CA GLU A 5 -5.81 5.34 -16.22
C GLU A 5 -5.60 5.29 -14.70
N LEU A 6 -5.68 4.08 -14.12
CA LEU A 6 -5.61 3.87 -12.67
C LEU A 6 -4.14 3.85 -12.25
N ARG A 7 -3.66 5.01 -11.77
CA ARG A 7 -2.25 5.23 -11.46
C ARG A 7 -2.00 4.94 -9.99
N VAL A 8 -1.27 3.87 -9.71
CA VAL A 8 -0.99 3.41 -8.34
C VAL A 8 0.41 3.89 -7.94
N GLU A 9 0.50 4.68 -6.86
CA GLU A 9 1.78 5.12 -6.28
C GLU A 9 1.93 4.51 -4.89
N ILE A 10 2.66 3.39 -4.78
CA ILE A 10 2.93 2.79 -3.47
C ILE A 10 4.27 3.37 -2.95
N LYS A 11 4.19 4.11 -1.87
CA LYS A 11 5.36 4.76 -1.24
C LYS A 11 5.67 4.04 0.07
N ILE A 12 6.89 3.51 0.21
CA ILE A 12 7.38 2.89 1.45
C ILE A 12 8.39 3.86 2.11
N ASP A 13 8.31 4.03 3.43
CA ASP A 13 9.29 4.84 4.17
C ASP A 13 10.33 3.92 4.83
N CYS A 14 11.51 3.83 4.21
CA CYS A 14 12.62 2.97 4.68
C CYS A 14 13.94 3.53 4.16
N GLY A 15 13.93 3.94 2.88
CA GLY A 15 15.07 4.61 2.26
C GLY A 15 15.15 6.08 2.66
N ASN A 16 15.45 6.31 3.95
CA ASN A 16 15.59 7.65 4.54
C ASN A 16 16.74 8.43 3.89
N ASP A 17 17.72 7.68 3.36
CA ASP A 17 18.89 8.21 2.66
C ASP A 17 18.52 8.57 1.20
N ASP A 18 17.72 9.65 1.06
CA ASP A 18 17.38 10.31 -0.23
C ASP A 18 16.58 9.39 -1.22
N LYS A 19 16.10 8.21 -0.76
CA LYS A 19 15.46 7.21 -1.64
C LYS A 19 13.93 7.26 -1.51
N GLU A 20 13.27 7.94 -2.46
CA GLU A 20 11.80 7.84 -2.63
C GLU A 20 11.50 6.49 -3.33
N THR A 21 10.76 5.61 -2.64
CA THR A 21 10.36 4.32 -3.21
C THR A 21 8.91 4.42 -3.69
N THR A 22 8.71 4.32 -5.01
CA THR A 22 7.37 4.33 -5.63
C THR A 22 7.23 3.10 -6.53
N TYR A 23 6.04 2.46 -6.45
CA TYR A 23 5.70 1.30 -7.29
C TYR A 23 4.45 1.66 -8.11
N ASP A 24 4.55 1.54 -9.45
CA ASP A 24 3.44 1.81 -10.38
C ASP A 24 2.87 0.47 -10.88
N LEU A 25 1.64 0.17 -10.45
CA LEU A 25 1.05 -1.18 -10.58
C LEU A 25 -0.02 -1.22 -11.68
N TYR A 26 -0.91 -0.22 -11.64
CA TYR A 26 -2.02 -0.05 -12.59
C TYR A 26 -3.03 -1.22 -12.53
N PHE A 27 -4.17 -0.99 -11.88
CA PHE A 27 -5.30 -1.94 -11.86
C PHE A 27 -6.09 -1.81 -13.16
N SER A 28 -6.55 -2.94 -13.70
CA SER A 28 -7.55 -2.99 -14.81
C SER A 28 -8.39 -4.28 -14.71
N LYS A 29 -7.82 -5.34 -14.08
CA LYS A 29 -8.51 -6.63 -13.86
C LYS A 29 -8.28 -7.12 -12.43
N ALA A 30 -9.24 -7.91 -11.92
CA ALA A 30 -9.30 -8.40 -10.52
C ALA A 30 -8.14 -9.36 -10.20
N GLU A 31 -7.78 -10.20 -11.19
CA GLU A 31 -6.72 -11.20 -11.07
C GLU A 31 -5.35 -10.51 -10.89
N GLU A 32 -5.17 -9.38 -11.63
CA GLU A 32 -3.96 -8.55 -11.54
C GLU A 32 -3.79 -8.01 -10.12
N ALA A 33 -4.92 -7.53 -9.53
CA ALA A 33 -4.94 -6.85 -8.22
C ALA A 33 -4.28 -7.72 -7.14
N LYS A 34 -4.70 -8.99 -7.08
CA LYS A 34 -4.21 -9.95 -6.09
C LYS A 34 -2.71 -10.30 -6.31
N GLU A 35 -2.24 -10.23 -7.57
CA GLU A 35 -0.82 -10.45 -7.93
C GLU A 35 0.05 -9.29 -7.39
N LEU A 36 -0.38 -8.04 -7.68
CA LEU A 36 0.29 -6.82 -7.16
C LEU A 36 0.17 -6.74 -5.63
N LEU A 37 -0.93 -7.28 -5.10
CA LEU A 37 -1.24 -7.31 -3.66
C LEU A 37 -0.15 -8.03 -2.88
N LYS A 38 0.16 -9.25 -3.32
CA LYS A 38 1.12 -10.14 -2.62
C LYS A 38 2.58 -9.68 -2.86
N LYS A 39 2.83 -9.05 -4.03
CA LYS A 39 4.17 -8.50 -4.39
C LYS A 39 4.53 -7.28 -3.51
N VAL A 40 3.59 -6.34 -3.41
CA VAL A 40 3.76 -5.13 -2.58
C VAL A 40 3.81 -5.51 -1.09
N ALA A 41 3.01 -6.53 -0.72
CA ALA A 41 2.96 -7.03 0.65
C ALA A 41 4.32 -7.60 1.11
N GLU A 42 4.97 -8.40 0.24
CA GLU A 42 6.27 -9.03 0.57
C GLU A 42 7.43 -8.00 0.52
N LYS A 43 7.46 -7.14 -0.53
CA LYS A 43 8.57 -6.20 -0.78
C LYS A 43 8.57 -5.04 0.24
N ALA A 44 7.37 -4.65 0.71
CA ALA A 44 7.22 -3.67 1.80
C ALA A 44 7.71 -4.29 3.12
N ALA A 45 7.23 -5.53 3.39
CA ALA A 45 7.59 -6.29 4.59
C ALA A 45 9.12 -6.54 4.67
N ASP A 46 9.78 -6.61 3.49
CA ASP A 46 11.24 -6.73 3.36
C ASP A 46 11.96 -5.48 3.90
N LYS A 47 11.40 -4.29 3.60
CA LYS A 47 11.97 -2.98 4.03
C LYS A 47 11.88 -2.84 5.56
N ILE A 48 10.78 -3.37 6.11
CA ILE A 48 10.46 -3.38 7.54
C ILE A 48 11.33 -4.42 8.28
N LYS A 49 11.65 -5.51 7.56
CA LYS A 49 12.59 -6.56 8.02
C LYS A 49 14.01 -5.97 8.17
N LYS A 50 14.34 -5.00 7.28
CA LYS A 50 15.65 -4.32 7.28
C LYS A 50 15.74 -3.32 8.45
N GLN A 51 14.73 -2.44 8.55
CA GLN A 51 14.71 -1.32 9.51
C GLN A 51 13.46 -1.41 10.40
N GLY A 52 12.29 -1.17 9.77
CA GLY A 52 11.01 -1.08 10.48
C GLY A 52 10.25 0.16 10.06
N CYS A 53 9.57 0.07 8.88
CA CYS A 53 8.77 1.18 8.32
C CYS A 53 7.56 1.47 9.22
N LYS A 54 7.71 2.51 10.05
CA LYS A 54 6.67 2.97 10.99
C LYS A 54 5.46 3.58 10.26
N ARG A 55 5.67 3.94 8.98
CA ARG A 55 4.65 4.60 8.16
C ARG A 55 4.83 4.18 6.69
N VAL A 56 3.80 3.58 6.14
CA VAL A 56 3.69 3.29 4.70
C VAL A 56 2.61 4.21 4.14
N LYS A 57 2.77 4.65 2.91
CA LYS A 57 1.80 5.51 2.22
C LYS A 57 1.36 4.83 0.93
N ILE A 58 0.09 4.45 0.86
CA ILE A 58 -0.51 3.90 -0.37
C ILE A 58 -1.33 5.02 -0.99
N ARG A 59 -0.90 5.52 -2.14
CA ARG A 59 -1.64 6.54 -2.91
C ARG A 59 -2.13 5.90 -4.20
N PHE A 60 -3.30 6.32 -4.68
CA PHE A 60 -3.95 5.72 -5.84
C PHE A 60 -4.93 6.71 -6.48
N GLU A 61 -4.93 6.75 -7.82
CA GLU A 61 -5.91 7.51 -8.63
C GLU A 61 -7.27 6.83 -8.58
N LYS A 62 -8.20 7.42 -7.80
CA LYS A 62 -9.56 6.87 -7.59
C LYS A 62 -10.49 7.31 -8.78
N LYS A 63 -9.93 7.31 -9.99
CA LYS A 63 -10.54 7.95 -11.17
C LYS A 63 -10.31 7.07 -12.41
N GLY A 64 -11.28 7.13 -13.35
CA GLY A 64 -11.19 6.39 -14.61
C GLY A 64 -11.57 4.92 -14.47
N LEU A 65 -12.27 4.59 -13.36
CA LEU A 65 -12.64 3.21 -13.02
C LEU A 65 -14.16 3.06 -12.91
N ASP A 66 -14.63 1.84 -13.26
CA ASP A 66 -16.04 1.42 -13.12
C ASP A 66 -16.39 1.28 -11.62
N ASP A 67 -17.70 1.15 -11.30
CA ASP A 67 -18.20 0.93 -9.91
C ASP A 67 -17.54 -0.31 -9.26
N ASP A 68 -17.42 -1.38 -10.05
CA ASP A 68 -16.77 -2.65 -9.63
C ASP A 68 -15.27 -2.41 -9.36
N ALA A 69 -14.61 -1.73 -10.31
CA ALA A 69 -13.17 -1.42 -10.25
C ALA A 69 -12.83 -0.44 -9.10
N ARG A 70 -13.81 0.43 -8.78
CA ARG A 70 -13.69 1.44 -7.71
C ARG A 70 -13.70 0.75 -6.35
N LYS A 71 -14.65 -0.19 -6.22
CA LYS A 71 -14.84 -1.03 -5.03
C LYS A 71 -13.69 -2.02 -4.89
N LYS A 72 -13.15 -2.48 -6.03
CA LYS A 72 -12.06 -3.45 -6.09
C LYS A 72 -10.76 -2.80 -5.63
N ALA A 73 -10.54 -1.56 -6.09
CA ALA A 73 -9.34 -0.76 -5.77
C ALA A 73 -9.40 -0.24 -4.32
N LYS A 74 -10.63 0.01 -3.83
CA LYS A 74 -10.88 0.40 -2.43
C LYS A 74 -10.48 -0.77 -1.52
N LYS A 75 -11.10 -1.94 -1.78
CA LYS A 75 -10.92 -3.16 -1.00
C LYS A 75 -9.45 -3.62 -1.03
N TRP A 76 -8.84 -3.52 -2.23
CA TRP A 76 -7.44 -3.88 -2.47
C TRP A 76 -6.50 -3.08 -1.55
N ALA A 77 -6.72 -1.75 -1.51
CA ALA A 77 -5.89 -0.82 -0.72
C ALA A 77 -6.01 -1.09 0.79
N LEU A 78 -7.19 -1.57 1.20
CA LEU A 78 -7.45 -2.03 2.58
C LEU A 78 -6.69 -3.36 2.84
N GLU A 79 -6.79 -4.30 1.87
CA GLU A 79 -6.24 -5.66 1.99
C GLU A 79 -4.71 -5.64 2.09
N VAL A 80 -4.04 -4.87 1.20
CA VAL A 80 -2.57 -4.76 1.18
C VAL A 80 -2.03 -4.09 2.45
N ALA A 81 -2.80 -3.12 2.98
CA ALA A 81 -2.49 -2.45 4.26
C ALA A 81 -2.43 -3.47 5.40
N ASN A 82 -3.50 -4.27 5.49
CA ASN A 82 -3.66 -5.31 6.51
C ASN A 82 -2.80 -6.55 6.22
N LYS A 83 -2.42 -6.77 4.95
CA LYS A 83 -1.59 -7.94 4.54
C LYS A 83 -0.16 -7.75 5.09
N ILE A 84 0.39 -6.53 4.88
CA ILE A 84 1.70 -6.13 5.43
C ILE A 84 1.63 -6.18 6.97
N ALA A 85 0.53 -5.64 7.54
CA ALA A 85 0.24 -5.70 8.99
C ALA A 85 0.10 -7.15 9.50
N ASN A 86 -0.35 -8.07 8.62
CA ASN A 86 -0.53 -9.50 8.96
C ASN A 86 0.83 -10.18 9.12
N GLU A 87 1.77 -9.82 8.23
CA GLU A 87 3.15 -10.36 8.24
C GLU A 87 3.92 -9.94 9.50
N LEU A 88 3.53 -8.79 10.09
CA LEU A 88 4.33 -8.07 11.10
C LEU A 88 3.63 -7.94 12.45
N GLY A 89 2.31 -8.17 12.48
CA GLY A 89 1.47 -7.78 13.62
C GLY A 89 1.23 -6.27 13.62
N ALA A 90 2.29 -5.53 14.03
CA ALA A 90 2.40 -4.07 13.87
C ALA A 90 1.32 -3.29 14.66
N LYS A 91 0.20 -2.96 13.99
CA LYS A 91 -0.91 -2.20 14.61
C LYS A 91 -2.10 -2.14 13.61
N GLN A 92 -2.13 -1.12 12.72
CA GLN A 92 -3.28 -0.85 11.80
C GLN A 92 -2.90 0.20 10.73
N SER A 93 -3.91 0.65 9.97
CA SER A 93 -3.77 1.71 8.95
C SER A 93 -4.88 2.75 9.10
N THR A 94 -4.56 4.02 8.80
CA THR A 94 -5.58 5.09 8.62
C THR A 94 -5.88 5.20 7.11
N THR A 95 -7.16 5.36 6.76
CA THR A 95 -7.59 5.39 5.35
C THR A 95 -8.28 6.73 5.04
N THR A 96 -7.61 7.56 4.22
CA THR A 96 -8.17 8.80 3.69
C THR A 96 -9.01 8.45 2.46
N THR A 97 -10.34 8.58 2.60
CA THR A 97 -11.30 8.28 1.54
C THR A 97 -11.69 9.58 0.80
N ASP A 98 -11.56 9.56 -0.53
CA ASP A 98 -11.91 10.69 -1.41
C ASP A 98 -12.15 10.16 -2.84
N GLY A 99 -13.02 10.86 -3.59
CA GLY A 99 -13.45 10.42 -4.93
C GLY A 99 -12.38 10.60 -6.01
N ASP A 100 -11.52 11.61 -5.85
CA ASP A 100 -10.45 11.91 -6.83
C ASP A 100 -9.26 10.95 -6.63
N THR A 101 -8.78 10.84 -5.38
CA THR A 101 -7.65 9.95 -5.00
C THR A 101 -7.95 9.26 -3.65
N PHE A 102 -7.56 7.98 -3.53
CA PHE A 102 -7.72 7.18 -2.30
C PHE A 102 -6.33 6.88 -1.73
N GLU A 103 -6.03 7.41 -0.53
CA GLU A 103 -4.75 7.16 0.16
C GLU A 103 -4.99 6.38 1.46
N VAL A 104 -4.30 5.23 1.58
CA VAL A 104 -4.27 4.42 2.81
C VAL A 104 -2.85 4.49 3.39
N GLU A 105 -2.67 5.20 4.50
CA GLU A 105 -1.38 5.27 5.19
C GLU A 105 -1.37 4.24 6.31
N VAL A 106 -0.43 3.28 6.21
CA VAL A 106 -0.37 2.13 7.12
C VAL A 106 0.68 2.39 8.20
N ILE A 107 0.23 2.67 9.43
CA ILE A 107 1.13 2.97 10.55
C ILE A 107 1.49 1.64 11.22
N LEU A 108 2.65 1.12 10.84
CA LEU A 108 3.16 -0.17 11.33
C LEU A 108 4.10 0.09 12.50
N GLU A 109 3.59 -0.06 13.71
CA GLU A 109 4.34 0.22 14.94
C GLU A 109 5.07 -1.05 15.39
N LEU A 110 6.28 -1.23 14.88
CA LEU A 110 7.20 -2.26 15.36
C LEU A 110 8.35 -1.55 16.08
N GLU A 111 8.36 -1.63 17.41
CA GLU A 111 9.55 -1.30 18.21
C GLU A 111 10.58 -2.41 17.97
N HIS A 112 11.28 -2.30 16.84
CA HIS A 112 12.23 -3.30 16.37
C HIS A 112 13.35 -3.46 17.42
N HIS A 113 13.20 -4.51 18.29
CA HIS A 113 13.90 -4.69 19.60
C HIS A 113 15.23 -3.92 19.70
N HIS A 114 16.22 -4.34 18.92
CA HIS A 114 17.48 -3.62 18.77
C HIS A 114 17.39 -2.72 17.52
N HIS A 115 17.02 -1.45 17.75
CA HIS A 115 16.99 -0.39 16.73
C HIS A 115 17.87 0.76 17.24
N HIS A 116 18.74 1.28 16.37
CA HIS A 116 19.70 2.33 16.74
C HIS A 116 18.99 3.65 17.01
N HIS A 117 17.91 3.91 16.23
CA HIS A 117 17.03 5.08 16.38
C HIS A 117 15.59 4.67 16.03
N MET A 1 -2.82 -8.94 -17.83
CA MET A 1 -2.26 -7.62 -17.48
C MET A 1 -2.48 -6.62 -18.62
N ALA A 2 -2.64 -5.35 -18.26
CA ALA A 2 -2.88 -4.23 -19.17
C ALA A 2 -2.43 -2.94 -18.47
N GLY A 3 -1.22 -2.46 -18.80
CA GLY A 3 -0.70 -1.21 -18.25
C GLY A 3 -1.42 0.02 -18.83
N LYS A 4 -1.07 1.21 -18.30
CA LYS A 4 -1.66 2.50 -18.71
C LYS A 4 -3.19 2.50 -18.49
N GLU A 5 -3.61 2.78 -17.25
CA GLU A 5 -5.04 2.95 -16.90
C GLU A 5 -5.17 3.56 -15.50
N LEU A 6 -4.93 2.73 -14.48
CA LEU A 6 -5.14 3.11 -13.08
C LEU A 6 -3.78 3.38 -12.41
N ARG A 7 -3.46 4.68 -12.23
CA ARG A 7 -2.16 5.12 -11.71
C ARG A 7 -2.14 4.91 -10.18
N VAL A 8 -1.18 4.11 -9.71
CA VAL A 8 -1.00 3.76 -8.30
C VAL A 8 0.47 3.96 -7.89
N GLU A 9 0.66 4.74 -6.83
CA GLU A 9 1.97 4.95 -6.20
C GLU A 9 2.01 4.20 -4.86
N ILE A 10 2.66 3.02 -4.83
CA ILE A 10 2.86 2.29 -3.57
C ILE A 10 4.19 2.78 -3.01
N LYS A 11 4.11 3.47 -1.90
CA LYS A 11 5.21 4.30 -1.39
C LYS A 11 5.64 3.78 -0.02
N ILE A 12 6.95 3.61 0.16
CA ILE A 12 7.54 3.36 1.48
C ILE A 12 8.07 4.70 1.99
N ASP A 13 7.43 5.22 3.06
CA ASP A 13 7.79 6.53 3.62
C ASP A 13 8.79 6.32 4.77
N CYS A 14 10.07 6.58 4.46
CA CYS A 14 11.19 6.42 5.40
C CYS A 14 12.44 7.05 4.77
N GLY A 15 12.73 6.64 3.51
CA GLY A 15 13.91 7.09 2.79
C GLY A 15 15.21 6.60 3.41
N ASN A 16 15.15 5.39 4.02
CA ASN A 16 16.31 4.75 4.66
C ASN A 16 17.40 4.45 3.61
N ASP A 17 18.68 4.54 4.04
CA ASP A 17 19.87 4.57 3.16
C ASP A 17 19.92 5.96 2.46
N ASP A 18 18.95 6.16 1.55
CA ASP A 18 18.66 7.41 0.81
C ASP A 18 17.57 7.08 -0.22
N LYS A 19 17.06 8.11 -0.93
CA LYS A 19 16.15 7.97 -2.11
C LYS A 19 14.73 7.47 -1.69
N GLU A 20 13.72 8.00 -2.40
CA GLU A 20 12.31 7.61 -2.24
C GLU A 20 12.05 6.27 -2.95
N THR A 21 11.10 5.47 -2.43
CA THR A 21 10.78 4.13 -2.97
C THR A 21 9.29 4.06 -3.37
N THR A 22 9.01 4.03 -4.69
CA THR A 22 7.63 3.99 -5.23
C THR A 22 7.49 2.79 -6.18
N TYR A 23 6.31 2.14 -6.17
CA TYR A 23 5.98 1.01 -7.03
C TYR A 23 4.81 1.35 -7.93
N ASP A 24 5.01 1.17 -9.23
CA ASP A 24 4.00 1.41 -10.26
C ASP A 24 3.41 0.05 -10.63
N LEU A 25 2.24 -0.27 -10.06
CA LEU A 25 1.59 -1.58 -10.28
C LEU A 25 0.76 -1.53 -11.57
N TYR A 26 -0.02 -0.44 -11.69
CA TYR A 26 -1.00 -0.21 -12.74
C TYR A 26 -2.07 -1.32 -12.77
N PHE A 27 -3.16 -1.06 -12.02
CA PHE A 27 -4.26 -2.01 -11.84
C PHE A 27 -4.97 -2.29 -13.17
N SER A 28 -4.92 -3.55 -13.58
CA SER A 28 -5.80 -4.09 -14.62
C SER A 28 -7.00 -4.73 -13.89
N LYS A 29 -7.62 -3.90 -13.00
CA LYS A 29 -8.72 -4.30 -12.09
C LYS A 29 -8.28 -5.40 -11.07
N ALA A 30 -9.26 -5.88 -10.25
CA ALA A 30 -8.99 -6.74 -9.06
C ALA A 30 -8.34 -8.10 -9.40
N GLU A 31 -8.74 -8.68 -10.55
CA GLU A 31 -8.29 -10.01 -10.98
C GLU A 31 -6.75 -10.06 -11.13
N GLU A 32 -6.20 -9.02 -11.75
CA GLU A 32 -4.74 -8.85 -11.88
C GLU A 32 -4.13 -8.25 -10.60
N ALA A 33 -4.87 -7.32 -9.96
CA ALA A 33 -4.39 -6.54 -8.78
C ALA A 33 -4.05 -7.44 -7.58
N LYS A 34 -4.77 -8.56 -7.44
CA LYS A 34 -4.59 -9.53 -6.34
C LYS A 34 -3.17 -10.12 -6.32
N GLU A 35 -2.53 -10.19 -7.51
CA GLU A 35 -1.14 -10.62 -7.67
C GLU A 35 -0.17 -9.51 -7.22
N LEU A 36 -0.52 -8.25 -7.55
CA LEU A 36 0.24 -7.06 -7.10
C LEU A 36 0.18 -6.92 -5.56
N LEU A 37 -0.94 -7.37 -4.95
CA LEU A 37 -1.14 -7.41 -3.48
C LEU A 37 -0.05 -8.25 -2.80
N LYS A 38 0.21 -9.43 -3.42
CA LYS A 38 1.20 -10.41 -2.97
C LYS A 38 2.62 -9.78 -2.97
N LYS A 39 2.93 -9.08 -4.07
CA LYS A 39 4.22 -8.40 -4.25
C LYS A 39 4.40 -7.26 -3.23
N VAL A 40 3.35 -6.43 -3.03
CA VAL A 40 3.38 -5.28 -2.07
C VAL A 40 3.62 -5.77 -0.63
N ALA A 41 3.08 -6.96 -0.30
CA ALA A 41 3.28 -7.62 1.02
C ALA A 41 4.77 -7.89 1.28
N GLU A 42 5.45 -8.41 0.26
CA GLU A 42 6.89 -8.75 0.30
C GLU A 42 7.77 -7.49 0.24
N LYS A 43 7.36 -6.50 -0.59
CA LYS A 43 8.16 -5.30 -0.88
C LYS A 43 8.15 -4.32 0.30
N ALA A 44 7.05 -4.28 1.06
CA ALA A 44 6.96 -3.49 2.29
C ALA A 44 7.79 -4.16 3.41
N ALA A 45 7.67 -5.50 3.48
CA ALA A 45 8.33 -6.34 4.48
C ALA A 45 9.87 -6.22 4.45
N ASP A 46 10.43 -6.09 3.22
CA ASP A 46 11.90 -5.94 3.00
C ASP A 46 12.46 -4.76 3.82
N LYS A 47 11.78 -3.60 3.69
CA LYS A 47 12.25 -2.32 4.26
C LYS A 47 12.14 -2.36 5.79
N ILE A 48 11.10 -3.06 6.30
CA ILE A 48 10.88 -3.21 7.76
C ILE A 48 11.96 -4.12 8.38
N LYS A 49 12.39 -5.14 7.61
CA LYS A 49 13.38 -6.14 8.06
C LYS A 49 14.77 -5.48 8.26
N LYS A 50 15.13 -4.57 7.35
CA LYS A 50 16.40 -3.81 7.42
C LYS A 50 16.25 -2.56 8.32
N GLN A 51 15.00 -2.09 8.53
CA GLN A 51 14.70 -0.84 9.27
C GLN A 51 13.19 -0.74 9.55
N GLY A 52 12.78 -0.92 10.83
CA GLY A 52 11.38 -0.82 11.24
C GLY A 52 10.75 0.54 10.91
N CYS A 53 10.11 0.64 9.73
CA CYS A 53 9.45 1.87 9.24
C CYS A 53 7.99 1.90 9.74
N LYS A 54 7.56 3.05 10.30
CA LYS A 54 6.24 3.20 10.96
C LYS A 54 5.17 3.80 10.03
N ARG A 55 5.56 4.18 8.80
CA ARG A 55 4.63 4.76 7.83
C ARG A 55 4.89 4.17 6.43
N VAL A 56 3.89 3.45 5.93
CA VAL A 56 3.79 3.01 4.54
C VAL A 56 2.61 3.79 3.93
N LYS A 57 2.76 4.29 2.71
CA LYS A 57 1.70 5.06 2.03
C LYS A 57 1.23 4.29 0.79
N ILE A 58 -0.06 3.90 0.77
CA ILE A 58 -0.68 3.33 -0.43
C ILE A 58 -1.47 4.46 -1.10
N ARG A 59 -1.02 4.90 -2.27
CA ARG A 59 -1.65 6.00 -3.03
C ARG A 59 -2.19 5.44 -4.33
N PHE A 60 -3.38 5.88 -4.70
CA PHE A 60 -4.08 5.42 -5.90
C PHE A 60 -5.03 6.54 -6.36
N GLU A 61 -5.12 6.77 -7.68
CA GLU A 61 -5.98 7.84 -8.25
C GLU A 61 -7.46 7.43 -8.17
N LYS A 62 -8.28 8.29 -7.56
CA LYS A 62 -9.72 8.03 -7.38
C LYS A 62 -10.48 9.30 -7.81
N LYS A 63 -11.15 9.24 -8.97
CA LYS A 63 -12.00 10.34 -9.47
C LYS A 63 -12.92 9.81 -10.60
N GLY A 64 -12.31 9.57 -11.78
CA GLY A 64 -13.03 9.10 -12.95
C GLY A 64 -13.00 7.59 -13.10
N LEU A 65 -12.96 6.87 -11.96
CA LEU A 65 -13.02 5.40 -11.92
C LEU A 65 -14.46 4.95 -12.23
N ASP A 66 -14.58 3.72 -12.73
CA ASP A 66 -15.87 3.00 -12.79
C ASP A 66 -16.20 2.52 -11.36
N ASP A 67 -17.51 2.46 -10.99
CA ASP A 67 -17.95 2.15 -9.59
C ASP A 67 -17.42 0.77 -9.11
N ASP A 68 -17.36 -0.19 -10.05
CA ASP A 68 -16.80 -1.52 -9.81
C ASP A 68 -15.29 -1.40 -9.53
N ALA A 69 -14.54 -0.77 -10.48
CA ALA A 69 -13.07 -0.60 -10.39
C ALA A 69 -12.63 0.18 -9.13
N ARG A 70 -13.50 1.11 -8.70
CA ARG A 70 -13.32 1.93 -7.49
C ARG A 70 -13.37 1.03 -6.26
N LYS A 71 -14.43 0.20 -6.19
CA LYS A 71 -14.66 -0.71 -5.07
C LYS A 71 -13.59 -1.79 -5.02
N LYS A 72 -13.10 -2.22 -6.21
CA LYS A 72 -12.10 -3.28 -6.33
C LYS A 72 -10.71 -2.79 -5.87
N ALA A 73 -10.40 -1.51 -6.15
CA ALA A 73 -9.13 -0.86 -5.77
C ALA A 73 -9.11 -0.55 -4.27
N LYS A 74 -10.28 -0.13 -3.74
CA LYS A 74 -10.46 0.14 -2.30
C LYS A 74 -10.40 -1.16 -1.49
N LYS A 75 -11.15 -2.18 -1.97
CA LYS A 75 -11.24 -3.53 -1.35
C LYS A 75 -9.84 -4.12 -1.23
N TRP A 76 -9.08 -3.97 -2.33
CA TRP A 76 -7.67 -4.31 -2.42
C TRP A 76 -6.86 -3.54 -1.35
N ALA A 77 -7.01 -2.20 -1.36
CA ALA A 77 -6.19 -1.28 -0.54
C ALA A 77 -6.36 -1.51 0.98
N LEU A 78 -7.57 -1.94 1.38
CA LEU A 78 -7.88 -2.25 2.79
C LEU A 78 -7.29 -3.64 3.18
N GLU A 79 -7.50 -4.65 2.31
CA GLU A 79 -7.05 -6.04 2.55
C GLU A 79 -5.52 -6.16 2.53
N VAL A 80 -4.87 -5.41 1.62
CA VAL A 80 -3.41 -5.43 1.46
C VAL A 80 -2.76 -4.68 2.64
N ALA A 81 -3.40 -3.61 3.09
CA ALA A 81 -2.92 -2.78 4.20
C ALA A 81 -2.86 -3.61 5.50
N ASN A 82 -3.92 -4.40 5.73
CA ASN A 82 -4.03 -5.33 6.86
C ASN A 82 -3.18 -6.59 6.63
N LYS A 83 -2.90 -6.92 5.35
CA LYS A 83 -2.02 -8.05 4.99
C LYS A 83 -0.58 -7.73 5.45
N ILE A 84 -0.06 -6.54 5.08
CA ILE A 84 1.28 -6.05 5.51
C ILE A 84 1.32 -5.95 7.06
N ALA A 85 0.23 -5.41 7.65
CA ALA A 85 0.06 -5.30 9.12
C ALA A 85 0.12 -6.68 9.81
N ASN A 86 -0.34 -7.72 9.09
CA ASN A 86 -0.27 -9.12 9.55
C ASN A 86 1.16 -9.67 9.40
N GLU A 87 1.81 -9.40 8.23
CA GLU A 87 3.13 -9.98 7.87
C GLU A 87 4.21 -9.63 8.91
N LEU A 88 4.23 -8.35 9.31
CA LEU A 88 5.21 -7.82 10.28
C LEU A 88 4.71 -7.93 11.74
N GLY A 89 3.41 -8.25 11.91
CA GLY A 89 2.78 -8.33 13.23
C GLY A 89 2.72 -6.97 13.91
N ALA A 90 2.29 -5.98 13.12
CA ALA A 90 2.21 -4.57 13.55
C ALA A 90 0.74 -4.11 13.58
N LYS A 91 0.54 -2.79 13.73
CA LYS A 91 -0.79 -2.18 13.91
C LYS A 91 -1.52 -1.99 12.57
N GLN A 92 -2.81 -1.62 12.69
CA GLN A 92 -3.71 -1.40 11.54
C GLN A 92 -3.38 -0.11 10.77
N SER A 93 -4.11 0.07 9.67
CA SER A 93 -3.89 1.14 8.71
C SER A 93 -5.02 2.18 8.76
N THR A 94 -4.65 3.45 8.55
CA THR A 94 -5.61 4.55 8.43
C THR A 94 -5.94 4.76 6.94
N THR A 95 -7.23 4.78 6.60
CA THR A 95 -7.69 4.96 5.20
C THR A 95 -8.32 6.35 5.02
N THR A 96 -8.11 6.93 3.83
CA THR A 96 -8.61 8.25 3.45
C THR A 96 -9.28 8.16 2.08
N THR A 97 -10.61 8.38 2.05
CA THR A 97 -11.40 8.38 0.82
C THR A 97 -11.48 9.83 0.29
N ASP A 98 -10.92 10.04 -0.90
CA ASP A 98 -10.72 11.38 -1.47
C ASP A 98 -11.04 11.35 -2.97
N GLY A 99 -11.56 12.49 -3.48
CA GLY A 99 -12.02 12.61 -4.87
C GLY A 99 -10.91 12.91 -5.87
N ASP A 100 -9.64 12.83 -5.45
CA ASP A 100 -8.46 12.97 -6.33
C ASP A 100 -7.51 11.78 -6.14
N THR A 101 -7.17 11.49 -4.86
CA THR A 101 -6.22 10.43 -4.48
C THR A 101 -6.72 9.64 -3.26
N PHE A 102 -7.14 8.38 -3.49
CA PHE A 102 -7.48 7.43 -2.41
C PHE A 102 -6.17 6.93 -1.78
N GLU A 103 -5.92 7.31 -0.51
CA GLU A 103 -4.66 6.98 0.18
C GLU A 103 -4.95 6.21 1.49
N VAL A 104 -4.37 5.01 1.61
CA VAL A 104 -4.40 4.18 2.83
C VAL A 104 -2.96 4.09 3.38
N GLU A 105 -2.69 4.76 4.51
CA GLU A 105 -1.36 4.73 5.13
C GLU A 105 -1.34 3.65 6.21
N VAL A 106 -0.38 2.72 6.10
CA VAL A 106 -0.27 1.57 6.99
C VAL A 106 0.75 1.91 8.09
N ILE A 107 0.25 2.12 9.31
CA ILE A 107 1.07 2.53 10.46
C ILE A 107 1.62 1.26 11.14
N LEU A 108 2.87 0.92 10.80
CA LEU A 108 3.53 -0.27 11.34
C LEU A 108 4.46 0.13 12.50
N GLU A 109 3.96 0.03 13.73
CA GLU A 109 4.75 0.41 14.92
C GLU A 109 5.35 -0.85 15.54
N LEU A 110 6.50 -1.27 14.99
CA LEU A 110 7.31 -2.35 15.55
C LEU A 110 8.37 -1.72 16.45
N GLU A 111 8.17 -1.79 17.77
CA GLU A 111 9.22 -1.44 18.74
C GLU A 111 10.24 -2.60 18.82
N HIS A 112 11.03 -2.71 17.75
CA HIS A 112 12.04 -3.75 17.57
C HIS A 112 13.33 -3.29 18.30
N HIS A 113 13.23 -3.23 19.65
CA HIS A 113 14.29 -2.71 20.53
C HIS A 113 15.03 -3.87 21.22
N HIS A 114 16.25 -4.14 20.74
CA HIS A 114 17.16 -5.16 21.28
C HIS A 114 18.55 -5.00 20.66
N HIS A 115 18.56 -4.80 19.33
CA HIS A 115 19.80 -4.67 18.55
C HIS A 115 20.34 -3.22 18.59
N HIS A 116 19.57 -2.31 19.23
CA HIS A 116 20.01 -0.92 19.49
C HIS A 116 20.97 -0.94 20.70
N HIS A 117 22.19 -0.39 20.50
CA HIS A 117 23.25 -0.31 21.52
C HIS A 117 23.73 -1.75 21.93
N MET A 1 -13.18 -5.74 -21.63
CA MET A 1 -11.96 -6.50 -22.02
C MET A 1 -10.71 -5.60 -22.08
N ALA A 2 -10.88 -4.29 -21.78
CA ALA A 2 -9.77 -3.31 -21.83
C ALA A 2 -9.71 -2.52 -20.51
N GLY A 3 -8.78 -2.92 -19.61
CA GLY A 3 -8.54 -2.21 -18.35
C GLY A 3 -7.41 -1.20 -18.49
N LYS A 4 -7.75 0.09 -18.39
CA LYS A 4 -6.79 1.20 -18.59
C LYS A 4 -5.71 1.21 -17.50
N GLU A 5 -4.56 1.80 -17.84
CA GLU A 5 -3.39 1.88 -16.95
C GLU A 5 -3.64 2.83 -15.77
N LEU A 6 -4.08 2.26 -14.63
CA LEU A 6 -4.20 3.00 -13.37
C LEU A 6 -2.80 3.25 -12.80
N ARG A 7 -2.27 4.47 -13.03
CA ARG A 7 -0.93 4.84 -12.58
C ARG A 7 -1.02 5.36 -11.15
N VAL A 8 -0.54 4.55 -10.21
CA VAL A 8 -0.65 4.77 -8.76
C VAL A 8 0.73 5.06 -8.18
N GLU A 9 0.83 5.94 -7.19
CA GLU A 9 2.11 6.29 -6.55
C GLU A 9 2.18 5.67 -5.15
N ILE A 10 2.79 4.49 -5.03
CA ILE A 10 2.87 3.77 -3.75
C ILE A 10 4.22 4.15 -3.09
N LYS A 11 4.14 4.88 -1.97
CA LYS A 11 5.31 5.36 -1.23
C LYS A 11 5.65 4.40 -0.08
N ILE A 12 6.93 4.01 0.02
CA ILE A 12 7.46 3.27 1.17
C ILE A 12 8.39 4.21 1.97
N ASP A 13 8.00 4.50 3.21
CA ASP A 13 8.79 5.32 4.14
C ASP A 13 9.73 4.39 4.94
N CYS A 14 10.96 4.85 5.26
CA CYS A 14 11.94 4.01 5.99
C CYS A 14 12.96 4.86 6.77
N GLY A 15 13.61 5.83 6.10
CA GLY A 15 14.61 6.69 6.75
C GLY A 15 14.84 8.02 6.01
N ASN A 16 15.70 8.87 6.60
CA ASN A 16 15.98 10.23 6.09
C ASN A 16 17.00 10.22 4.93
N ASP A 17 17.85 9.18 4.92
CA ASP A 17 18.90 9.01 3.88
C ASP A 17 18.28 8.46 2.56
N ASP A 18 16.99 8.08 2.62
CA ASP A 18 16.23 7.61 1.44
C ASP A 18 15.79 8.79 0.55
N LYS A 19 15.34 8.44 -0.66
CA LYS A 19 14.78 9.38 -1.64
C LYS A 19 13.32 8.99 -1.94
N GLU A 20 12.73 9.62 -2.98
CA GLU A 20 11.39 9.25 -3.48
C GLU A 20 11.37 7.78 -3.95
N THR A 21 10.52 6.97 -3.32
CA THR A 21 10.32 5.56 -3.67
C THR A 21 8.83 5.38 -4.02
N THR A 22 8.53 5.28 -5.32
CA THR A 22 7.16 5.10 -5.83
C THR A 22 7.08 3.82 -6.66
N TYR A 23 5.99 3.07 -6.46
CA TYR A 23 5.67 1.90 -7.28
C TYR A 23 4.44 2.26 -8.11
N ASP A 24 4.53 2.11 -9.44
CA ASP A 24 3.41 2.35 -10.36
C ASP A 24 2.97 1.01 -10.97
N LEU A 25 1.93 0.44 -10.36
CA LEU A 25 1.37 -0.84 -10.75
C LEU A 25 -0.07 -0.59 -11.21
N TYR A 26 -0.36 -1.05 -12.44
CA TYR A 26 -1.64 -0.83 -13.09
C TYR A 26 -2.69 -1.78 -12.51
N PHE A 27 -3.91 -1.27 -12.34
CA PHE A 27 -5.05 -2.07 -11.92
C PHE A 27 -6.10 -2.03 -13.01
N SER A 28 -6.96 -3.04 -12.98
CA SER A 28 -8.05 -3.20 -13.92
C SER A 28 -9.19 -3.91 -13.20
N LYS A 29 -9.01 -5.19 -12.88
CA LYS A 29 -10.02 -6.02 -12.19
C LYS A 29 -9.43 -6.63 -10.91
N ALA A 30 -10.28 -7.40 -10.20
CA ALA A 30 -10.01 -7.92 -8.84
C ALA A 30 -8.84 -8.91 -8.79
N GLU A 31 -8.81 -9.86 -9.75
CA GLU A 31 -7.83 -10.97 -9.76
C GLU A 31 -6.40 -10.45 -10.02
N GLU A 32 -6.31 -9.46 -10.91
CA GLU A 32 -5.06 -8.73 -11.19
C GLU A 32 -4.60 -7.97 -9.93
N ALA A 33 -5.57 -7.26 -9.30
CA ALA A 33 -5.32 -6.46 -8.09
C ALA A 33 -4.74 -7.33 -6.94
N LYS A 34 -5.37 -8.49 -6.70
CA LYS A 34 -4.96 -9.43 -5.62
C LYS A 34 -3.57 -10.04 -5.89
N GLU A 35 -3.22 -10.18 -7.17
CA GLU A 35 -1.89 -10.67 -7.56
C GLU A 35 -0.82 -9.59 -7.23
N LEU A 36 -1.13 -8.32 -7.55
CA LEU A 36 -0.28 -7.16 -7.20
C LEU A 36 -0.19 -6.96 -5.68
N LEU A 37 -1.29 -7.31 -4.98
CA LEU A 37 -1.39 -7.28 -3.51
C LEU A 37 -0.30 -8.15 -2.88
N LYS A 38 -0.17 -9.37 -3.41
CA LYS A 38 0.81 -10.38 -2.98
C LYS A 38 2.26 -9.81 -3.05
N LYS A 39 2.52 -9.05 -4.11
CA LYS A 39 3.83 -8.46 -4.41
C LYS A 39 4.14 -7.28 -3.47
N VAL A 40 3.20 -6.33 -3.35
CA VAL A 40 3.37 -5.13 -2.51
C VAL A 40 3.46 -5.52 -1.01
N ALA A 41 2.73 -6.59 -0.63
CA ALA A 41 2.71 -7.11 0.74
C ALA A 41 4.11 -7.58 1.17
N GLU A 42 4.78 -8.39 0.31
CA GLU A 42 6.11 -8.94 0.61
C GLU A 42 7.21 -7.86 0.48
N LYS A 43 7.07 -6.94 -0.50
CA LYS A 43 8.11 -5.93 -0.81
C LYS A 43 8.22 -4.86 0.29
N ALA A 44 7.07 -4.45 0.86
CA ALA A 44 7.03 -3.54 2.02
C ALA A 44 7.45 -4.29 3.29
N ALA A 45 7.14 -5.60 3.34
CA ALA A 45 7.53 -6.49 4.44
C ALA A 45 9.05 -6.66 4.52
N ASP A 46 9.73 -6.62 3.34
CA ASP A 46 11.21 -6.70 3.24
C ASP A 46 11.87 -5.52 3.98
N LYS A 47 11.25 -4.33 3.85
CA LYS A 47 11.76 -3.08 4.45
C LYS A 47 11.58 -3.09 5.98
N ILE A 48 10.47 -3.68 6.45
CA ILE A 48 10.18 -3.87 7.90
C ILE A 48 11.13 -4.94 8.48
N LYS A 49 11.44 -5.95 7.64
CA LYS A 49 12.31 -7.07 8.00
C LYS A 49 13.75 -6.60 8.30
N LYS A 50 14.16 -5.49 7.64
CA LYS A 50 15.44 -4.81 7.95
C LYS A 50 15.38 -4.11 9.31
N GLN A 51 14.32 -3.31 9.54
CA GLN A 51 14.18 -2.48 10.76
C GLN A 51 12.70 -2.18 11.02
N GLY A 52 12.04 -1.55 10.04
CA GLY A 52 10.67 -1.08 10.17
C GLY A 52 10.38 0.07 9.22
N CYS A 53 9.35 -0.08 8.36
CA CYS A 53 8.88 0.98 7.46
C CYS A 53 8.34 2.18 8.27
N LYS A 54 7.74 1.86 9.46
CA LYS A 54 7.07 2.82 10.39
C LYS A 54 5.71 3.24 9.79
N ARG A 55 5.77 3.84 8.59
CA ARG A 55 4.61 4.26 7.81
C ARG A 55 4.76 3.67 6.39
N VAL A 56 3.71 3.02 5.89
CA VAL A 56 3.60 2.59 4.49
C VAL A 56 2.48 3.43 3.85
N LYS A 57 2.81 4.18 2.79
CA LYS A 57 1.84 5.08 2.13
C LYS A 57 1.33 4.43 0.84
N ILE A 58 0.03 4.12 0.81
CA ILE A 58 -0.65 3.66 -0.40
C ILE A 58 -1.43 4.86 -0.94
N ARG A 59 -1.00 5.39 -2.09
CA ARG A 59 -1.63 6.54 -2.75
C ARG A 59 -2.05 6.09 -4.14
N PHE A 60 -3.30 6.36 -4.49
CA PHE A 60 -3.96 5.75 -5.65
C PHE A 60 -4.71 6.82 -6.45
N GLU A 61 -4.55 6.73 -7.79
CA GLU A 61 -5.22 7.60 -8.76
C GLU A 61 -6.26 6.78 -9.55
N LYS A 62 -7.45 7.37 -9.80
CA LYS A 62 -8.43 6.81 -10.74
C LYS A 62 -8.77 7.86 -11.81
N LYS A 63 -8.70 7.44 -13.08
CA LYS A 63 -9.12 8.24 -14.25
C LYS A 63 -9.82 7.36 -15.27
N GLY A 64 -9.44 6.07 -15.33
CA GLY A 64 -9.97 5.13 -16.33
C GLY A 64 -10.26 3.74 -15.75
N LEU A 65 -11.15 3.70 -14.75
CA LEU A 65 -11.69 2.44 -14.20
C LEU A 65 -13.24 2.48 -14.21
N ASP A 66 -13.86 1.43 -13.68
CA ASP A 66 -15.33 1.35 -13.48
C ASP A 66 -15.63 1.23 -11.97
N ASP A 67 -16.93 1.13 -11.62
CA ASP A 67 -17.38 1.03 -10.21
C ASP A 67 -16.82 -0.22 -9.51
N ASP A 68 -16.67 -1.33 -10.27
CA ASP A 68 -16.09 -2.58 -9.75
C ASP A 68 -14.63 -2.36 -9.37
N ALA A 69 -13.82 -1.86 -10.34
CA ALA A 69 -12.38 -1.62 -10.12
C ALA A 69 -12.12 -0.61 -8.99
N ARG A 70 -13.03 0.37 -8.87
CA ARG A 70 -13.01 1.40 -7.81
C ARG A 70 -13.21 0.74 -6.42
N LYS A 71 -14.21 -0.17 -6.38
CA LYS A 71 -14.59 -0.93 -5.17
C LYS A 71 -13.46 -1.88 -4.74
N LYS A 72 -12.86 -2.57 -5.73
CA LYS A 72 -11.83 -3.60 -5.50
C LYS A 72 -10.50 -2.95 -5.12
N ALA A 73 -10.26 -1.72 -5.62
CA ALA A 73 -9.04 -0.92 -5.31
C ALA A 73 -9.10 -0.35 -3.88
N LYS A 74 -10.31 0.07 -3.48
CA LYS A 74 -10.61 0.50 -2.09
C LYS A 74 -10.34 -0.67 -1.12
N LYS A 75 -10.87 -1.83 -1.50
CA LYS A 75 -10.78 -3.09 -0.74
C LYS A 75 -9.33 -3.63 -0.78
N TRP A 76 -8.62 -3.34 -1.90
CA TRP A 76 -7.23 -3.76 -2.14
C TRP A 76 -6.31 -3.19 -1.07
N ALA A 77 -6.34 -1.87 -0.94
CA ALA A 77 -5.47 -1.10 -0.04
C ALA A 77 -5.66 -1.50 1.43
N LEU A 78 -6.90 -1.91 1.78
CA LEU A 78 -7.23 -2.45 3.12
C LEU A 78 -6.50 -3.78 3.33
N GLU A 79 -6.64 -4.70 2.36
CA GLU A 79 -6.10 -6.06 2.44
C GLU A 79 -4.56 -6.07 2.45
N VAL A 80 -3.95 -5.20 1.62
CA VAL A 80 -2.48 -5.03 1.54
C VAL A 80 -1.95 -4.56 2.90
N ALA A 81 -2.60 -3.54 3.46
CA ALA A 81 -2.26 -2.97 4.76
C ALA A 81 -2.28 -4.02 5.88
N ASN A 82 -3.35 -4.84 5.88
CA ASN A 82 -3.55 -5.94 6.83
C ASN A 82 -2.61 -7.12 6.53
N LYS A 83 -2.19 -7.28 5.25
CA LYS A 83 -1.28 -8.36 4.83
C LYS A 83 0.13 -8.13 5.38
N ILE A 84 0.68 -6.92 5.15
CA ILE A 84 2.02 -6.54 5.66
C ILE A 84 2.02 -6.57 7.21
N ALA A 85 0.87 -6.18 7.78
CA ALA A 85 0.61 -6.24 9.24
C ALA A 85 0.50 -7.70 9.73
N ASN A 86 -0.02 -8.60 8.88
CA ASN A 86 -0.25 -10.03 9.23
C ASN A 86 1.07 -10.82 9.26
N GLU A 87 1.96 -10.53 8.29
CA GLU A 87 3.23 -11.27 8.13
C GLU A 87 4.19 -10.95 9.28
N LEU A 88 4.24 -9.66 9.68
CA LEU A 88 5.18 -9.17 10.71
C LEU A 88 4.52 -9.06 12.10
N GLY A 89 3.17 -9.09 12.17
CA GLY A 89 2.44 -8.90 13.43
C GLY A 89 2.44 -7.45 13.87
N ALA A 90 1.51 -6.66 13.30
CA ALA A 90 1.54 -5.19 13.40
C ALA A 90 0.13 -4.58 13.46
N LYS A 91 0.08 -3.23 13.48
CA LYS A 91 -1.15 -2.44 13.66
C LYS A 91 -1.98 -2.32 12.36
N GLN A 92 -3.03 -1.50 12.42
CA GLN A 92 -3.98 -1.27 11.31
C GLN A 92 -3.62 0.02 10.52
N SER A 93 -4.42 0.29 9.47
CA SER A 93 -4.26 1.44 8.59
C SER A 93 -5.49 2.35 8.67
N THR A 94 -5.29 3.64 8.35
CA THR A 94 -6.38 4.58 8.12
C THR A 94 -6.46 4.88 6.61
N THR A 95 -7.68 5.07 6.08
CA THR A 95 -7.91 5.29 4.64
C THR A 95 -8.85 6.48 4.43
N THR A 96 -8.35 7.54 3.77
CA THR A 96 -9.18 8.67 3.35
C THR A 96 -9.71 8.38 1.92
N THR A 97 -11.00 8.12 1.80
CA THR A 97 -11.64 7.82 0.51
C THR A 97 -12.41 9.07 0.01
N ASP A 98 -11.83 9.72 -0.99
CA ASP A 98 -12.41 10.91 -1.66
C ASP A 98 -13.16 10.50 -2.93
N GLY A 99 -13.05 9.20 -3.30
CA GLY A 99 -13.63 8.69 -4.53
C GLY A 99 -12.70 8.91 -5.71
N ASP A 100 -12.59 10.19 -6.13
CA ASP A 100 -11.70 10.64 -7.22
C ASP A 100 -10.21 10.36 -6.88
N THR A 101 -9.81 10.71 -5.66
CA THR A 101 -8.45 10.44 -5.15
C THR A 101 -8.57 9.49 -3.95
N PHE A 102 -7.61 8.55 -3.80
CA PHE A 102 -7.65 7.57 -2.71
C PHE A 102 -6.33 7.62 -1.93
N GLU A 103 -6.44 8.00 -0.64
CA GLU A 103 -5.31 8.15 0.28
C GLU A 103 -5.36 7.05 1.35
N VAL A 104 -4.22 6.38 1.61
CA VAL A 104 -4.08 5.37 2.68
C VAL A 104 -2.75 5.61 3.41
N GLU A 105 -2.76 5.46 4.74
CA GLU A 105 -1.56 5.48 5.58
C GLU A 105 -1.60 4.29 6.53
N VAL A 106 -0.60 3.41 6.42
CA VAL A 106 -0.52 2.17 7.19
C VAL A 106 0.57 2.35 8.27
N ILE A 107 0.16 2.52 9.53
CA ILE A 107 1.09 2.76 10.64
C ILE A 107 1.54 1.42 11.21
N LEU A 108 2.71 0.96 10.76
CA LEU A 108 3.31 -0.29 11.25
C LEU A 108 4.61 0.05 11.97
N GLU A 109 4.53 0.14 13.30
CA GLU A 109 5.66 0.58 14.14
C GLU A 109 6.35 -0.65 14.75
N LEU A 110 7.30 -1.20 13.98
CA LEU A 110 8.11 -2.36 14.41
C LEU A 110 9.58 -1.98 14.39
N GLU A 111 9.89 -0.71 14.74
CA GLU A 111 11.30 -0.24 14.83
C GLU A 111 12.04 -1.14 15.85
N HIS A 112 12.82 -2.10 15.32
CA HIS A 112 13.50 -3.13 16.13
C HIS A 112 14.79 -2.56 16.70
N HIS A 113 15.77 -2.35 15.84
CA HIS A 113 17.09 -1.82 16.21
C HIS A 113 17.47 -0.73 15.20
N HIS A 114 17.63 0.51 15.70
CA HIS A 114 18.11 1.67 14.91
C HIS A 114 19.56 1.45 14.44
N HIS A 115 20.23 0.50 15.12
CA HIS A 115 21.59 0.06 14.82
C HIS A 115 22.59 1.20 15.07
N HIS A 116 22.92 1.95 14.02
CA HIS A 116 23.82 3.11 14.07
C HIS A 116 23.49 4.05 12.92
N HIS A 117 23.64 5.35 13.15
CA HIS A 117 23.33 6.38 12.14
C HIS A 117 24.26 7.59 12.37
N MET A 1 -4.22 6.47 -25.97
CA MET A 1 -3.63 5.14 -26.18
C MET A 1 -3.08 4.63 -24.84
N ALA A 2 -2.17 5.42 -24.24
CA ALA A 2 -1.56 5.14 -22.94
C ALA A 2 -1.96 6.22 -21.93
N GLY A 3 -1.87 5.89 -20.63
CA GLY A 3 -2.27 6.81 -19.55
C GLY A 3 -3.69 6.57 -19.07
N LYS A 4 -4.33 5.52 -19.61
CA LYS A 4 -5.70 5.11 -19.25
C LYS A 4 -5.68 3.99 -18.18
N GLU A 5 -4.46 3.57 -17.79
CA GLU A 5 -4.27 2.49 -16.81
C GLU A 5 -4.41 3.07 -15.41
N LEU A 6 -5.17 2.38 -14.53
CA LEU A 6 -5.41 2.82 -13.16
C LEU A 6 -4.10 2.75 -12.37
N ARG A 7 -3.44 3.90 -12.21
CA ARG A 7 -2.10 4.00 -11.65
C ARG A 7 -2.12 3.99 -10.11
N VAL A 8 -1.25 3.15 -9.54
CA VAL A 8 -1.02 3.10 -8.09
C VAL A 8 0.30 3.86 -7.78
N GLU A 9 0.29 4.66 -6.72
CA GLU A 9 1.50 5.25 -6.15
C GLU A 9 1.71 4.58 -4.78
N ILE A 10 2.48 3.48 -4.75
CA ILE A 10 2.73 2.76 -3.48
C ILE A 10 4.04 3.31 -2.92
N LYS A 11 3.93 4.04 -1.82
CA LYS A 11 5.01 4.87 -1.28
C LYS A 11 5.56 4.18 -0.02
N ILE A 12 6.84 3.83 -0.04
CA ILE A 12 7.58 3.43 1.16
C ILE A 12 8.33 4.66 1.68
N ASP A 13 8.08 5.00 2.95
CA ASP A 13 8.72 6.13 3.61
C ASP A 13 10.05 5.66 4.22
N CYS A 14 11.17 6.06 3.58
CA CYS A 14 12.53 5.57 3.93
C CYS A 14 13.60 6.50 3.34
N GLY A 15 14.84 6.39 3.86
CA GLY A 15 15.98 7.20 3.40
C GLY A 15 17.28 6.68 3.96
N ASN A 16 17.50 5.37 3.78
CA ASN A 16 18.60 4.62 4.41
C ASN A 16 19.37 3.83 3.34
N ASP A 17 20.33 4.52 2.69
CA ASP A 17 21.00 4.07 1.43
C ASP A 17 19.99 4.18 0.25
N ASP A 18 18.91 3.41 0.36
CA ASP A 18 17.78 3.46 -0.59
C ASP A 18 16.87 4.65 -0.24
N LYS A 19 16.46 5.37 -1.29
CA LYS A 19 15.58 6.54 -1.20
C LYS A 19 14.13 6.09 -0.94
N GLU A 20 13.27 7.07 -0.58
CA GLU A 20 11.81 6.89 -0.52
C GLU A 20 11.30 6.45 -1.91
N THR A 21 10.69 5.26 -1.97
CA THR A 21 10.45 4.53 -3.22
C THR A 21 8.94 4.34 -3.49
N THR A 22 8.49 4.84 -4.67
CA THR A 22 7.14 4.59 -5.20
C THR A 22 7.21 3.42 -6.21
N TYR A 23 6.24 2.49 -6.12
CA TYR A 23 6.25 1.22 -6.89
C TYR A 23 5.20 1.26 -8.02
N ASP A 24 5.62 0.84 -9.23
CA ASP A 24 4.75 0.73 -10.41
C ASP A 24 4.31 -0.74 -10.61
N LEU A 25 3.09 -1.04 -10.19
CA LEU A 25 2.46 -2.36 -10.38
C LEU A 25 1.09 -2.18 -11.06
N TYR A 26 0.42 -1.08 -10.69
CA TYR A 26 -0.83 -0.60 -11.29
C TYR A 26 -2.02 -1.55 -11.02
N PHE A 27 -3.17 -1.19 -11.62
CA PHE A 27 -4.44 -1.87 -11.44
C PHE A 27 -5.26 -1.70 -12.74
N SER A 28 -6.17 -2.64 -12.95
CA SER A 28 -7.07 -2.67 -14.11
C SER A 28 -8.31 -3.51 -13.78
N LYS A 29 -8.10 -4.53 -12.92
CA LYS A 29 -9.12 -5.52 -12.54
C LYS A 29 -8.61 -6.30 -11.29
N ALA A 30 -9.55 -6.95 -10.55
CA ALA A 30 -9.27 -7.53 -9.22
C ALA A 30 -8.25 -8.70 -9.22
N GLU A 31 -8.08 -9.39 -10.37
CA GLU A 31 -7.22 -10.59 -10.49
C GLU A 31 -5.72 -10.21 -10.46
N GLU A 32 -5.35 -9.21 -11.28
CA GLU A 32 -3.99 -8.63 -11.29
C GLU A 32 -3.72 -7.98 -9.93
N ALA A 33 -4.72 -7.25 -9.41
CA ALA A 33 -4.62 -6.56 -8.11
C ALA A 33 -4.22 -7.53 -6.99
N LYS A 34 -4.90 -8.70 -6.95
CA LYS A 34 -4.69 -9.71 -5.88
C LYS A 34 -3.29 -10.37 -6.00
N GLU A 35 -2.81 -10.55 -7.24
CA GLU A 35 -1.45 -11.09 -7.52
C GLU A 35 -0.38 -10.10 -6.99
N LEU A 36 -0.54 -8.84 -7.40
CA LEU A 36 0.37 -7.73 -7.05
C LEU A 36 0.31 -7.41 -5.54
N LEU A 37 -0.85 -7.66 -4.92
CA LEU A 37 -1.07 -7.55 -3.46
C LEU A 37 -0.01 -8.35 -2.68
N LYS A 38 0.22 -9.60 -3.14
CA LYS A 38 1.20 -10.52 -2.55
C LYS A 38 2.60 -9.90 -2.64
N LYS A 39 2.91 -9.34 -3.82
CA LYS A 39 4.23 -8.79 -4.15
C LYS A 39 4.53 -7.51 -3.34
N VAL A 40 3.50 -6.67 -3.12
CA VAL A 40 3.62 -5.43 -2.30
C VAL A 40 3.78 -5.80 -0.81
N ALA A 41 3.13 -6.90 -0.40
CA ALA A 41 3.28 -7.46 0.96
C ALA A 41 4.71 -7.97 1.19
N GLU A 42 5.37 -8.45 0.10
CA GLU A 42 6.80 -8.81 0.14
C GLU A 42 7.67 -7.54 0.25
N LYS A 43 7.42 -6.59 -0.67
CA LYS A 43 8.30 -5.42 -0.93
C LYS A 43 8.23 -4.36 0.19
N ALA A 44 7.06 -4.21 0.81
CA ALA A 44 6.87 -3.32 1.97
C ALA A 44 7.52 -3.94 3.20
N ALA A 45 7.31 -5.27 3.37
CA ALA A 45 7.88 -6.04 4.46
C ALA A 45 9.43 -6.06 4.38
N ASP A 46 9.97 -6.06 3.13
CA ASP A 46 11.43 -5.99 2.86
C ASP A 46 12.03 -4.76 3.53
N LYS A 47 11.36 -3.62 3.33
CA LYS A 47 11.81 -2.31 3.79
C LYS A 47 11.73 -2.17 5.33
N ILE A 48 10.77 -2.88 5.96
CA ILE A 48 10.68 -2.95 7.43
C ILE A 48 11.81 -3.85 8.00
N LYS A 49 12.15 -4.93 7.25
CA LYS A 49 13.26 -5.85 7.60
C LYS A 49 14.62 -5.16 7.30
N LYS A 50 14.59 -4.21 6.34
CA LYS A 50 15.77 -3.45 5.89
C LYS A 50 16.34 -2.60 7.04
N GLN A 51 15.41 -2.05 7.84
CA GLN A 51 15.72 -1.26 9.04
C GLN A 51 14.48 -1.22 9.93
N GLY A 52 13.37 -0.76 9.34
CA GLY A 52 12.13 -0.52 10.06
C GLY A 52 11.58 0.83 9.68
N CYS A 53 11.04 0.91 8.45
CA CYS A 53 10.42 2.14 7.92
C CYS A 53 9.23 2.55 8.81
N LYS A 54 8.42 1.54 9.20
CA LYS A 54 7.27 1.67 10.13
C LYS A 54 6.10 2.51 9.57
N ARG A 55 6.29 3.10 8.37
CA ARG A 55 5.28 3.91 7.70
C ARG A 55 5.31 3.57 6.21
N VAL A 56 4.22 2.99 5.76
CA VAL A 56 3.93 2.71 4.35
C VAL A 56 2.72 3.57 4.00
N LYS A 57 2.77 4.33 2.92
CA LYS A 57 1.64 5.15 2.46
C LYS A 57 1.18 4.61 1.10
N ILE A 58 -0.03 4.08 1.05
CA ILE A 58 -0.61 3.53 -0.18
C ILE A 58 -1.51 4.61 -0.78
N ARG A 59 -1.16 5.09 -1.96
CA ARG A 59 -1.96 6.08 -2.70
C ARG A 59 -2.31 5.45 -4.06
N PHE A 60 -3.45 5.84 -4.63
CA PHE A 60 -3.97 5.26 -5.86
C PHE A 60 -4.93 6.24 -6.50
N GLU A 61 -4.84 6.38 -7.84
CA GLU A 61 -5.64 7.32 -8.63
C GLU A 61 -7.13 7.01 -8.49
N LYS A 62 -7.91 8.01 -8.06
CA LYS A 62 -9.35 7.87 -7.84
C LYS A 62 -10.02 9.15 -8.36
N LYS A 63 -10.45 9.09 -9.63
CA LYS A 63 -11.20 10.17 -10.30
C LYS A 63 -11.61 9.70 -11.70
N GLY A 64 -10.61 9.27 -12.46
CA GLY A 64 -10.80 8.76 -13.83
C GLY A 64 -11.09 7.26 -13.84
N LEU A 65 -12.08 6.85 -13.03
CA LEU A 65 -12.52 5.44 -12.93
C LEU A 65 -14.02 5.36 -12.61
N ASP A 66 -14.59 4.19 -12.89
CA ASP A 66 -15.98 3.86 -12.56
C ASP A 66 -16.06 3.43 -11.07
N ASP A 67 -17.28 3.43 -10.52
CA ASP A 67 -17.56 2.95 -9.14
C ASP A 67 -17.18 1.46 -8.98
N ASP A 68 -17.17 0.72 -10.11
CA ASP A 68 -16.69 -0.67 -10.18
C ASP A 68 -15.18 -0.76 -9.84
N ALA A 69 -14.37 0.01 -10.60
CA ALA A 69 -12.90 0.00 -10.45
C ALA A 69 -12.49 0.53 -9.07
N ARG A 70 -13.20 1.58 -8.62
CA ARG A 70 -13.01 2.19 -7.29
C ARG A 70 -13.31 1.19 -6.18
N LYS A 71 -14.32 0.32 -6.41
CA LYS A 71 -14.78 -0.67 -5.41
C LYS A 71 -13.75 -1.79 -5.23
N LYS A 72 -13.21 -2.30 -6.35
CA LYS A 72 -12.21 -3.39 -6.33
C LYS A 72 -10.88 -2.87 -5.75
N ALA A 73 -10.59 -1.59 -6.03
CA ALA A 73 -9.36 -0.91 -5.61
C ALA A 73 -9.36 -0.52 -4.11
N LYS A 74 -10.53 -0.08 -3.58
CA LYS A 74 -10.65 0.31 -2.16
C LYS A 74 -10.50 -0.93 -1.26
N LYS A 75 -11.14 -2.05 -1.69
CA LYS A 75 -11.05 -3.35 -1.00
C LYS A 75 -9.61 -3.85 -1.04
N TRP A 76 -9.00 -3.75 -2.24
CA TRP A 76 -7.62 -4.16 -2.49
C TRP A 76 -6.64 -3.39 -1.58
N ALA A 77 -6.79 -2.06 -1.52
CA ALA A 77 -5.89 -1.17 -0.75
C ALA A 77 -5.94 -1.48 0.76
N LEU A 78 -7.13 -1.90 1.23
CA LEU A 78 -7.36 -2.33 2.62
C LEU A 78 -6.77 -3.74 2.87
N GLU A 79 -6.88 -4.63 1.85
CA GLU A 79 -6.38 -6.02 1.94
C GLU A 79 -4.83 -6.06 1.94
N VAL A 80 -4.20 -5.16 1.14
CA VAL A 80 -2.75 -4.96 1.10
C VAL A 80 -2.28 -4.39 2.46
N ALA A 81 -3.04 -3.39 2.94
CA ALA A 81 -2.80 -2.72 4.23
C ALA A 81 -2.84 -3.72 5.41
N ASN A 82 -3.82 -4.63 5.39
CA ASN A 82 -4.02 -5.66 6.43
C ASN A 82 -3.01 -6.80 6.27
N LYS A 83 -2.57 -7.04 5.02
CA LYS A 83 -1.60 -8.11 4.69
C LYS A 83 -0.23 -7.75 5.26
N ILE A 84 0.16 -6.47 5.07
CA ILE A 84 1.42 -5.88 5.58
C ILE A 84 1.36 -5.73 7.12
N ALA A 85 0.16 -5.39 7.67
CA ALA A 85 -0.08 -5.31 9.13
C ALA A 85 0.13 -6.68 9.80
N ASN A 86 -0.42 -7.71 9.14
CA ASN A 86 -0.32 -9.12 9.57
C ASN A 86 1.14 -9.61 9.47
N GLU A 87 1.79 -9.18 8.37
CA GLU A 87 3.13 -9.63 7.94
C GLU A 87 4.18 -9.35 9.04
N LEU A 88 4.16 -8.12 9.56
CA LEU A 88 5.09 -7.66 10.60
C LEU A 88 4.51 -7.87 12.02
N GLY A 89 3.23 -8.26 12.10
CA GLY A 89 2.54 -8.45 13.38
C GLY A 89 2.30 -7.14 14.13
N ALA A 90 2.19 -6.05 13.35
CA ALA A 90 2.02 -4.67 13.86
C ALA A 90 0.55 -4.22 13.72
N LYS A 91 0.30 -2.92 13.98
CA LYS A 91 -1.06 -2.35 13.97
C LYS A 91 -1.58 -2.18 12.52
N GLN A 92 -2.93 -2.13 12.41
CA GLN A 92 -3.67 -1.93 11.15
C GLN A 92 -3.49 -0.48 10.62
N SER A 93 -4.19 -0.19 9.51
CA SER A 93 -4.00 1.03 8.73
C SER A 93 -5.20 1.98 8.86
N THR A 94 -4.93 3.28 8.70
CA THR A 94 -5.95 4.31 8.59
C THR A 94 -6.18 4.62 7.09
N THR A 95 -7.44 4.81 6.70
CA THR A 95 -7.82 5.05 5.29
C THR A 95 -8.44 6.46 5.14
N THR A 96 -8.20 7.05 3.95
CA THR A 96 -8.65 8.39 3.58
C THR A 96 -9.44 8.27 2.26
N THR A 97 -10.76 8.47 2.32
CA THR A 97 -11.67 8.29 1.17
C THR A 97 -11.99 9.69 0.57
N ASP A 98 -11.64 9.87 -0.72
CA ASP A 98 -11.84 11.14 -1.47
C ASP A 98 -10.89 12.26 -0.94
N GLY A 99 -10.92 13.45 -1.57
CA GLY A 99 -10.07 14.59 -1.17
C GLY A 99 -8.79 14.61 -1.99
N ASP A 100 -8.97 14.57 -3.33
CA ASP A 100 -7.89 14.45 -4.32
C ASP A 100 -7.13 13.12 -4.15
N THR A 101 -7.50 12.11 -4.98
CA THR A 101 -6.87 10.78 -5.02
C THR A 101 -7.23 9.93 -3.76
N PHE A 102 -7.24 8.59 -3.89
CA PHE A 102 -7.53 7.67 -2.75
C PHE A 102 -6.22 7.30 -2.03
N GLU A 103 -6.22 7.28 -0.69
CA GLU A 103 -4.99 7.04 0.11
C GLU A 103 -5.28 6.24 1.40
N VAL A 104 -4.68 5.04 1.53
CA VAL A 104 -4.71 4.21 2.76
C VAL A 104 -3.30 4.17 3.35
N GLU A 105 -3.09 4.82 4.49
CA GLU A 105 -1.76 4.87 5.13
C GLU A 105 -1.65 3.76 6.19
N VAL A 106 -0.61 2.92 6.01
CA VAL A 106 -0.30 1.77 6.87
C VAL A 106 0.75 2.19 7.92
N ILE A 107 0.32 2.30 9.19
CA ILE A 107 1.21 2.64 10.30
C ILE A 107 1.57 1.36 11.07
N LEU A 108 2.74 0.81 10.73
CA LEU A 108 3.29 -0.39 11.38
C LEU A 108 4.08 0.01 12.63
N GLU A 109 3.48 -0.21 13.81
CA GLU A 109 4.15 0.07 15.09
C GLU A 109 4.79 -1.23 15.61
N LEU A 110 6.15 -1.28 15.57
CA LEU A 110 6.95 -2.44 16.05
C LEU A 110 7.76 -2.04 17.30
N GLU A 111 7.16 -1.17 18.14
CA GLU A 111 7.67 -0.80 19.50
C GLU A 111 7.97 -2.06 20.32
N HIS A 112 7.11 -3.07 20.16
CA HIS A 112 7.27 -4.40 20.75
C HIS A 112 7.91 -5.32 19.72
N HIS A 113 8.78 -6.23 20.18
CA HIS A 113 9.56 -7.14 19.31
C HIS A 113 8.65 -8.16 18.58
N HIS A 114 7.45 -8.40 19.17
CA HIS A 114 6.37 -9.28 18.63
C HIS A 114 6.71 -10.77 18.83
N HIS A 115 7.92 -11.16 18.42
CA HIS A 115 8.48 -12.49 18.66
C HIS A 115 8.97 -12.58 20.12
N HIS A 116 8.23 -13.32 20.94
CA HIS A 116 8.52 -13.48 22.40
C HIS A 116 8.51 -14.97 22.76
N HIS A 117 8.54 -15.29 24.07
CA HIS A 117 8.40 -16.67 24.58
C HIS A 117 7.37 -16.68 25.73
N MET A 1 -9.95 -6.90 -22.34
CA MET A 1 -10.00 -6.37 -20.96
C MET A 1 -9.14 -5.08 -20.83
N ALA A 2 -8.98 -4.37 -21.98
CA ALA A 2 -8.23 -3.11 -22.03
C ALA A 2 -9.04 -1.97 -21.40
N GLY A 3 -8.94 -1.85 -20.06
CA GLY A 3 -9.66 -0.83 -19.30
C GLY A 3 -9.07 0.55 -19.49
N LYS A 4 -8.07 0.87 -18.67
CA LYS A 4 -7.30 2.12 -18.75
C LYS A 4 -6.12 2.06 -17.76
N GLU A 5 -5.19 3.03 -17.86
CA GLU A 5 -4.08 3.17 -16.92
C GLU A 5 -4.56 3.79 -15.60
N LEU A 6 -5.04 2.94 -14.68
CA LEU A 6 -5.32 3.33 -13.29
C LEU A 6 -3.98 3.39 -12.54
N ARG A 7 -3.43 4.62 -12.40
CA ARG A 7 -2.09 4.84 -11.85
C ARG A 7 -2.10 4.83 -10.32
N VAL A 8 -1.34 3.89 -9.73
CA VAL A 8 -1.13 3.80 -8.27
C VAL A 8 0.25 4.40 -7.92
N GLU A 9 0.34 5.13 -6.81
CA GLU A 9 1.61 5.48 -6.20
C GLU A 9 1.64 4.86 -4.81
N ILE A 10 2.20 3.65 -4.67
CA ILE A 10 2.33 3.01 -3.36
C ILE A 10 3.74 3.36 -2.86
N LYS A 11 3.84 4.24 -1.86
CA LYS A 11 5.12 4.82 -1.41
C LYS A 11 5.45 4.33 0.01
N ILE A 12 6.63 3.74 0.19
CA ILE A 12 7.12 3.32 1.52
C ILE A 12 8.02 4.40 2.10
N ASP A 13 7.84 4.71 3.38
CA ASP A 13 8.64 5.70 4.10
C ASP A 13 9.41 5.00 5.22
N CYS A 14 10.75 5.08 5.18
CA CYS A 14 11.63 4.43 6.15
C CYS A 14 12.28 5.48 7.06
N GLY A 15 12.73 5.04 8.26
CA GLY A 15 13.41 5.90 9.22
C GLY A 15 14.85 6.16 8.82
N ASN A 16 15.10 7.32 8.21
CA ASN A 16 16.46 7.83 7.84
C ASN A 16 17.14 7.03 6.72
N ASP A 17 16.48 6.00 6.18
CA ASP A 17 16.99 5.25 5.02
C ASP A 17 16.58 6.02 3.76
N ASP A 18 17.41 7.03 3.43
CA ASP A 18 17.12 8.05 2.41
C ASP A 18 17.04 7.47 0.98
N LYS A 19 15.86 6.93 0.67
CA LYS A 19 15.49 6.46 -0.67
C LYS A 19 14.00 6.15 -0.64
N GLU A 20 13.23 6.84 -1.50
CA GLU A 20 11.80 6.59 -1.64
C GLU A 20 11.57 5.29 -2.43
N THR A 21 10.48 4.57 -2.14
CA THR A 21 10.13 3.34 -2.85
C THR A 21 8.66 3.41 -3.27
N THR A 22 8.43 3.66 -4.57
CA THR A 22 7.09 3.70 -5.16
C THR A 22 6.89 2.48 -6.07
N TYR A 23 5.70 1.86 -5.98
CA TYR A 23 5.38 0.67 -6.78
C TYR A 23 4.44 1.09 -7.93
N ASP A 24 4.87 0.76 -9.15
CA ASP A 24 4.12 1.04 -10.38
C ASP A 24 3.36 -0.21 -10.79
N LEU A 25 2.02 -0.14 -10.74
CA LEU A 25 1.15 -1.22 -11.20
C LEU A 25 -0.17 -0.64 -11.67
N TYR A 26 -0.89 -1.46 -12.44
CA TYR A 26 -2.10 -1.08 -13.15
C TYR A 26 -3.15 -2.18 -12.98
N PHE A 27 -4.29 -1.80 -12.40
CA PHE A 27 -5.48 -2.63 -12.35
C PHE A 27 -6.05 -2.77 -13.78
N SER A 28 -5.63 -3.85 -14.46
CA SER A 28 -6.20 -4.25 -15.77
C SER A 28 -7.46 -5.11 -15.56
N LYS A 29 -7.44 -5.89 -14.47
CA LYS A 29 -8.51 -6.81 -14.08
C LYS A 29 -8.28 -7.23 -12.61
N ALA A 30 -9.34 -7.74 -11.94
CA ALA A 30 -9.30 -8.10 -10.50
C ALA A 30 -8.29 -9.22 -10.18
N GLU A 31 -8.14 -10.17 -11.13
CA GLU A 31 -7.17 -11.28 -11.00
C GLU A 31 -5.72 -10.77 -11.09
N GLU A 32 -5.51 -9.75 -11.93
CA GLU A 32 -4.17 -9.13 -12.09
C GLU A 32 -3.80 -8.41 -10.79
N ALA A 33 -4.73 -7.57 -10.29
CA ALA A 33 -4.57 -6.80 -9.04
C ALA A 33 -4.25 -7.71 -7.85
N LYS A 34 -4.86 -8.91 -7.84
CA LYS A 34 -4.69 -9.93 -6.78
C LYS A 34 -3.20 -10.38 -6.66
N GLU A 35 -2.53 -10.51 -7.81
CA GLU A 35 -1.11 -10.91 -7.87
C GLU A 35 -0.20 -9.74 -7.44
N LEU A 36 -0.57 -8.52 -7.89
CA LEU A 36 0.12 -7.27 -7.53
C LEU A 36 0.00 -6.98 -6.02
N LEU A 37 -1.12 -7.40 -5.43
CA LEU A 37 -1.38 -7.32 -3.97
C LEU A 37 -0.29 -8.03 -3.18
N LYS A 38 0.07 -9.24 -3.66
CA LYS A 38 1.06 -10.11 -3.01
C LYS A 38 2.48 -9.54 -3.17
N LYS A 39 2.77 -9.00 -4.38
CA LYS A 39 4.07 -8.37 -4.71
C LYS A 39 4.35 -7.16 -3.78
N VAL A 40 3.36 -6.26 -3.67
CA VAL A 40 3.48 -5.05 -2.84
C VAL A 40 3.58 -5.44 -1.34
N ALA A 41 2.79 -6.44 -0.93
CA ALA A 41 2.75 -6.91 0.48
C ALA A 41 4.11 -7.42 0.97
N GLU A 42 4.75 -8.29 0.17
CA GLU A 42 6.05 -8.90 0.53
C GLU A 42 7.21 -7.87 0.46
N LYS A 43 7.19 -7.00 -0.56
CA LYS A 43 8.27 -6.02 -0.81
C LYS A 43 8.20 -4.84 0.16
N ALA A 44 6.98 -4.47 0.60
CA ALA A 44 6.76 -3.40 1.60
C ALA A 44 7.14 -3.90 3.00
N ALA A 45 6.86 -5.19 3.25
CA ALA A 45 7.31 -5.89 4.46
C ALA A 45 8.85 -6.06 4.43
N ASP A 46 9.42 -6.15 3.21
CA ASP A 46 10.87 -6.35 2.98
C ASP A 46 11.64 -5.09 3.37
N LYS A 47 11.01 -3.94 3.11
CA LYS A 47 11.52 -2.63 3.54
C LYS A 47 11.70 -2.58 5.07
N ILE A 48 10.71 -3.11 5.78
CA ILE A 48 10.68 -3.16 7.24
C ILE A 48 11.67 -4.25 7.78
N LYS A 49 11.86 -5.34 6.98
CA LYS A 49 12.81 -6.44 7.31
C LYS A 49 14.27 -5.94 7.50
N LYS A 50 14.71 -4.95 6.68
CA LYS A 50 16.09 -4.39 6.79
C LYS A 50 16.19 -3.42 7.98
N GLN A 51 15.11 -2.66 8.18
CA GLN A 51 15.01 -1.59 9.19
C GLN A 51 13.55 -1.10 9.18
N GLY A 52 12.97 -0.92 10.39
CA GLY A 52 11.54 -0.64 10.55
C GLY A 52 11.03 0.59 9.79
N CYS A 53 10.52 0.35 8.56
CA CYS A 53 9.81 1.38 7.77
C CYS A 53 8.38 1.51 8.33
N LYS A 54 8.30 2.11 9.52
CA LYS A 54 7.09 2.09 10.36
C LYS A 54 6.03 3.14 9.97
N ARG A 55 6.19 3.72 8.75
CA ARG A 55 5.16 4.51 8.07
C ARG A 55 5.11 4.09 6.59
N VAL A 56 3.97 3.54 6.17
CA VAL A 56 3.68 3.23 4.76
C VAL A 56 2.60 4.22 4.28
N LYS A 57 2.70 4.63 3.02
CA LYS A 57 1.74 5.54 2.38
C LYS A 57 1.21 4.85 1.11
N ILE A 58 -0.08 4.52 1.08
CA ILE A 58 -0.74 3.98 -0.12
C ILE A 58 -1.54 5.14 -0.76
N ARG A 59 -1.19 5.49 -1.99
CA ARG A 59 -1.90 6.53 -2.76
C ARG A 59 -2.34 5.94 -4.11
N PHE A 60 -3.42 6.49 -4.66
CA PHE A 60 -4.02 6.00 -5.90
C PHE A 60 -4.78 7.15 -6.60
N GLU A 61 -4.61 7.19 -7.93
CA GLU A 61 -5.16 8.23 -8.79
C GLU A 61 -6.51 7.78 -9.37
N LYS A 62 -7.56 8.52 -9.02
CA LYS A 62 -8.94 8.31 -9.51
C LYS A 62 -9.78 9.55 -9.16
N LYS A 63 -10.91 9.72 -9.85
CA LYS A 63 -11.87 10.80 -9.60
C LYS A 63 -13.25 10.32 -10.08
N GLY A 64 -13.30 9.99 -11.37
CA GLY A 64 -14.49 9.46 -12.01
C GLY A 64 -14.16 8.16 -12.72
N LEU A 65 -14.50 7.02 -12.08
CA LEU A 65 -14.29 5.68 -12.63
C LEU A 65 -15.52 4.81 -12.38
N ASP A 66 -15.56 3.65 -13.02
CA ASP A 66 -16.62 2.66 -12.89
C ASP A 66 -16.69 2.12 -11.44
N ASP A 67 -17.92 1.80 -11.01
CA ASP A 67 -18.23 1.32 -9.64
C ASP A 67 -17.33 0.15 -9.20
N ASP A 68 -17.06 -0.77 -10.15
CA ASP A 68 -16.33 -2.01 -9.88
C ASP A 68 -14.85 -1.71 -9.68
N ALA A 69 -14.27 -0.92 -10.62
CA ALA A 69 -12.86 -0.49 -10.55
C ALA A 69 -12.54 0.27 -9.26
N ARG A 70 -13.53 1.06 -8.79
CA ARG A 70 -13.47 1.81 -7.53
C ARG A 70 -13.46 0.85 -6.33
N LYS A 71 -14.42 -0.08 -6.33
CA LYS A 71 -14.65 -1.07 -5.25
C LYS A 71 -13.42 -1.98 -5.05
N LYS A 72 -12.84 -2.44 -6.18
CA LYS A 72 -11.69 -3.36 -6.19
C LYS A 72 -10.46 -2.67 -5.60
N ALA A 73 -10.12 -1.50 -6.16
CA ALA A 73 -8.89 -0.74 -5.81
C ALA A 73 -8.94 -0.20 -4.37
N LYS A 74 -10.17 0.13 -3.90
CA LYS A 74 -10.42 0.65 -2.55
C LYS A 74 -10.10 -0.43 -1.49
N LYS A 75 -10.71 -1.62 -1.65
CA LYS A 75 -10.56 -2.73 -0.69
C LYS A 75 -9.16 -3.38 -0.82
N TRP A 76 -8.60 -3.34 -2.04
CA TRP A 76 -7.26 -3.89 -2.38
C TRP A 76 -6.19 -3.31 -1.43
N ALA A 77 -6.17 -1.97 -1.36
CA ALA A 77 -5.21 -1.20 -0.54
C ALA A 77 -5.28 -1.58 0.94
N LEU A 78 -6.52 -1.82 1.40
CA LEU A 78 -6.82 -2.21 2.79
C LEU A 78 -6.29 -3.62 3.08
N GLU A 79 -6.49 -4.56 2.13
CA GLU A 79 -6.04 -5.96 2.24
C GLU A 79 -4.51 -6.05 2.28
N VAL A 80 -3.83 -5.27 1.42
CA VAL A 80 -2.36 -5.15 1.38
C VAL A 80 -1.84 -4.69 2.75
N ALA A 81 -2.49 -3.63 3.27
CA ALA A 81 -2.13 -2.98 4.55
C ALA A 81 -2.13 -3.98 5.74
N ASN A 82 -3.25 -4.72 5.87
CA ASN A 82 -3.44 -5.71 6.95
C ASN A 82 -2.56 -6.97 6.75
N LYS A 83 -2.22 -7.28 5.48
CA LYS A 83 -1.37 -8.44 5.13
C LYS A 83 0.04 -8.23 5.73
N ILE A 84 0.60 -7.03 5.50
CA ILE A 84 1.93 -6.61 6.00
C ILE A 84 1.94 -6.57 7.54
N ALA A 85 0.83 -6.04 8.11
CA ALA A 85 0.61 -5.94 9.58
C ALA A 85 0.58 -7.33 10.25
N ASN A 86 0.08 -8.33 9.50
CA ASN A 86 -0.05 -9.73 9.97
C ASN A 86 1.33 -10.37 10.07
N GLU A 87 2.15 -10.14 9.04
CA GLU A 87 3.49 -10.73 8.90
C GLU A 87 4.45 -10.27 10.02
N LEU A 88 4.41 -8.96 10.29
CA LEU A 88 5.44 -8.29 11.12
C LEU A 88 4.97 -8.13 12.59
N GLY A 89 3.67 -8.35 12.83
CA GLY A 89 3.07 -8.13 14.15
C GLY A 89 3.04 -6.64 14.47
N ALA A 90 2.20 -5.94 13.70
CA ALA A 90 2.16 -4.48 13.66
C ALA A 90 0.71 -3.97 13.83
N LYS A 91 0.51 -2.64 13.64
CA LYS A 91 -0.77 -1.97 13.94
C LYS A 91 -1.67 -1.87 12.69
N GLN A 92 -2.76 -1.09 12.79
CA GLN A 92 -3.74 -0.90 11.69
C GLN A 92 -3.39 0.34 10.83
N SER A 93 -4.26 0.64 9.86
CA SER A 93 -4.04 1.71 8.88
C SER A 93 -5.11 2.80 9.04
N THR A 94 -4.70 4.07 8.86
CA THR A 94 -5.64 5.19 8.80
C THR A 94 -5.97 5.46 7.32
N THR A 95 -7.24 5.26 6.97
CA THR A 95 -7.74 5.34 5.59
C THR A 95 -8.58 6.61 5.40
N THR A 96 -8.36 7.31 4.27
CA THR A 96 -9.22 8.40 3.81
C THR A 96 -9.58 8.13 2.34
N THR A 97 -10.84 7.76 2.09
CA THR A 97 -11.38 7.52 0.75
C THR A 97 -12.33 8.67 0.38
N ASP A 98 -12.03 9.37 -0.71
CA ASP A 98 -12.77 10.57 -1.14
C ASP A 98 -12.71 10.68 -2.66
N GLY A 99 -13.75 11.30 -3.26
CA GLY A 99 -13.88 11.44 -4.71
C GLY A 99 -12.71 12.14 -5.40
N ASP A 100 -12.05 13.04 -4.63
CA ASP A 100 -10.89 13.83 -5.10
C ASP A 100 -9.69 12.88 -5.38
N THR A 101 -9.17 12.24 -4.31
CA THR A 101 -8.02 11.31 -4.36
C THR A 101 -8.20 10.19 -3.30
N PHE A 102 -7.69 8.99 -3.61
CA PHE A 102 -7.72 7.84 -2.69
C PHE A 102 -6.34 7.66 -2.03
N GLU A 103 -6.30 7.75 -0.68
CA GLU A 103 -5.04 7.61 0.10
C GLU A 103 -5.29 6.89 1.45
N VAL A 104 -4.61 5.74 1.65
CA VAL A 104 -4.61 4.97 2.92
C VAL A 104 -3.16 4.93 3.48
N GLU A 105 -2.89 5.62 4.61
CA GLU A 105 -1.56 5.57 5.25
C GLU A 105 -1.57 4.47 6.31
N VAL A 106 -0.63 3.53 6.17
CA VAL A 106 -0.54 2.35 7.02
C VAL A 106 0.51 2.62 8.11
N ILE A 107 0.06 2.86 9.34
CA ILE A 107 0.95 3.19 10.46
C ILE A 107 1.21 1.91 11.25
N LEU A 108 2.37 1.29 10.97
CA LEU A 108 2.80 0.06 11.62
C LEU A 108 3.82 0.42 12.69
N GLU A 109 3.41 0.49 13.95
CA GLU A 109 4.30 0.90 15.06
C GLU A 109 5.04 -0.33 15.61
N LEU A 110 6.27 -0.56 15.10
CA LEU A 110 7.14 -1.63 15.60
C LEU A 110 8.01 -1.09 16.74
N GLU A 111 7.73 -1.55 17.97
CA GLU A 111 8.53 -1.24 19.17
C GLU A 111 8.76 -2.54 19.96
N HIS A 112 7.67 -3.11 20.50
CA HIS A 112 7.71 -4.42 21.17
C HIS A 112 6.85 -5.42 20.40
N HIS A 113 7.52 -6.28 19.63
CA HIS A 113 6.90 -7.34 18.85
C HIS A 113 7.94 -8.44 18.65
N HIS A 114 7.52 -9.70 18.79
CA HIS A 114 8.39 -10.86 18.59
C HIS A 114 7.55 -11.99 17.99
N HIS A 115 7.85 -12.34 16.74
CA HIS A 115 7.17 -13.40 15.99
C HIS A 115 8.20 -14.10 15.08
N HIS A 116 8.90 -13.27 14.27
CA HIS A 116 9.91 -13.69 13.28
C HIS A 116 9.27 -14.54 12.16
N HIS A 117 9.41 -14.08 10.90
CA HIS A 117 8.93 -14.81 9.72
C HIS A 117 9.64 -16.18 9.61
N MET A 1 -5.53 0.12 -25.90
CA MET A 1 -6.42 -1.04 -25.67
C MET A 1 -7.25 -0.83 -24.39
N ALA A 2 -6.54 -0.52 -23.28
CA ALA A 2 -7.18 -0.11 -22.01
C ALA A 2 -7.75 1.30 -22.15
N GLY A 3 -9.10 1.42 -22.06
CA GLY A 3 -9.79 2.72 -22.19
C GLY A 3 -9.36 3.72 -21.13
N LYS A 4 -9.07 3.20 -19.93
CA LYS A 4 -8.54 3.98 -18.81
C LYS A 4 -7.57 3.12 -17.99
N GLU A 5 -6.36 3.65 -17.78
CA GLU A 5 -5.35 3.02 -16.92
C GLU A 5 -5.40 3.70 -15.54
N LEU A 6 -5.87 2.95 -14.55
CA LEU A 6 -6.04 3.42 -13.17
C LEU A 6 -4.66 3.38 -12.49
N ARG A 7 -4.03 4.56 -12.34
CA ARG A 7 -2.66 4.69 -11.84
C ARG A 7 -2.63 4.48 -10.32
N VAL A 8 -1.76 3.59 -9.85
CA VAL A 8 -1.60 3.27 -8.42
C VAL A 8 -0.15 3.53 -8.02
N GLU A 9 0.08 4.56 -7.22
CA GLU A 9 1.41 4.88 -6.69
C GLU A 9 1.53 4.33 -5.26
N ILE A 10 2.17 3.16 -5.10
CA ILE A 10 2.39 2.58 -3.77
C ILE A 10 3.74 3.10 -3.25
N LYS A 11 3.69 3.91 -2.20
CA LYS A 11 4.87 4.64 -1.68
C LYS A 11 5.26 4.04 -0.32
N ILE A 12 6.44 3.40 -0.25
CA ILE A 12 6.99 2.85 1.00
C ILE A 12 8.05 3.82 1.53
N ASP A 13 7.92 4.27 2.79
CA ASP A 13 8.87 5.18 3.42
C ASP A 13 9.47 4.51 4.68
N CYS A 14 10.69 3.98 4.55
CA CYS A 14 11.35 3.22 5.63
C CYS A 14 12.52 4.03 6.22
N GLY A 15 12.29 4.58 7.43
CA GLY A 15 13.32 5.25 8.21
C GLY A 15 13.56 6.70 7.77
N ASN A 16 14.79 6.99 7.29
CA ASN A 16 15.22 8.34 6.92
C ASN A 16 16.47 8.27 6.02
N ASP A 17 17.50 7.50 6.43
CA ASP A 17 18.78 7.39 5.69
C ASP A 17 18.75 6.15 4.77
N ASP A 18 17.74 6.11 3.91
CA ASP A 18 17.50 5.02 2.95
C ASP A 18 16.61 5.53 1.82
N LYS A 19 16.97 5.17 0.57
CA LYS A 19 16.19 5.52 -0.62
C LYS A 19 14.82 4.80 -0.62
N GLU A 20 13.76 5.62 -0.52
CA GLU A 20 12.36 5.14 -0.50
C GLU A 20 11.96 4.43 -1.82
N THR A 21 11.03 3.47 -1.72
CA THR A 21 10.66 2.58 -2.83
C THR A 21 9.21 2.82 -3.20
N THR A 22 8.98 3.31 -4.41
CA THR A 22 7.67 3.75 -4.89
C THR A 22 7.35 3.08 -6.24
N TYR A 23 6.22 2.35 -6.27
CA TYR A 23 5.81 1.54 -7.42
C TYR A 23 4.66 2.25 -8.15
N ASP A 24 4.80 2.44 -9.47
CA ASP A 24 3.70 2.91 -10.32
C ASP A 24 3.18 1.71 -11.10
N LEU A 25 2.10 1.13 -10.60
CA LEU A 25 1.43 -0.02 -11.22
C LEU A 25 0.02 0.41 -11.66
N TYR A 26 -0.48 -0.15 -12.75
CA TYR A 26 -1.84 0.16 -13.24
C TYR A 26 -2.80 -0.94 -12.79
N PHE A 27 -3.76 -0.58 -11.93
CA PHE A 27 -4.87 -1.46 -11.56
C PHE A 27 -5.88 -1.47 -12.71
N SER A 28 -5.70 -2.46 -13.56
CA SER A 28 -6.76 -2.91 -14.44
C SER A 28 -7.74 -3.75 -13.59
N LYS A 29 -9.04 -3.40 -13.66
CA LYS A 29 -10.15 -4.17 -13.03
C LYS A 29 -10.06 -5.67 -13.42
N ALA A 30 -9.24 -6.43 -12.68
CA ALA A 30 -8.76 -7.74 -13.13
C ALA A 30 -8.07 -8.52 -12.00
N GLU A 31 -7.65 -9.76 -12.33
CA GLU A 31 -6.81 -10.62 -11.47
C GLU A 31 -5.41 -9.98 -11.25
N GLU A 32 -5.01 -9.13 -12.22
CA GLU A 32 -3.72 -8.41 -12.24
C GLU A 32 -3.48 -7.65 -10.93
N ALA A 33 -4.56 -7.04 -10.41
CA ALA A 33 -4.55 -6.28 -9.15
C ALA A 33 -4.01 -7.13 -7.99
N LYS A 34 -4.59 -8.33 -7.84
CA LYS A 34 -4.26 -9.30 -6.77
C LYS A 34 -2.79 -9.78 -6.88
N GLU A 35 -2.25 -9.80 -8.11
CA GLU A 35 -0.87 -10.22 -8.37
C GLU A 35 0.13 -9.11 -7.96
N LEU A 36 -0.24 -7.83 -8.20
CA LEU A 36 0.53 -6.64 -7.74
C LEU A 36 0.51 -6.55 -6.19
N LEU A 37 -0.63 -6.97 -5.60
CA LEU A 37 -0.80 -7.09 -4.13
C LEU A 37 0.29 -7.99 -3.54
N LYS A 38 0.50 -9.15 -4.19
CA LYS A 38 1.48 -10.17 -3.78
C LYS A 38 2.92 -9.63 -3.82
N LYS A 39 3.21 -8.84 -4.87
CA LYS A 39 4.52 -8.23 -5.09
C LYS A 39 4.86 -7.24 -3.96
N VAL A 40 3.94 -6.28 -3.74
CA VAL A 40 4.11 -5.19 -2.76
C VAL A 40 4.17 -5.72 -1.31
N ALA A 41 3.40 -6.79 -1.03
CA ALA A 41 3.22 -7.35 0.32
C ALA A 41 4.56 -7.77 0.95
N GLU A 42 5.31 -8.61 0.23
CA GLU A 42 6.59 -9.16 0.70
C GLU A 42 7.72 -8.13 0.56
N LYS A 43 7.62 -7.25 -0.46
CA LYS A 43 8.58 -6.14 -0.71
C LYS A 43 8.64 -5.16 0.48
N ALA A 44 7.47 -4.82 1.01
CA ALA A 44 7.34 -3.91 2.16
C ALA A 44 7.76 -4.62 3.47
N ALA A 45 7.59 -5.96 3.50
CA ALA A 45 8.05 -6.79 4.63
C ALA A 45 9.59 -6.83 4.70
N ASP A 46 10.25 -6.71 3.52
CA ASP A 46 11.73 -6.53 3.42
C ASP A 46 12.17 -5.21 4.07
N LYS A 47 11.28 -4.20 4.01
CA LYS A 47 11.51 -2.86 4.60
C LYS A 47 11.36 -2.91 6.12
N ILE A 48 10.37 -3.70 6.61
CA ILE A 48 10.15 -3.91 8.06
C ILE A 48 11.37 -4.66 8.66
N LYS A 49 11.94 -5.56 7.82
CA LYS A 49 13.14 -6.36 8.13
C LYS A 49 14.35 -5.47 8.52
N LYS A 50 14.40 -4.24 7.97
CA LYS A 50 15.45 -3.26 8.32
C LYS A 50 15.25 -2.73 9.75
N GLN A 51 14.03 -2.25 10.07
CA GLN A 51 13.66 -1.72 11.41
C GLN A 51 12.19 -2.02 11.73
N GLY A 52 11.25 -1.31 11.06
CA GLY A 52 9.83 -1.46 11.38
C GLY A 52 8.91 -0.64 10.48
N CYS A 53 9.45 0.47 9.91
CA CYS A 53 8.74 1.36 8.96
C CYS A 53 7.46 1.95 9.57
N LYS A 54 7.59 3.14 10.19
CA LYS A 54 6.48 3.80 10.91
C LYS A 54 5.57 4.58 9.96
N ARG A 55 5.79 4.46 8.64
CA ARG A 55 5.00 5.15 7.64
C ARG A 55 5.07 4.42 6.28
N VAL A 56 3.90 3.93 5.86
CA VAL A 56 3.65 3.40 4.52
C VAL A 56 2.46 4.18 3.97
N LYS A 57 2.51 4.56 2.68
CA LYS A 57 1.46 5.37 2.04
C LYS A 57 1.06 4.71 0.74
N ILE A 58 -0.20 4.30 0.64
CA ILE A 58 -0.79 3.74 -0.58
C ILE A 58 -1.55 4.88 -1.25
N ARG A 59 -1.16 5.26 -2.47
CA ARG A 59 -1.86 6.28 -3.27
C ARG A 59 -2.44 5.61 -4.52
N PHE A 60 -3.59 6.11 -4.96
CA PHE A 60 -4.32 5.56 -6.10
C PHE A 60 -5.15 6.69 -6.72
N GLU A 61 -5.15 6.75 -8.04
CA GLU A 61 -5.85 7.79 -8.82
C GLU A 61 -7.28 7.33 -9.07
N LYS A 62 -8.23 8.01 -8.41
CA LYS A 62 -9.64 7.70 -8.56
C LYS A 62 -10.31 8.55 -9.67
N LYS A 63 -9.48 9.24 -10.47
CA LYS A 63 -9.94 10.14 -11.51
C LYS A 63 -10.52 9.34 -12.69
N GLY A 64 -11.86 9.42 -12.84
CA GLY A 64 -12.57 8.86 -13.98
C GLY A 64 -12.56 7.33 -14.03
N LEU A 65 -13.27 6.71 -13.07
CA LEU A 65 -13.48 5.25 -13.04
C LEU A 65 -14.87 4.91 -12.48
N ASP A 66 -15.27 3.62 -12.60
CA ASP A 66 -16.49 3.10 -11.95
C ASP A 66 -16.29 3.07 -10.44
N ASP A 67 -17.33 3.39 -9.66
CA ASP A 67 -17.26 3.31 -8.18
C ASP A 67 -17.07 1.85 -7.73
N ASP A 68 -17.47 0.92 -8.62
CA ASP A 68 -17.20 -0.52 -8.50
C ASP A 68 -15.68 -0.76 -8.49
N ALA A 69 -14.96 -0.08 -9.42
CA ALA A 69 -13.49 -0.15 -9.52
C ALA A 69 -12.82 0.39 -8.25
N ARG A 70 -13.40 1.49 -7.69
CA ARG A 70 -12.94 2.10 -6.43
C ARG A 70 -13.18 1.16 -5.24
N LYS A 71 -14.33 0.45 -5.26
CA LYS A 71 -14.78 -0.41 -4.16
C LYS A 71 -13.93 -1.68 -4.06
N LYS A 72 -13.58 -2.24 -5.22
CA LYS A 72 -12.70 -3.43 -5.31
C LYS A 72 -11.22 -3.03 -5.10
N ALA A 73 -10.87 -1.77 -5.47
CA ALA A 73 -9.55 -1.17 -5.16
C ALA A 73 -9.43 -0.84 -3.67
N LYS A 74 -10.60 -0.57 -3.05
CA LYS A 74 -10.73 -0.36 -1.59
C LYS A 74 -10.42 -1.67 -0.87
N LYS A 75 -11.11 -2.75 -1.32
CA LYS A 75 -10.89 -4.12 -0.82
C LYS A 75 -9.41 -4.53 -0.98
N TRP A 76 -8.87 -4.25 -2.18
CA TRP A 76 -7.48 -4.56 -2.56
C TRP A 76 -6.48 -3.87 -1.61
N ALA A 77 -6.61 -2.53 -1.48
CA ALA A 77 -5.69 -1.69 -0.70
C ALA A 77 -5.76 -1.98 0.81
N LEU A 78 -6.95 -2.41 1.27
CA LEU A 78 -7.15 -2.91 2.64
C LEU A 78 -6.37 -4.22 2.84
N GLU A 79 -6.50 -5.15 1.87
CA GLU A 79 -5.82 -6.46 1.89
C GLU A 79 -4.29 -6.28 1.84
N VAL A 80 -3.82 -5.28 1.07
CA VAL A 80 -2.39 -4.90 1.01
C VAL A 80 -1.93 -4.40 2.39
N ALA A 81 -2.71 -3.47 2.95
CA ALA A 81 -2.44 -2.84 4.26
C ALA A 81 -2.32 -3.89 5.39
N ASN A 82 -3.22 -4.90 5.34
CA ASN A 82 -3.23 -6.03 6.28
C ASN A 82 -2.09 -7.02 5.96
N LYS A 83 -1.68 -7.12 4.69
CA LYS A 83 -0.55 -8.01 4.28
C LYS A 83 0.80 -7.46 4.79
N ILE A 84 0.89 -6.15 4.90
CA ILE A 84 2.06 -5.48 5.50
C ILE A 84 1.99 -5.62 7.06
N ALA A 85 0.83 -5.27 7.64
CA ALA A 85 0.65 -5.18 9.11
C ALA A 85 0.57 -6.55 9.84
N ASN A 86 -0.35 -7.42 9.39
CA ASN A 86 -0.75 -8.68 10.10
C ASN A 86 0.42 -9.66 10.29
N GLU A 87 1.32 -9.74 9.28
CA GLU A 87 2.45 -10.69 9.30
C GLU A 87 3.44 -10.33 10.42
N LEU A 88 3.57 -9.02 10.69
CA LEU A 88 4.50 -8.47 11.70
C LEU A 88 3.75 -8.11 13.00
N GLY A 89 2.47 -8.50 13.11
CA GLY A 89 1.61 -8.09 14.23
C GLY A 89 1.16 -6.65 14.05
N ALA A 90 2.06 -5.72 14.39
CA ALA A 90 1.97 -4.29 14.01
C ALA A 90 0.66 -3.60 14.49
N LYS A 91 0.23 -2.53 13.78
CA LYS A 91 -1.01 -1.80 14.06
C LYS A 91 -1.87 -1.75 12.78
N GLN A 92 -2.99 -1.01 12.80
CA GLN A 92 -3.91 -0.93 11.65
C GLN A 92 -3.66 0.38 10.84
N SER A 93 -4.33 0.48 9.68
CA SER A 93 -4.12 1.53 8.69
C SER A 93 -5.37 2.43 8.55
N THR A 94 -5.14 3.73 8.33
CA THR A 94 -6.22 4.71 8.06
C THR A 94 -6.38 4.88 6.53
N THR A 95 -7.61 5.11 6.08
CA THR A 95 -7.97 5.12 4.64
C THR A 95 -8.62 6.47 4.23
N THR A 96 -7.92 7.23 3.37
CA THR A 96 -8.48 8.44 2.72
C THR A 96 -9.31 7.99 1.50
N THR A 97 -10.64 8.15 1.59
CA THR A 97 -11.58 7.64 0.58
C THR A 97 -12.71 8.67 0.35
N ASP A 98 -12.77 9.22 -0.88
CA ASP A 98 -13.74 10.28 -1.24
C ASP A 98 -13.74 10.51 -2.77
N GLY A 99 -12.80 11.34 -3.26
CA GLY A 99 -12.79 11.81 -4.66
C GLY A 99 -11.39 11.89 -5.24
N ASP A 100 -10.70 13.03 -5.02
CA ASP A 100 -9.35 13.25 -5.54
C ASP A 100 -8.33 12.37 -4.77
N THR A 101 -7.88 11.28 -5.44
CA THR A 101 -6.91 10.31 -4.92
C THR A 101 -7.44 9.49 -3.72
N PHE A 102 -7.64 8.19 -3.95
CA PHE A 102 -7.93 7.21 -2.90
C PHE A 102 -6.60 6.74 -2.29
N GLU A 103 -6.41 7.00 -0.99
CA GLU A 103 -5.19 6.63 -0.26
C GLU A 103 -5.52 5.70 0.92
N VAL A 104 -4.52 4.88 1.31
CA VAL A 104 -4.50 4.10 2.54
C VAL A 104 -3.11 4.28 3.18
N GLU A 105 -3.01 5.05 4.28
CA GLU A 105 -1.74 5.25 4.99
C GLU A 105 -1.65 4.24 6.14
N VAL A 106 -0.65 3.35 6.04
CA VAL A 106 -0.41 2.29 7.02
C VAL A 106 0.70 2.77 7.97
N ILE A 107 0.32 3.13 9.20
CA ILE A 107 1.25 3.62 10.23
C ILE A 107 1.53 2.48 11.22
N LEU A 108 2.71 1.87 11.10
CA LEU A 108 3.14 0.79 12.00
C LEU A 108 4.22 1.32 12.94
N GLU A 109 3.84 1.67 14.18
CA GLU A 109 4.80 2.17 15.18
C GLU A 109 5.61 0.99 15.75
N LEU A 110 6.64 0.59 14.96
CA LEU A 110 7.59 -0.48 15.28
C LEU A 110 8.99 0.12 15.17
N GLU A 111 9.67 0.21 16.31
CA GLU A 111 11.08 0.60 16.34
C GLU A 111 11.93 -0.53 15.77
N HIS A 112 11.63 -1.75 16.23
CA HIS A 112 12.24 -2.99 15.76
C HIS A 112 11.25 -4.15 15.95
N HIS A 113 11.54 -5.25 15.26
CA HIS A 113 10.73 -6.48 15.28
C HIS A 113 11.67 -7.69 15.14
N HIS A 114 11.20 -8.89 15.53
CA HIS A 114 11.95 -10.14 15.30
C HIS A 114 12.04 -10.40 13.79
N HIS A 115 13.17 -9.96 13.20
CA HIS A 115 13.40 -9.95 11.74
C HIS A 115 13.95 -11.30 11.26
N HIS A 116 13.44 -11.76 10.11
CA HIS A 116 13.89 -12.99 9.46
C HIS A 116 14.02 -12.75 7.95
N HIS A 117 15.05 -13.37 7.32
CA HIS A 117 15.22 -13.33 5.85
C HIS A 117 14.41 -14.49 5.19
N MET A 1 -0.87 7.46 -18.66
CA MET A 1 0.22 7.78 -19.61
C MET A 1 -0.36 8.16 -20.98
N ALA A 2 -0.91 7.17 -21.70
CA ALA A 2 -1.48 7.33 -23.05
C ALA A 2 -2.99 7.57 -22.96
N GLY A 3 -3.68 6.67 -22.24
CA GLY A 3 -5.15 6.71 -22.09
C GLY A 3 -5.57 6.77 -20.63
N LYS A 4 -6.87 6.52 -20.36
CA LYS A 4 -7.39 6.46 -18.98
C LYS A 4 -6.83 5.22 -18.27
N GLU A 5 -6.02 5.47 -17.24
CA GLU A 5 -5.29 4.42 -16.52
C GLU A 5 -5.50 4.58 -15.01
N LEU A 6 -5.52 3.42 -14.32
CA LEU A 6 -5.68 3.36 -12.87
C LEU A 6 -4.31 3.66 -12.24
N ARG A 7 -4.16 4.92 -11.83
CA ARG A 7 -2.88 5.48 -11.34
C ARG A 7 -2.69 5.16 -9.86
N VAL A 8 -1.63 4.38 -9.54
CA VAL A 8 -1.27 4.07 -8.15
C VAL A 8 0.19 4.51 -7.91
N GLU A 9 0.42 5.13 -6.76
CA GLU A 9 1.76 5.35 -6.19
C GLU A 9 1.82 4.63 -4.84
N ILE A 10 2.48 3.48 -4.76
CA ILE A 10 2.64 2.78 -3.49
C ILE A 10 3.92 3.29 -2.84
N LYS A 11 3.77 4.06 -1.77
CA LYS A 11 4.88 4.77 -1.13
C LYS A 11 5.32 3.97 0.09
N ILE A 12 6.54 3.44 0.07
CA ILE A 12 7.15 2.85 1.27
C ILE A 12 8.02 3.94 1.90
N ASP A 13 7.65 4.40 3.11
CA ASP A 13 8.34 5.51 3.76
C ASP A 13 9.50 4.93 4.59
N CYS A 14 10.69 5.00 3.97
CA CYS A 14 11.92 4.32 4.43
C CYS A 14 13.08 5.33 4.52
N GLY A 15 12.70 6.61 4.63
CA GLY A 15 13.65 7.71 4.54
C GLY A 15 14.03 7.98 3.09
N ASN A 16 15.31 8.23 2.83
CA ASN A 16 15.83 8.44 1.47
C ASN A 16 17.22 7.79 1.35
N ASP A 17 17.26 6.61 0.68
CA ASP A 17 18.52 5.89 0.38
C ASP A 17 19.27 6.58 -0.78
N ASP A 18 18.48 7.02 -1.75
CA ASP A 18 18.94 7.59 -3.03
C ASP A 18 17.72 8.21 -3.70
N LYS A 19 16.63 7.44 -3.64
CA LYS A 19 15.31 7.85 -4.06
C LYS A 19 14.29 7.31 -3.05
N GLU A 20 13.06 7.81 -3.14
CA GLU A 20 11.92 7.29 -2.38
C GLU A 20 11.42 6.02 -3.09
N THR A 21 11.11 4.97 -2.30
CA THR A 21 10.65 3.68 -2.85
C THR A 21 9.14 3.78 -3.15
N THR A 22 8.80 3.91 -4.44
CA THR A 22 7.42 3.93 -4.93
C THR A 22 7.21 2.82 -5.96
N TYR A 23 6.11 2.08 -5.84
CA TYR A 23 5.72 1.04 -6.79
C TYR A 23 4.55 1.55 -7.62
N ASP A 24 4.70 1.52 -8.95
CA ASP A 24 3.64 1.89 -9.89
C ASP A 24 3.15 0.61 -10.59
N LEU A 25 1.89 0.28 -10.32
CA LEU A 25 1.22 -0.86 -10.92
C LEU A 25 -0.14 -0.42 -11.41
N TYR A 26 -0.75 -1.23 -12.26
CA TYR A 26 -2.02 -0.90 -12.88
C TYR A 26 -3.01 -2.01 -12.62
N PHE A 27 -4.00 -1.71 -11.77
CA PHE A 27 -5.18 -2.53 -11.56
C PHE A 27 -5.93 -2.62 -12.90
N SER A 28 -5.65 -3.68 -13.66
CA SER A 28 -6.40 -3.96 -14.87
C SER A 28 -7.67 -4.73 -14.46
N LYS A 29 -7.48 -5.89 -13.79
CA LYS A 29 -8.56 -6.72 -13.23
C LYS A 29 -8.21 -7.15 -11.80
N ALA A 30 -9.15 -7.89 -11.15
CA ALA A 30 -9.01 -8.35 -9.75
C ALA A 30 -7.98 -9.47 -9.62
N GLU A 31 -7.85 -10.27 -10.69
CA GLU A 31 -6.89 -11.38 -10.76
C GLU A 31 -5.46 -10.80 -10.66
N GLU A 32 -5.23 -9.79 -11.50
CA GLU A 32 -3.96 -9.06 -11.60
C GLU A 32 -3.67 -8.32 -10.29
N ALA A 33 -4.75 -7.75 -9.70
CA ALA A 33 -4.69 -7.03 -8.42
C ALA A 33 -4.09 -7.91 -7.32
N LYS A 34 -4.58 -9.15 -7.21
CA LYS A 34 -4.15 -10.11 -6.18
C LYS A 34 -2.67 -10.54 -6.35
N GLU A 35 -2.20 -10.53 -7.61
CA GLU A 35 -0.81 -10.86 -7.94
C GLU A 35 0.10 -9.70 -7.48
N LEU A 36 -0.26 -8.47 -7.88
CA LEU A 36 0.45 -7.23 -7.46
C LEU A 36 0.35 -7.01 -5.93
N LEU A 37 -0.76 -7.49 -5.35
CA LEU A 37 -1.02 -7.46 -3.89
C LEU A 37 0.10 -8.19 -3.13
N LYS A 38 0.46 -9.39 -3.64
CA LYS A 38 1.51 -10.23 -3.06
C LYS A 38 2.87 -9.53 -3.13
N LYS A 39 3.14 -8.91 -4.30
CA LYS A 39 4.39 -8.15 -4.53
C LYS A 39 4.55 -7.01 -3.51
N VAL A 40 3.53 -6.16 -3.42
CA VAL A 40 3.56 -4.98 -2.53
C VAL A 40 3.68 -5.41 -1.05
N ALA A 41 2.97 -6.49 -0.70
CA ALA A 41 2.96 -7.04 0.67
C ALA A 41 4.35 -7.47 1.12
N GLU A 42 5.01 -8.31 0.29
CA GLU A 42 6.30 -8.92 0.62
C GLU A 42 7.44 -7.90 0.53
N LYS A 43 7.39 -7.00 -0.47
CA LYS A 43 8.47 -6.01 -0.71
C LYS A 43 8.46 -4.92 0.35
N ALA A 44 7.24 -4.48 0.75
CA ALA A 44 7.08 -3.53 1.86
C ALA A 44 7.60 -4.17 3.14
N ALA A 45 7.18 -5.43 3.37
CA ALA A 45 7.60 -6.23 4.52
C ALA A 45 9.12 -6.39 4.58
N ASP A 46 9.79 -6.44 3.39
CA ASP A 46 11.25 -6.51 3.28
C ASP A 46 11.91 -5.26 3.88
N LYS A 47 11.37 -4.06 3.55
CA LYS A 47 11.87 -2.76 4.09
C LYS A 47 11.71 -2.70 5.61
N ILE A 48 10.59 -3.23 6.12
CA ILE A 48 10.31 -3.26 7.57
C ILE A 48 11.23 -4.32 8.26
N LYS A 49 11.53 -5.39 7.52
CA LYS A 49 12.36 -6.51 8.00
C LYS A 49 13.83 -6.07 8.18
N LYS A 50 14.36 -5.34 7.18
CA LYS A 50 15.78 -4.96 7.12
C LYS A 50 16.06 -3.68 7.92
N GLN A 51 15.19 -2.67 7.77
CA GLN A 51 15.39 -1.32 8.37
C GLN A 51 14.38 -1.07 9.48
N GLY A 52 13.11 -1.44 9.24
CA GLY A 52 12.03 -1.13 10.17
C GLY A 52 11.43 0.23 9.87
N CYS A 53 10.95 0.39 8.63
CA CYS A 53 10.36 1.63 8.11
C CYS A 53 9.14 2.06 8.96
N LYS A 54 8.30 1.06 9.34
CA LYS A 54 7.17 1.23 10.29
C LYS A 54 6.10 2.25 9.81
N ARG A 55 6.20 2.70 8.56
CA ARG A 55 5.26 3.65 7.97
C ARG A 55 5.19 3.39 6.46
N VAL A 56 3.99 3.07 6.01
CA VAL A 56 3.67 2.78 4.61
C VAL A 56 2.51 3.70 4.19
N LYS A 57 2.49 4.10 2.92
CA LYS A 57 1.41 4.92 2.34
C LYS A 57 0.96 4.25 1.03
N ILE A 58 -0.34 4.27 0.76
CA ILE A 58 -0.92 3.67 -0.45
C ILE A 58 -1.73 4.75 -1.16
N ARG A 59 -1.28 5.20 -2.32
CA ARG A 59 -1.96 6.26 -3.09
C ARG A 59 -2.56 5.61 -4.33
N PHE A 60 -3.83 5.89 -4.60
CA PHE A 60 -4.53 5.31 -5.75
C PHE A 60 -5.72 6.23 -6.11
N GLU A 61 -5.86 6.53 -7.40
CA GLU A 61 -6.93 7.38 -7.94
C GLU A 61 -8.24 6.54 -8.04
N LYS A 62 -9.38 7.16 -7.70
CA LYS A 62 -10.72 6.50 -7.78
C LYS A 62 -11.58 7.10 -8.90
N LYS A 63 -11.20 8.31 -9.33
CA LYS A 63 -11.97 9.13 -10.25
C LYS A 63 -12.08 8.49 -11.64
N GLY A 64 -10.98 7.88 -12.12
CA GLY A 64 -10.95 7.22 -13.41
C GLY A 64 -11.54 5.82 -13.42
N LEU A 65 -11.91 5.32 -12.23
CA LEU A 65 -12.34 3.93 -12.04
C LEU A 65 -13.86 3.78 -12.14
N ASP A 66 -14.28 2.74 -12.88
CA ASP A 66 -15.66 2.23 -12.87
C ASP A 66 -16.07 1.84 -11.43
N ASP A 67 -17.38 1.82 -11.12
CA ASP A 67 -17.90 1.50 -9.76
C ASP A 67 -17.30 0.20 -9.19
N ASP A 68 -17.28 -0.84 -10.03
CA ASP A 68 -16.77 -2.16 -9.65
C ASP A 68 -15.24 -2.15 -9.53
N ALA A 69 -14.56 -1.50 -10.50
CA ALA A 69 -13.10 -1.33 -10.48
C ALA A 69 -12.63 -0.57 -9.23
N ARG A 70 -13.43 0.42 -8.84
CA ARG A 70 -13.16 1.33 -7.73
C ARG A 70 -13.32 0.61 -6.39
N LYS A 71 -14.38 -0.19 -6.32
CA LYS A 71 -14.76 -0.94 -5.12
C LYS A 71 -13.72 -2.03 -4.78
N LYS A 72 -13.31 -2.78 -5.82
CA LYS A 72 -12.30 -3.84 -5.71
C LYS A 72 -10.91 -3.23 -5.39
N ALA A 73 -10.63 -2.06 -6.00
CA ALA A 73 -9.35 -1.34 -5.82
C ALA A 73 -9.24 -0.70 -4.43
N LYS A 74 -10.39 -0.28 -3.90
CA LYS A 74 -10.53 0.28 -2.55
C LYS A 74 -10.28 -0.84 -1.52
N LYS A 75 -10.92 -2.00 -1.77
CA LYS A 75 -10.72 -3.21 -0.97
C LYS A 75 -9.25 -3.64 -1.03
N TRP A 76 -8.68 -3.60 -2.25
CA TRP A 76 -7.28 -4.00 -2.53
C TRP A 76 -6.30 -3.16 -1.71
N ALA A 77 -6.51 -1.83 -1.70
CA ALA A 77 -5.68 -0.89 -0.94
C ALA A 77 -5.70 -1.22 0.56
N LEU A 78 -6.88 -1.64 1.05
CA LEU A 78 -7.05 -2.07 2.44
C LEU A 78 -6.41 -3.46 2.66
N GLU A 79 -6.47 -4.34 1.65
CA GLU A 79 -5.90 -5.70 1.75
C GLU A 79 -4.36 -5.65 1.77
N VAL A 80 -3.79 -4.64 1.08
CA VAL A 80 -2.35 -4.35 1.11
C VAL A 80 -1.96 -3.95 2.55
N ALA A 81 -2.78 -3.07 3.14
CA ALA A 81 -2.63 -2.61 4.53
C ALA A 81 -2.71 -3.77 5.53
N ASN A 82 -3.69 -4.67 5.31
CA ASN A 82 -3.92 -5.86 6.16
C ASN A 82 -2.80 -6.89 5.96
N LYS A 83 -2.22 -6.92 4.74
CA LYS A 83 -1.15 -7.86 4.37
C LYS A 83 0.16 -7.51 5.09
N ILE A 84 0.58 -6.25 4.95
CA ILE A 84 1.82 -5.73 5.56
C ILE A 84 1.69 -5.73 7.11
N ALA A 85 0.45 -5.45 7.59
CA ALA A 85 0.08 -5.55 9.02
C ALA A 85 0.28 -6.98 9.54
N ASN A 86 -0.18 -7.96 8.72
CA ASN A 86 -0.12 -9.39 9.05
C ASN A 86 1.34 -9.88 9.13
N GLU A 87 2.16 -9.50 8.12
CA GLU A 87 3.56 -9.98 8.00
C GLU A 87 4.37 -9.63 9.26
N LEU A 88 4.22 -8.36 9.71
CA LEU A 88 4.98 -7.82 10.85
C LEU A 88 4.23 -7.98 12.18
N GLY A 89 2.95 -8.42 12.13
CA GLY A 89 2.12 -8.57 13.32
C GLY A 89 1.71 -7.22 13.93
N ALA A 90 1.71 -6.17 13.10
CA ALA A 90 1.32 -4.80 13.47
C ALA A 90 -0.16 -4.56 13.12
N LYS A 91 -0.65 -3.35 13.43
CA LYS A 91 -2.03 -2.98 13.13
C LYS A 91 -2.18 -2.49 11.69
N GLN A 92 -3.44 -2.26 11.29
CA GLN A 92 -3.83 -1.83 9.93
C GLN A 92 -3.59 -0.31 9.73
N SER A 93 -4.43 0.33 8.91
CA SER A 93 -4.16 1.65 8.37
C SER A 93 -5.29 2.65 8.66
N THR A 94 -4.92 3.93 8.73
CA THR A 94 -5.86 5.04 8.70
C THR A 94 -5.91 5.58 7.26
N THR A 95 -7.11 5.78 6.72
CA THR A 95 -7.31 6.19 5.31
C THR A 95 -7.72 7.67 5.21
N THR A 96 -7.08 8.38 4.26
CA THR A 96 -7.47 9.73 3.84
C THR A 96 -8.26 9.62 2.52
N THR A 97 -9.56 9.97 2.55
CA THR A 97 -10.41 9.94 1.36
C THR A 97 -10.45 11.34 0.69
N ASP A 98 -9.87 11.41 -0.51
CA ASP A 98 -9.83 12.65 -1.33
C ASP A 98 -10.99 12.65 -2.36
N GLY A 99 -11.56 11.45 -2.62
CA GLY A 99 -12.66 11.29 -3.58
C GLY A 99 -12.12 11.09 -4.99
N ASP A 100 -11.40 12.10 -5.48
CA ASP A 100 -10.62 12.03 -6.74
C ASP A 100 -9.53 10.95 -6.59
N THR A 101 -8.82 11.02 -5.47
CA THR A 101 -7.81 10.05 -5.06
C THR A 101 -8.27 9.36 -3.75
N PHE A 102 -7.58 8.29 -3.37
CA PHE A 102 -7.83 7.56 -2.13
C PHE A 102 -6.48 7.10 -1.58
N GLU A 103 -6.04 7.73 -0.48
CA GLU A 103 -4.78 7.42 0.18
C GLU A 103 -5.08 6.60 1.45
N VAL A 104 -4.26 5.57 1.69
CA VAL A 104 -4.40 4.66 2.82
C VAL A 104 -3.00 4.53 3.46
N GLU A 105 -2.77 5.18 4.61
CA GLU A 105 -1.46 5.18 5.28
C GLU A 105 -1.46 4.13 6.39
N VAL A 106 -0.55 3.16 6.29
CA VAL A 106 -0.42 2.04 7.23
C VAL A 106 0.67 2.39 8.24
N ILE A 107 0.28 2.75 9.47
CA ILE A 107 1.23 3.05 10.54
C ILE A 107 1.50 1.76 11.31
N LEU A 108 2.62 1.11 10.98
CA LEU A 108 3.02 -0.15 11.62
C LEU A 108 3.71 0.16 12.95
N GLU A 109 2.97 -0.03 14.05
CA GLU A 109 3.48 0.17 15.39
C GLU A 109 3.99 -1.16 15.94
N LEU A 110 5.26 -1.46 15.64
CA LEU A 110 5.98 -2.60 16.22
C LEU A 110 6.54 -2.15 17.57
N GLU A 111 5.85 -2.57 18.66
CA GLU A 111 6.22 -2.30 20.05
C GLU A 111 6.09 -0.80 20.41
N HIS A 112 5.22 -0.48 21.38
CA HIS A 112 5.17 0.86 21.99
C HIS A 112 6.22 0.94 23.10
N HIS A 113 7.48 0.68 22.73
CA HIS A 113 8.64 0.77 23.63
C HIS A 113 9.32 2.14 23.48
N HIS A 114 8.69 3.02 22.68
CA HIS A 114 9.14 4.38 22.42
C HIS A 114 8.22 5.35 23.18
N HIS A 115 8.74 5.93 24.28
CA HIS A 115 7.93 6.76 25.21
C HIS A 115 7.58 8.12 24.57
N HIS A 116 6.43 8.16 23.88
CA HIS A 116 5.87 9.38 23.28
C HIS A 116 4.79 9.93 24.21
N HIS A 117 5.17 10.14 25.48
CA HIS A 117 4.30 10.67 26.53
C HIS A 117 4.89 12.01 27.02
N MET A 1 7.19 -2.93 -19.47
CA MET A 1 6.85 -2.80 -18.02
C MET A 1 6.33 -1.39 -17.75
N ALA A 2 5.06 -1.14 -18.13
CA ALA A 2 4.40 0.17 -18.00
C ALA A 2 2.88 0.02 -18.14
N GLY A 3 2.14 1.03 -17.68
CA GLY A 3 0.68 1.08 -17.78
C GLY A 3 0.18 2.50 -17.71
N LYS A 4 -1.14 2.69 -17.80
CA LYS A 4 -1.79 4.01 -17.79
C LYS A 4 -3.17 3.94 -17.14
N GLU A 5 -3.87 5.10 -17.16
CA GLU A 5 -5.24 5.28 -16.66
C GLU A 5 -5.30 5.21 -15.11
N LEU A 6 -5.14 4.01 -14.53
CA LEU A 6 -5.20 3.83 -13.07
C LEU A 6 -3.77 3.72 -12.52
N ARG A 7 -3.23 4.83 -12.00
CA ARG A 7 -1.86 4.89 -11.47
C ARG A 7 -1.85 4.47 -10.01
N VAL A 8 -1.15 3.37 -9.72
CA VAL A 8 -0.94 2.88 -8.35
C VAL A 8 0.44 3.34 -7.87
N GLU A 9 0.45 4.09 -6.77
CA GLU A 9 1.69 4.48 -6.09
C GLU A 9 1.69 3.82 -4.70
N ILE A 10 2.46 2.73 -4.54
CA ILE A 10 2.71 2.16 -3.21
C ILE A 10 4.00 2.81 -2.70
N LYS A 11 3.90 3.64 -1.66
CA LYS A 11 5.00 4.50 -1.23
C LYS A 11 5.46 4.05 0.16
N ILE A 12 6.78 3.99 0.35
CA ILE A 12 7.40 3.52 1.58
C ILE A 12 8.17 4.69 2.20
N ASP A 13 7.78 5.08 3.42
CA ASP A 13 8.48 6.09 4.22
C ASP A 13 9.06 5.42 5.47
N CYS A 14 10.34 5.07 5.40
CA CYS A 14 11.10 4.50 6.53
C CYS A 14 11.67 5.63 7.39
N GLY A 15 12.13 6.71 6.74
CA GLY A 15 12.68 7.88 7.44
C GLY A 15 13.40 8.81 6.48
N ASN A 16 14.53 8.34 5.91
CA ASN A 16 15.42 9.15 5.05
C ASN A 16 15.07 8.94 3.57
N ASP A 17 13.77 8.85 3.27
CA ASP A 17 13.27 8.69 1.90
C ASP A 17 13.12 10.06 1.24
N ASP A 18 14.27 10.74 1.07
CA ASP A 18 14.40 11.91 0.19
C ASP A 18 14.05 11.45 -1.24
N LYS A 19 14.73 10.38 -1.65
CA LYS A 19 14.32 9.54 -2.77
C LYS A 19 13.15 8.68 -2.24
N GLU A 20 11.92 9.13 -2.53
CA GLU A 20 10.70 8.39 -2.15
C GLU A 20 10.66 7.01 -2.82
N THR A 21 10.40 5.95 -2.05
CA THR A 21 10.36 4.58 -2.57
C THR A 21 8.93 4.30 -3.03
N THR A 22 8.69 4.34 -4.35
CA THR A 22 7.34 4.29 -4.91
C THR A 22 7.25 3.24 -6.02
N TYR A 23 6.27 2.33 -5.89
CA TYR A 23 6.06 1.22 -6.82
C TYR A 23 4.81 1.47 -7.66
N ASP A 24 4.97 1.43 -8.99
CA ASP A 24 3.87 1.53 -9.94
C ASP A 24 3.41 0.11 -10.28
N LEU A 25 2.12 -0.16 -10.01
CA LEU A 25 1.51 -1.49 -10.25
C LEU A 25 0.60 -1.42 -11.48
N TYR A 26 -0.23 -0.36 -11.49
CA TYR A 26 -1.26 -0.11 -12.51
C TYR A 26 -2.38 -1.17 -12.45
N PHE A 27 -3.51 -0.74 -11.89
CA PHE A 27 -4.69 -1.58 -11.63
C PHE A 27 -5.65 -1.52 -12.84
N SER A 28 -6.57 -2.50 -12.93
CA SER A 28 -7.63 -2.55 -13.93
C SER A 28 -8.82 -3.38 -13.39
N LYS A 29 -8.54 -4.67 -13.07
CA LYS A 29 -9.52 -5.62 -12.48
C LYS A 29 -8.90 -6.28 -11.24
N ALA A 30 -9.69 -7.10 -10.53
CA ALA A 30 -9.30 -7.67 -9.23
C ALA A 30 -8.25 -8.79 -9.35
N GLU A 31 -8.10 -9.40 -10.54
CA GLU A 31 -7.20 -10.57 -10.74
C GLU A 31 -5.73 -10.13 -10.67
N GLU A 32 -5.45 -8.99 -11.31
CA GLU A 32 -4.13 -8.35 -11.28
C GLU A 32 -3.91 -7.71 -9.91
N ALA A 33 -4.99 -7.20 -9.31
CA ALA A 33 -4.94 -6.56 -7.99
C ALA A 33 -4.39 -7.53 -6.92
N LYS A 34 -4.96 -8.76 -6.87
CA LYS A 34 -4.57 -9.81 -5.89
C LYS A 34 -3.08 -10.19 -6.03
N GLU A 35 -2.60 -10.18 -7.29
CA GLU A 35 -1.24 -10.61 -7.65
C GLU A 35 -0.21 -9.53 -7.25
N LEU A 36 -0.49 -8.28 -7.67
CA LEU A 36 0.36 -7.11 -7.35
C LEU A 36 0.38 -6.85 -5.83
N LEU A 37 -0.75 -7.15 -5.16
CA LEU A 37 -0.89 -7.10 -3.69
C LEU A 37 0.09 -8.08 -3.02
N LYS A 38 0.11 -9.31 -3.56
CA LYS A 38 0.94 -10.43 -3.05
C LYS A 38 2.44 -10.13 -3.27
N LYS A 39 2.74 -9.41 -4.36
CA LYS A 39 4.09 -8.95 -4.68
C LYS A 39 4.53 -7.87 -3.66
N VAL A 40 3.64 -6.89 -3.40
CA VAL A 40 3.91 -5.80 -2.42
C VAL A 40 4.12 -6.38 -0.99
N ALA A 41 3.42 -7.49 -0.70
CA ALA A 41 3.54 -8.22 0.58
C ALA A 41 5.01 -8.58 0.91
N GLU A 42 5.69 -9.21 -0.05
CA GLU A 42 7.11 -9.64 0.12
C GLU A 42 8.08 -8.44 0.03
N LYS A 43 7.75 -7.44 -0.85
CA LYS A 43 8.61 -6.26 -1.07
C LYS A 43 8.75 -5.41 0.21
N ALA A 44 7.59 -5.02 0.77
CA ALA A 44 7.51 -4.09 1.92
C ALA A 44 8.03 -4.76 3.20
N ALA A 45 7.66 -6.04 3.40
CA ALA A 45 8.10 -6.85 4.56
C ALA A 45 9.64 -6.97 4.64
N ASP A 46 10.30 -6.91 3.47
CA ASP A 46 11.77 -6.97 3.33
C ASP A 46 12.43 -5.72 3.93
N LYS A 47 11.86 -4.53 3.68
CA LYS A 47 12.38 -3.26 4.27
C LYS A 47 12.24 -3.32 5.80
N ILE A 48 11.07 -3.80 6.25
CA ILE A 48 10.71 -3.94 7.68
C ILE A 48 11.66 -4.93 8.39
N LYS A 49 12.10 -5.94 7.64
CA LYS A 49 13.00 -7.00 8.12
C LYS A 49 14.43 -6.45 8.28
N LYS A 50 14.93 -5.73 7.26
CA LYS A 50 16.31 -5.24 7.24
C LYS A 50 16.51 -3.97 8.09
N GLN A 51 15.43 -3.18 8.26
CA GLN A 51 15.49 -1.87 8.93
C GLN A 51 14.14 -1.52 9.58
N GLY A 52 13.14 -1.23 8.73
CA GLY A 52 11.81 -0.84 9.19
C GLY A 52 11.04 -0.07 8.11
N CYS A 53 9.71 0.00 8.28
CA CYS A 53 8.83 0.91 7.54
C CYS A 53 7.79 1.44 8.52
N LYS A 54 8.10 2.57 9.17
CA LYS A 54 7.21 3.19 10.17
C LYS A 54 5.90 3.69 9.52
N ARG A 55 6.03 4.20 8.28
CA ARG A 55 4.92 4.71 7.48
C ARG A 55 4.99 4.08 6.08
N VAL A 56 3.87 3.53 5.63
CA VAL A 56 3.70 3.06 4.24
C VAL A 56 2.42 3.71 3.73
N LYS A 57 2.50 4.53 2.68
CA LYS A 57 1.34 5.28 2.17
C LYS A 57 0.98 4.79 0.77
N ILE A 58 -0.26 4.31 0.63
CA ILE A 58 -0.81 3.81 -0.64
C ILE A 58 -1.65 4.93 -1.23
N ARG A 59 -1.20 5.48 -2.35
CA ARG A 59 -1.88 6.56 -3.06
C ARG A 59 -2.35 6.01 -4.40
N PHE A 60 -3.64 6.18 -4.70
CA PHE A 60 -4.26 5.63 -5.89
C PHE A 60 -5.44 6.55 -6.32
N GLU A 61 -5.63 6.70 -7.64
CA GLU A 61 -6.65 7.61 -8.21
C GLU A 61 -8.07 7.00 -8.14
N LYS A 62 -9.08 7.88 -8.13
CA LYS A 62 -10.50 7.51 -8.39
C LYS A 62 -10.94 8.30 -9.63
N LYS A 63 -11.39 9.57 -9.43
CA LYS A 63 -11.63 10.57 -10.48
C LYS A 63 -12.81 10.19 -11.41
N GLY A 64 -12.57 9.25 -12.34
CA GLY A 64 -13.58 8.85 -13.31
C GLY A 64 -13.41 7.42 -13.80
N LEU A 65 -12.84 6.53 -12.96
CA LEU A 65 -12.78 5.08 -13.29
C LEU A 65 -14.16 4.43 -13.04
N ASP A 66 -14.33 3.20 -13.53
CA ASP A 66 -15.58 2.45 -13.40
C ASP A 66 -15.86 2.13 -11.91
N ASP A 67 -17.16 2.05 -11.53
CA ASP A 67 -17.58 1.79 -10.12
C ASP A 67 -17.02 0.45 -9.58
N ASP A 68 -16.84 -0.53 -10.48
CA ASP A 68 -16.29 -1.83 -10.12
C ASP A 68 -14.82 -1.67 -9.72
N ALA A 69 -14.08 -0.91 -10.55
CA ALA A 69 -12.67 -0.57 -10.30
C ALA A 69 -12.51 0.26 -9.00
N ARG A 70 -13.53 1.09 -8.70
CA ARG A 70 -13.58 1.90 -7.46
C ARG A 70 -13.72 0.99 -6.23
N LYS A 71 -14.69 0.09 -6.31
CA LYS A 71 -15.12 -0.77 -5.19
C LYS A 71 -14.08 -1.87 -4.91
N LYS A 72 -13.40 -2.32 -5.99
CA LYS A 72 -12.29 -3.29 -5.87
C LYS A 72 -11.09 -2.61 -5.20
N ALA A 73 -10.67 -1.45 -5.77
CA ALA A 73 -9.43 -0.75 -5.37
C ALA A 73 -9.49 -0.17 -3.94
N LYS A 74 -10.70 0.23 -3.50
CA LYS A 74 -10.89 0.79 -2.15
C LYS A 74 -10.72 -0.31 -1.08
N LYS A 75 -11.27 -1.49 -1.39
CA LYS A 75 -11.18 -2.69 -0.54
C LYS A 75 -9.75 -3.25 -0.58
N TRP A 76 -9.17 -3.21 -1.80
CA TRP A 76 -7.85 -3.77 -2.13
C TRP A 76 -6.73 -3.07 -1.37
N ALA A 77 -6.74 -1.72 -1.39
CA ALA A 77 -5.70 -0.91 -0.73
C ALA A 77 -5.68 -1.13 0.80
N LEU A 78 -6.87 -1.42 1.36
CA LEU A 78 -7.03 -1.82 2.77
C LEU A 78 -6.46 -3.24 2.99
N GLU A 79 -6.70 -4.14 2.03
CA GLU A 79 -6.21 -5.53 2.08
C GLU A 79 -4.67 -5.58 1.94
N VAL A 80 -4.09 -4.65 1.16
CA VAL A 80 -2.62 -4.49 1.02
C VAL A 80 -2.03 -4.06 2.37
N ALA A 81 -2.69 -3.04 2.96
CA ALA A 81 -2.32 -2.46 4.25
C ALA A 81 -2.21 -3.53 5.35
N ASN A 82 -3.27 -4.35 5.47
CA ASN A 82 -3.35 -5.45 6.45
C ASN A 82 -2.51 -6.66 6.03
N LYS A 83 -2.28 -6.85 4.71
CA LYS A 83 -1.46 -7.96 4.16
C LYS A 83 0.00 -7.85 4.63
N ILE A 84 0.57 -6.65 4.44
CA ILE A 84 1.93 -6.32 4.87
C ILE A 84 2.00 -6.35 6.41
N ALA A 85 1.01 -5.68 7.06
CA ALA A 85 0.92 -5.57 8.54
C ALA A 85 0.82 -6.96 9.21
N ASN A 86 0.19 -7.94 8.53
CA ASN A 86 -0.06 -9.30 9.06
C ASN A 86 1.27 -10.07 9.28
N GLU A 87 2.29 -9.73 8.48
CA GLU A 87 3.62 -10.35 8.54
C GLU A 87 4.40 -9.96 9.84
N LEU A 88 3.93 -8.89 10.52
CA LEU A 88 4.63 -8.32 11.70
C LEU A 88 3.64 -7.89 12.81
N GLY A 89 2.34 -8.15 12.62
CA GLY A 89 1.30 -7.70 13.57
C GLY A 89 0.97 -6.22 13.41
N ALA A 90 1.97 -5.36 13.74
CA ALA A 90 1.95 -3.91 13.50
C ALA A 90 0.87 -3.18 14.34
N LYS A 91 0.52 -1.95 13.93
CA LYS A 91 -0.62 -1.21 14.52
C LYS A 91 -1.84 -1.40 13.59
N GLN A 92 -1.97 -0.55 12.54
CA GLN A 92 -3.12 -0.55 11.60
C GLN A 92 -2.99 0.62 10.61
N SER A 93 -3.76 0.55 9.51
CA SER A 93 -3.91 1.63 8.54
C SER A 93 -5.16 2.48 8.82
N THR A 94 -5.07 3.78 8.51
CA THR A 94 -6.22 4.70 8.44
C THR A 94 -6.62 4.91 6.96
N THR A 95 -7.93 5.10 6.72
CA THR A 95 -8.50 5.22 5.38
C THR A 95 -8.82 6.69 5.06
N THR A 96 -8.53 7.11 3.82
CA THR A 96 -8.95 8.39 3.27
C THR A 96 -9.60 8.12 1.91
N THR A 97 -10.91 8.35 1.84
CA THR A 97 -11.72 8.09 0.64
C THR A 97 -12.24 9.42 0.08
N ASP A 98 -12.37 9.49 -1.26
CA ASP A 98 -12.90 10.66 -1.97
C ASP A 98 -13.33 10.24 -3.39
N GLY A 99 -14.10 11.11 -4.06
CA GLY A 99 -14.56 10.88 -5.42
C GLY A 99 -13.43 10.99 -6.45
N ASP A 100 -12.40 11.82 -6.17
CA ASP A 100 -11.27 12.07 -7.11
C ASP A 100 -10.02 11.23 -6.77
N THR A 101 -9.81 10.91 -5.47
CA THR A 101 -8.61 10.18 -5.01
C THR A 101 -8.96 9.24 -3.82
N PHE A 102 -8.15 8.19 -3.65
CA PHE A 102 -8.24 7.24 -2.53
C PHE A 102 -6.83 6.94 -2.02
N GLU A 103 -6.56 7.24 -0.75
CA GLU A 103 -5.24 7.04 -0.12
C GLU A 103 -5.41 6.37 1.26
N VAL A 104 -4.54 5.41 1.56
CA VAL A 104 -4.54 4.65 2.82
C VAL A 104 -3.14 4.78 3.44
N GLU A 105 -3.04 5.41 4.62
CA GLU A 105 -1.78 5.50 5.34
C GLU A 105 -1.72 4.34 6.33
N VAL A 106 -0.73 3.47 6.14
CA VAL A 106 -0.51 2.27 6.94
C VAL A 106 0.58 2.60 7.96
N ILE A 107 0.20 2.75 9.23
CA ILE A 107 1.11 3.18 10.29
C ILE A 107 1.61 1.94 11.04
N LEU A 108 2.84 1.51 10.71
CA LEU A 108 3.49 0.36 11.35
C LEU A 108 4.42 0.87 12.47
N GLU A 109 3.95 0.80 13.73
CA GLU A 109 4.70 1.32 14.90
C GLU A 109 5.20 0.14 15.74
N LEU A 110 6.41 -0.34 15.43
CA LEU A 110 7.07 -1.44 16.16
C LEU A 110 8.40 -0.92 16.72
N GLU A 111 8.71 -1.28 17.97
CA GLU A 111 9.99 -0.95 18.60
C GLU A 111 10.43 -2.12 19.49
N HIS A 112 11.71 -2.48 19.35
CA HIS A 112 12.35 -3.56 20.11
C HIS A 112 13.40 -2.93 21.03
N HIS A 113 13.31 -3.24 22.32
CA HIS A 113 14.20 -2.67 23.38
C HIS A 113 15.68 -3.18 23.24
N HIS A 114 16.38 -2.62 22.24
CA HIS A 114 17.75 -3.01 21.84
C HIS A 114 18.21 -2.14 20.64
N HIS A 115 17.22 -1.63 19.87
CA HIS A 115 17.43 -0.77 18.68
C HIS A 115 18.37 0.41 19.00
N HIS A 116 17.98 1.22 20.02
CA HIS A 116 18.71 2.42 20.47
C HIS A 116 18.74 3.52 19.37
N HIS A 117 19.58 3.31 18.35
CA HIS A 117 19.72 4.22 17.19
C HIS A 117 19.37 3.44 15.89
N MET A 1 -14.97 9.88 -23.06
CA MET A 1 -14.68 10.09 -21.62
C MET A 1 -13.18 9.82 -21.35
N ALA A 2 -12.65 8.76 -21.98
CA ALA A 2 -11.26 8.27 -21.81
C ALA A 2 -11.04 7.69 -20.40
N GLY A 3 -11.11 6.36 -20.31
CA GLY A 3 -10.83 5.62 -19.07
C GLY A 3 -9.41 5.06 -19.07
N LYS A 4 -9.26 3.78 -18.65
CA LYS A 4 -7.97 3.04 -18.66
C LYS A 4 -6.89 3.72 -17.77
N GLU A 5 -5.67 3.14 -17.79
CA GLU A 5 -4.45 3.75 -17.25
C GLU A 5 -4.58 4.13 -15.74
N LEU A 6 -4.43 3.12 -14.86
CA LEU A 6 -4.56 3.30 -13.40
C LEU A 6 -3.15 3.39 -12.78
N ARG A 7 -2.73 4.63 -12.48
CA ARG A 7 -1.42 4.93 -11.87
C ARG A 7 -1.50 4.85 -10.35
N VAL A 8 -0.44 4.31 -9.73
CA VAL A 8 -0.32 4.14 -8.28
C VAL A 8 0.95 4.84 -7.77
N GLU A 9 0.86 5.45 -6.60
CA GLU A 9 2.02 5.90 -5.83
C GLU A 9 2.12 5.04 -4.57
N ILE A 10 2.93 3.98 -4.63
CA ILE A 10 3.20 3.11 -3.48
C ILE A 10 4.45 3.68 -2.79
N LYS A 11 4.33 4.17 -1.56
CA LYS A 11 5.38 4.99 -0.92
C LYS A 11 5.95 4.28 0.31
N ILE A 12 7.27 4.09 0.32
CA ILE A 12 7.98 3.50 1.47
C ILE A 12 8.57 4.64 2.31
N ASP A 13 8.03 4.79 3.54
CA ASP A 13 8.39 5.87 4.47
C ASP A 13 9.05 5.27 5.72
N CYS A 14 10.37 5.36 5.76
CA CYS A 14 11.19 4.84 6.86
C CYS A 14 12.19 5.92 7.31
N GLY A 15 11.76 7.19 7.13
CA GLY A 15 12.62 8.35 7.27
C GLY A 15 13.30 8.66 5.95
N ASN A 16 14.45 8.04 5.72
CA ASN A 16 15.22 8.19 4.45
C ASN A 16 16.29 7.07 4.33
N ASP A 17 16.12 6.00 5.14
CA ASP A 17 17.05 4.85 5.15
C ASP A 17 16.91 4.06 3.84
N ASP A 18 15.65 3.78 3.49
CA ASP A 18 15.25 3.35 2.13
C ASP A 18 14.61 4.56 1.45
N LYS A 19 15.14 4.94 0.28
CA LYS A 19 14.62 6.07 -0.50
C LYS A 19 13.24 5.68 -1.08
N GLU A 20 12.35 6.68 -1.23
CA GLU A 20 10.97 6.49 -1.68
C GLU A 20 10.95 5.78 -3.05
N THR A 21 10.26 4.64 -3.13
CA THR A 21 10.21 3.78 -4.33
C THR A 21 8.76 3.40 -4.65
N THR A 22 8.22 4.01 -5.72
CA THR A 22 6.91 3.65 -6.28
C THR A 22 7.09 2.51 -7.27
N TYR A 23 6.17 1.56 -7.22
CA TYR A 23 6.17 0.41 -8.12
C TYR A 23 5.08 0.62 -9.17
N ASP A 24 5.45 0.57 -10.46
CA ASP A 24 4.52 0.80 -11.57
C ASP A 24 3.66 -0.45 -11.77
N LEU A 25 2.44 -0.42 -11.25
CA LEU A 25 1.48 -1.52 -11.39
C LEU A 25 0.11 -0.97 -11.83
N TYR A 26 -0.58 -1.74 -12.66
CA TYR A 26 -1.90 -1.38 -13.21
C TYR A 26 -2.90 -2.49 -12.87
N PHE A 27 -4.18 -2.11 -12.78
CA PHE A 27 -5.27 -3.04 -12.47
C PHE A 27 -5.98 -3.48 -13.76
N SER A 28 -6.84 -4.49 -13.64
CA SER A 28 -7.62 -5.04 -14.77
C SER A 28 -9.05 -5.37 -14.30
N LYS A 29 -9.18 -6.43 -13.48
CA LYS A 29 -10.50 -6.86 -12.94
C LYS A 29 -10.37 -7.07 -11.41
N ALA A 30 -9.73 -8.18 -11.00
CA ALA A 30 -9.62 -8.54 -9.57
C ALA A 30 -8.47 -9.54 -9.32
N GLU A 31 -8.45 -10.65 -10.11
CA GLU A 31 -7.47 -11.74 -9.93
C GLU A 31 -6.05 -11.27 -10.27
N GLU A 32 -5.94 -10.55 -11.40
CA GLU A 32 -4.68 -9.94 -11.86
C GLU A 32 -4.19 -8.96 -10.80
N ALA A 33 -5.12 -8.11 -10.33
CA ALA A 33 -4.87 -7.11 -9.27
C ALA A 33 -4.37 -7.77 -7.97
N LYS A 34 -4.94 -8.95 -7.65
CA LYS A 34 -4.61 -9.73 -6.44
C LYS A 34 -3.15 -10.25 -6.47
N GLU A 35 -2.64 -10.48 -7.68
CA GLU A 35 -1.24 -10.88 -7.89
C GLU A 35 -0.31 -9.69 -7.54
N LEU A 36 -0.64 -8.49 -8.11
CA LEU A 36 0.07 -7.22 -7.80
C LEU A 36 0.04 -6.90 -6.30
N LEU A 37 -1.11 -7.21 -5.68
CA LEU A 37 -1.38 -7.05 -4.24
C LEU A 37 -0.33 -7.77 -3.40
N LYS A 38 -0.08 -9.05 -3.76
CA LYS A 38 0.90 -9.88 -3.07
C LYS A 38 2.30 -9.27 -3.24
N LYS A 39 2.64 -8.87 -4.47
CA LYS A 39 3.99 -8.34 -4.81
C LYS A 39 4.32 -7.03 -4.06
N VAL A 40 3.28 -6.20 -3.79
CA VAL A 40 3.42 -5.00 -2.94
C VAL A 40 3.67 -5.42 -1.48
N ALA A 41 2.89 -6.42 -1.02
CA ALA A 41 3.00 -6.97 0.36
C ALA A 41 4.36 -7.65 0.60
N GLU A 42 4.94 -8.27 -0.45
CA GLU A 42 6.24 -8.96 -0.38
C GLU A 42 7.35 -7.92 -0.17
N LYS A 43 7.35 -6.89 -1.04
CA LYS A 43 8.38 -5.85 -1.05
C LYS A 43 8.27 -4.93 0.18
N ALA A 44 7.03 -4.69 0.64
CA ALA A 44 6.76 -3.85 1.83
C ALA A 44 7.28 -4.53 3.10
N ALA A 45 6.98 -5.84 3.23
CA ALA A 45 7.46 -6.68 4.35
C ALA A 45 9.01 -6.78 4.34
N ASP A 46 9.58 -6.74 3.12
CA ASP A 46 11.03 -6.75 2.88
C ASP A 46 11.67 -5.44 3.36
N LYS A 47 10.99 -4.31 3.09
CA LYS A 47 11.45 -2.96 3.50
C LYS A 47 11.59 -2.89 5.02
N ILE A 48 10.61 -3.50 5.72
CA ILE A 48 10.56 -3.52 7.19
C ILE A 48 11.75 -4.31 7.77
N LYS A 49 12.19 -5.38 7.05
CA LYS A 49 13.32 -6.22 7.52
C LYS A 49 14.68 -5.51 7.39
N LYS A 50 14.79 -4.60 6.40
CA LYS A 50 15.97 -3.71 6.26
C LYS A 50 15.92 -2.57 7.31
N GLN A 51 14.73 -1.95 7.41
CA GLN A 51 14.48 -0.78 8.28
C GLN A 51 13.00 -0.77 8.68
N GLY A 52 12.71 -0.73 10.00
CA GLY A 52 11.33 -0.66 10.49
C GLY A 52 10.61 0.61 10.03
N CYS A 53 9.90 0.51 8.88
CA CYS A 53 9.06 1.59 8.38
C CYS A 53 7.76 1.63 9.20
N LYS A 54 7.81 2.42 10.30
CA LYS A 54 6.72 2.51 11.29
C LYS A 54 5.51 3.31 10.74
N ARG A 55 5.71 3.97 9.59
CA ARG A 55 4.63 4.61 8.83
C ARG A 55 4.79 4.22 7.36
N VAL A 56 3.78 3.55 6.81
CA VAL A 56 3.70 3.20 5.40
C VAL A 56 2.61 4.06 4.77
N LYS A 57 2.79 4.45 3.51
CA LYS A 57 1.87 5.34 2.80
C LYS A 57 1.64 4.78 1.39
N ILE A 58 0.38 4.75 0.97
CA ILE A 58 -0.03 4.30 -0.36
C ILE A 58 -1.14 5.25 -0.81
N ARG A 59 -1.00 5.85 -2.00
CA ARG A 59 -2.06 6.72 -2.56
C ARG A 59 -2.28 6.33 -4.03
N PHE A 60 -3.49 6.59 -4.51
CA PHE A 60 -3.98 6.09 -5.79
C PHE A 60 -5.15 6.96 -6.26
N GLU A 61 -5.24 7.24 -7.56
CA GLU A 61 -6.31 8.08 -8.13
C GLU A 61 -7.67 7.39 -8.01
N LYS A 62 -8.62 8.07 -7.35
CA LYS A 62 -9.98 7.56 -7.12
C LYS A 62 -10.98 8.41 -7.95
N LYS A 63 -10.85 8.31 -9.29
CA LYS A 63 -11.75 8.99 -10.25
C LYS A 63 -11.39 8.51 -11.68
N GLY A 64 -12.41 8.35 -12.55
CA GLY A 64 -12.22 7.87 -13.92
C GLY A 64 -11.89 6.38 -14.01
N LEU A 65 -12.14 5.66 -12.91
CA LEU A 65 -11.91 4.21 -12.82
C LEU A 65 -13.14 3.47 -13.40
N ASP A 66 -14.20 3.40 -12.56
CA ASP A 66 -15.45 2.64 -12.78
C ASP A 66 -16.06 2.40 -11.38
N ASP A 67 -17.36 2.08 -11.29
CA ASP A 67 -18.03 1.81 -9.99
C ASP A 67 -17.54 0.48 -9.39
N ASP A 68 -17.34 -0.55 -10.24
CA ASP A 68 -16.81 -1.86 -9.80
C ASP A 68 -15.31 -1.74 -9.46
N ALA A 69 -14.56 -1.09 -10.36
CA ALA A 69 -13.10 -0.84 -10.19
C ALA A 69 -12.78 0.02 -8.95
N ARG A 70 -13.73 0.91 -8.59
CA ARG A 70 -13.67 1.76 -7.38
C ARG A 70 -13.53 0.88 -6.13
N LYS A 71 -14.43 -0.10 -6.03
CA LYS A 71 -14.52 -1.02 -4.88
C LYS A 71 -13.39 -2.06 -4.92
N LYS A 72 -12.95 -2.44 -6.12
CA LYS A 72 -11.82 -3.37 -6.32
C LYS A 72 -10.52 -2.75 -5.80
N ALA A 73 -10.28 -1.48 -6.18
CA ALA A 73 -9.08 -0.72 -5.80
C ALA A 73 -9.10 -0.33 -4.33
N LYS A 74 -10.32 -0.08 -3.80
CA LYS A 74 -10.55 0.20 -2.37
C LYS A 74 -10.12 -1.03 -1.54
N LYS A 75 -10.73 -2.19 -1.87
CA LYS A 75 -10.50 -3.45 -1.15
C LYS A 75 -9.04 -3.89 -1.31
N TRP A 76 -8.46 -3.62 -2.49
CA TRP A 76 -7.06 -3.91 -2.82
C TRP A 76 -6.12 -3.24 -1.81
N ALA A 77 -6.30 -1.92 -1.66
CA ALA A 77 -5.48 -1.08 -0.77
C ALA A 77 -5.71 -1.44 0.72
N LEU A 78 -6.94 -1.90 1.05
CA LEU A 78 -7.29 -2.41 2.40
C LEU A 78 -6.54 -3.71 2.69
N GLU A 79 -6.56 -4.64 1.72
CA GLU A 79 -5.93 -5.97 1.83
C GLU A 79 -4.40 -5.83 1.98
N VAL A 80 -3.80 -4.97 1.14
CA VAL A 80 -2.35 -4.66 1.19
C VAL A 80 -1.97 -4.07 2.55
N ALA A 81 -2.75 -3.08 3.02
CA ALA A 81 -2.56 -2.40 4.32
C ALA A 81 -2.55 -3.40 5.48
N ASN A 82 -3.55 -4.30 5.45
CA ASN A 82 -3.73 -5.36 6.46
C ASN A 82 -2.65 -6.44 6.30
N LYS A 83 -2.14 -6.65 5.07
CA LYS A 83 -1.04 -7.63 4.83
C LYS A 83 0.22 -7.17 5.57
N ILE A 84 0.63 -5.92 5.31
CA ILE A 84 1.83 -5.30 5.91
C ILE A 84 1.68 -5.26 7.46
N ALA A 85 0.44 -5.01 7.92
CA ALA A 85 0.07 -4.95 9.35
C ALA A 85 0.06 -6.35 10.02
N ASN A 86 -0.36 -7.38 9.25
CA ASN A 86 -0.49 -8.79 9.77
C ASN A 86 0.86 -9.48 9.89
N GLU A 87 1.74 -9.26 8.88
CA GLU A 87 3.10 -9.89 8.84
C GLU A 87 3.94 -9.51 10.07
N LEU A 88 3.66 -8.31 10.59
CA LEU A 88 4.31 -7.80 11.81
C LEU A 88 3.44 -8.10 13.05
N GLY A 89 2.12 -7.93 12.88
CA GLY A 89 1.17 -7.99 13.99
C GLY A 89 1.22 -6.71 14.83
N ALA A 90 1.30 -5.57 14.14
CA ALA A 90 1.46 -4.25 14.78
C ALA A 90 0.11 -3.74 15.32
N LYS A 91 -0.76 -3.29 14.38
CA LYS A 91 -2.07 -2.68 14.68
C LYS A 91 -2.78 -2.36 13.34
N GLN A 92 -3.89 -1.60 13.41
CA GLN A 92 -4.72 -1.27 12.25
C GLN A 92 -4.23 0.02 11.54
N SER A 93 -4.57 0.14 10.26
CA SER A 93 -4.16 1.24 9.37
C SER A 93 -5.32 2.25 9.17
N THR A 94 -4.96 3.55 9.08
CA THR A 94 -5.90 4.65 8.91
C THR A 94 -6.04 4.95 7.40
N THR A 95 -7.26 4.74 6.87
CA THR A 95 -7.53 4.83 5.42
C THR A 95 -8.32 6.12 5.11
N THR A 96 -7.73 7.01 4.29
CA THR A 96 -8.44 8.12 3.65
C THR A 96 -9.16 7.54 2.41
N THR A 97 -10.50 7.50 2.48
CA THR A 97 -11.33 6.84 1.47
C THR A 97 -11.95 7.88 0.53
N ASP A 98 -12.26 7.42 -0.70
CA ASP A 98 -12.94 8.21 -1.75
C ASP A 98 -12.09 9.46 -2.14
N GLY A 99 -12.76 10.63 -2.38
CA GLY A 99 -12.07 11.86 -2.81
C GLY A 99 -11.53 11.78 -4.22
N ASP A 100 -10.53 12.63 -4.50
CA ASP A 100 -9.78 12.61 -5.77
C ASP A 100 -8.76 11.46 -5.78
N THR A 101 -8.31 11.05 -4.57
CA THR A 101 -7.29 10.01 -4.38
C THR A 101 -7.58 9.17 -3.12
N PHE A 102 -7.64 7.83 -3.31
CA PHE A 102 -7.72 6.87 -2.22
C PHE A 102 -6.30 6.72 -1.62
N GLU A 103 -6.15 7.03 -0.33
CA GLU A 103 -4.85 7.17 0.33
C GLU A 103 -4.86 6.44 1.69
N VAL A 104 -4.10 5.34 1.81
CA VAL A 104 -3.96 4.57 3.07
C VAL A 104 -2.62 4.86 3.79
N GLU A 105 -2.71 5.29 5.05
CA GLU A 105 -1.57 5.33 5.99
C GLU A 105 -1.61 4.08 6.87
N VAL A 106 -0.58 3.25 6.78
CA VAL A 106 -0.45 2.07 7.63
C VAL A 106 0.48 2.45 8.79
N ILE A 107 -0.10 2.67 9.98
CA ILE A 107 0.64 3.09 11.17
C ILE A 107 1.07 1.84 11.94
N LEU A 108 2.33 1.44 11.75
CA LEU A 108 2.90 0.23 12.38
C LEU A 108 3.76 0.59 13.60
N GLU A 109 3.24 0.36 14.80
CA GLU A 109 4.00 0.57 16.05
C GLU A 109 4.65 -0.75 16.48
N LEU A 110 5.93 -0.93 16.10
CA LEU A 110 6.73 -2.13 16.49
C LEU A 110 7.56 -1.85 17.75
N GLU A 111 7.14 -0.82 18.50
CA GLU A 111 7.68 -0.52 19.84
C GLU A 111 7.33 -1.68 20.81
N HIS A 112 6.22 -2.38 20.51
CA HIS A 112 5.75 -3.61 21.22
C HIS A 112 5.25 -3.31 22.65
N HIS A 113 4.94 -2.03 22.92
CA HIS A 113 4.38 -1.58 24.20
C HIS A 113 2.86 -1.39 24.05
N HIS A 114 2.10 -2.41 24.49
CA HIS A 114 0.63 -2.43 24.39
C HIS A 114 0.01 -1.40 25.35
N HIS A 115 -0.69 -0.39 24.82
CA HIS A 115 -1.34 0.64 25.65
C HIS A 115 -2.80 0.83 25.20
N HIS A 116 -3.71 0.14 25.90
CA HIS A 116 -5.15 0.41 25.84
C HIS A 116 -5.51 1.20 27.11
N HIS A 117 -6.29 2.29 26.96
CA HIS A 117 -6.60 3.26 28.04
C HIS A 117 -5.32 4.07 28.42
N MET A 1 -9.91 -0.51 -26.72
CA MET A 1 -10.52 -0.41 -25.37
C MET A 1 -10.06 0.90 -24.70
N ALA A 2 -8.78 0.92 -24.22
CA ALA A 2 -8.17 2.09 -23.51
C ALA A 2 -8.86 2.39 -22.15
N GLY A 3 -8.21 3.24 -21.32
CA GLY A 3 -8.73 3.63 -20.00
C GLY A 3 -8.37 2.62 -18.91
N LYS A 4 -8.31 1.33 -19.28
CA LYS A 4 -7.86 0.22 -18.43
C LYS A 4 -6.35 0.36 -18.14
N GLU A 5 -6.03 1.21 -17.15
CA GLU A 5 -4.64 1.50 -16.73
C GLU A 5 -4.65 2.28 -15.41
N LEU A 6 -5.34 1.71 -14.40
CA LEU A 6 -5.46 2.32 -13.06
C LEU A 6 -4.07 2.37 -12.40
N ARG A 7 -3.43 3.55 -12.46
CA ARG A 7 -2.07 3.75 -11.95
C ARG A 7 -2.09 3.85 -10.42
N VAL A 8 -1.20 3.11 -9.75
CA VAL A 8 -1.12 3.03 -8.28
C VAL A 8 0.32 3.36 -7.88
N GLU A 9 0.49 4.45 -7.11
CA GLU A 9 1.81 4.90 -6.65
C GLU A 9 1.95 4.61 -5.15
N ILE A 10 2.64 3.50 -4.83
CA ILE A 10 2.86 3.06 -3.45
C ILE A 10 4.18 3.64 -2.95
N LYS A 11 4.11 4.50 -1.93
CA LYS A 11 5.30 5.11 -1.32
C LYS A 11 5.74 4.23 -0.15
N ILE A 12 7.00 3.77 -0.19
CA ILE A 12 7.63 3.12 0.96
C ILE A 12 8.42 4.20 1.69
N ASP A 13 7.93 4.56 2.88
CA ASP A 13 8.50 5.62 3.70
C ASP A 13 9.45 4.95 4.70
N CYS A 14 10.74 4.98 4.35
CA CYS A 14 11.77 4.17 5.02
C CYS A 14 12.72 5.04 5.82
N GLY A 15 13.38 5.97 5.11
CA GLY A 15 14.40 6.82 5.69
C GLY A 15 15.17 7.52 4.59
N ASN A 16 15.78 8.68 4.93
CA ASN A 16 16.38 9.62 3.96
C ASN A 16 15.25 10.19 3.07
N ASP A 17 14.84 11.44 3.36
CA ASP A 17 13.73 12.12 2.66
C ASP A 17 14.06 12.34 1.17
N ASP A 18 15.36 12.39 0.87
CA ASP A 18 15.90 12.40 -0.51
C ASP A 18 15.59 11.05 -1.19
N LYS A 19 15.91 9.96 -0.46
CA LYS A 19 15.80 8.58 -0.95
C LYS A 19 14.36 8.04 -0.67
N GLU A 20 13.42 8.57 -1.45
CA GLU A 20 12.03 8.09 -1.50
C GLU A 20 11.95 6.81 -2.34
N THR A 21 10.96 5.95 -2.05
CA THR A 21 10.76 4.69 -2.79
C THR A 21 9.30 4.67 -3.29
N THR A 22 9.10 4.29 -4.56
CA THR A 22 7.77 4.25 -5.18
C THR A 22 7.61 2.95 -5.98
N TYR A 23 6.39 2.39 -5.96
CA TYR A 23 6.00 1.28 -6.82
C TYR A 23 4.92 1.74 -7.79
N ASP A 24 5.16 1.52 -9.09
CA ASP A 24 4.20 1.84 -10.15
C ASP A 24 3.59 0.53 -10.64
N LEU A 25 2.30 0.36 -10.34
CA LEU A 25 1.54 -0.84 -10.73
C LEU A 25 0.18 -0.40 -11.28
N TYR A 26 -0.45 -1.28 -12.06
CA TYR A 26 -1.73 -0.99 -12.72
C TYR A 26 -2.71 -2.10 -12.41
N PHE A 27 -3.96 -1.72 -12.11
CA PHE A 27 -5.09 -2.65 -12.06
C PHE A 27 -5.60 -2.86 -13.50
N SER A 28 -4.84 -3.66 -14.26
CA SER A 28 -5.21 -4.08 -15.61
C SER A 28 -6.46 -4.98 -15.52
N LYS A 29 -6.45 -5.88 -14.53
CA LYS A 29 -7.62 -6.69 -14.14
C LYS A 29 -7.66 -6.80 -12.61
N ALA A 30 -8.80 -7.33 -12.11
CA ALA A 30 -8.95 -7.71 -10.70
C ALA A 30 -8.09 -8.95 -10.41
N GLU A 31 -8.03 -9.84 -11.42
CA GLU A 31 -7.13 -11.01 -11.46
C GLU A 31 -5.68 -10.57 -11.21
N GLU A 32 -5.25 -9.56 -11.99
CA GLU A 32 -3.92 -8.93 -11.86
C GLU A 32 -3.74 -8.36 -10.44
N ALA A 33 -4.76 -7.59 -9.98
CA ALA A 33 -4.73 -6.87 -8.69
C ALA A 33 -4.47 -7.80 -7.49
N LYS A 34 -4.88 -9.08 -7.61
CA LYS A 34 -4.68 -10.09 -6.54
C LYS A 34 -3.18 -10.41 -6.36
N GLU A 35 -2.47 -10.48 -7.50
CA GLU A 35 -1.01 -10.70 -7.52
C GLU A 35 -0.27 -9.44 -7.05
N LEU A 36 -0.74 -8.26 -7.54
CA LEU A 36 -0.17 -6.94 -7.18
C LEU A 36 -0.32 -6.66 -5.68
N LEU A 37 -1.40 -7.18 -5.09
CA LEU A 37 -1.64 -7.15 -3.63
C LEU A 37 -0.49 -7.81 -2.90
N LYS A 38 -0.12 -9.02 -3.38
CA LYS A 38 0.93 -9.83 -2.76
C LYS A 38 2.30 -9.20 -3.01
N LYS A 39 2.52 -8.62 -4.23
CA LYS A 39 3.80 -8.01 -4.62
C LYS A 39 4.17 -6.85 -3.69
N VAL A 40 3.23 -5.91 -3.51
CA VAL A 40 3.38 -4.78 -2.58
C VAL A 40 3.60 -5.31 -1.14
N ALA A 41 2.84 -6.35 -0.77
CA ALA A 41 2.92 -6.99 0.55
C ALA A 41 4.31 -7.64 0.83
N GLU A 42 4.95 -8.24 -0.21
CA GLU A 42 6.26 -8.92 -0.06
C GLU A 42 7.39 -7.88 0.10
N LYS A 43 7.46 -6.95 -0.88
CA LYS A 43 8.57 -6.01 -1.02
C LYS A 43 8.56 -4.96 0.13
N ALA A 44 7.36 -4.51 0.54
CA ALA A 44 7.21 -3.55 1.65
C ALA A 44 7.63 -4.19 2.97
N ALA A 45 7.15 -5.43 3.22
CA ALA A 45 7.46 -6.21 4.43
C ALA A 45 8.99 -6.49 4.55
N ASP A 46 9.66 -6.59 3.38
CA ASP A 46 11.13 -6.80 3.30
C ASP A 46 11.87 -5.52 3.73
N LYS A 47 11.31 -4.34 3.38
CA LYS A 47 11.86 -3.03 3.80
C LYS A 47 11.70 -2.87 5.32
N ILE A 48 10.64 -3.46 5.89
CA ILE A 48 10.42 -3.45 7.35
C ILE A 48 11.51 -4.27 8.04
N LYS A 49 11.84 -5.41 7.41
CA LYS A 49 12.79 -6.40 7.93
C LYS A 49 14.20 -5.77 8.05
N LYS A 50 14.66 -5.09 6.98
CA LYS A 50 16.00 -4.48 6.91
C LYS A 50 16.03 -3.11 7.62
N GLN A 51 15.08 -2.23 7.24
CA GLN A 51 15.20 -0.77 7.46
C GLN A 51 14.07 -0.18 8.33
N GLY A 52 13.23 -1.04 8.95
CA GLY A 52 12.16 -0.57 9.84
C GLY A 52 10.92 -0.09 9.07
N CYS A 53 11.07 1.07 8.38
CA CYS A 53 10.06 1.64 7.45
C CYS A 53 8.68 1.79 8.13
N LYS A 54 8.63 2.66 9.14
CA LYS A 54 7.50 2.75 10.09
C LYS A 54 6.22 3.34 9.46
N ARG A 55 6.33 3.92 8.26
CA ARG A 55 5.17 4.37 7.48
C ARG A 55 5.24 3.70 6.10
N VAL A 56 4.09 3.22 5.61
CA VAL A 56 3.95 2.76 4.22
C VAL A 56 2.70 3.46 3.66
N LYS A 57 2.90 4.34 2.68
CA LYS A 57 1.83 5.17 2.14
C LYS A 57 1.29 4.53 0.86
N ILE A 58 -0.02 4.33 0.83
CA ILE A 58 -0.74 3.92 -0.37
C ILE A 58 -1.42 5.19 -0.91
N ARG A 59 -0.99 5.67 -2.08
CA ARG A 59 -1.62 6.82 -2.75
C ARG A 59 -2.14 6.37 -4.11
N PHE A 60 -3.36 6.78 -4.42
CA PHE A 60 -4.11 6.33 -5.57
C PHE A 60 -5.22 7.36 -5.84
N GLU A 61 -5.45 7.71 -7.11
CA GLU A 61 -6.50 8.68 -7.49
C GLU A 61 -7.72 7.94 -8.04
N LYS A 62 -8.89 8.58 -7.91
CA LYS A 62 -10.16 8.10 -8.48
C LYS A 62 -10.79 9.24 -9.31
N LYS A 63 -12.16 9.27 -9.37
CA LYS A 63 -12.91 10.26 -10.17
C LYS A 63 -12.67 10.02 -11.67
N GLY A 64 -12.34 8.76 -12.02
CA GLY A 64 -12.06 8.38 -13.40
C GLY A 64 -11.61 6.93 -13.56
N LEU A 65 -11.87 6.05 -12.54
CA LEU A 65 -11.49 4.63 -12.63
C LEU A 65 -12.47 3.85 -13.54
N ASP A 66 -13.66 3.60 -12.97
CA ASP A 66 -14.74 2.73 -13.50
C ASP A 66 -15.56 2.30 -12.27
N ASP A 67 -16.88 2.15 -12.43
CA ASP A 67 -17.81 1.85 -11.29
C ASP A 67 -17.38 0.60 -10.50
N ASP A 68 -17.04 -0.45 -11.25
CA ASP A 68 -16.61 -1.76 -10.71
C ASP A 68 -15.14 -1.70 -10.23
N ALA A 69 -14.28 -0.98 -11.00
CA ALA A 69 -12.84 -0.84 -10.70
C ALA A 69 -12.59 -0.07 -9.39
N ARG A 70 -13.53 0.85 -9.07
CA ARG A 70 -13.51 1.66 -7.84
C ARG A 70 -13.62 0.76 -6.60
N LYS A 71 -14.58 -0.18 -6.64
CA LYS A 71 -14.91 -1.05 -5.50
C LYS A 71 -13.75 -1.98 -5.15
N LYS A 72 -13.14 -2.58 -6.19
CA LYS A 72 -12.05 -3.56 -6.02
C LYS A 72 -10.74 -2.87 -5.61
N ALA A 73 -10.53 -1.61 -6.05
CA ALA A 73 -9.37 -0.77 -5.65
C ALA A 73 -9.51 -0.35 -4.18
N LYS A 74 -10.77 -0.03 -3.79
CA LYS A 74 -11.15 0.31 -2.41
C LYS A 74 -10.85 -0.87 -1.47
N LYS A 75 -11.36 -2.05 -1.88
CA LYS A 75 -11.18 -3.33 -1.19
C LYS A 75 -9.69 -3.70 -1.08
N TRP A 76 -8.97 -3.48 -2.19
CA TRP A 76 -7.57 -3.89 -2.38
C TRP A 76 -6.64 -3.30 -1.32
N ALA A 77 -6.61 -1.95 -1.24
CA ALA A 77 -5.65 -1.21 -0.40
C ALA A 77 -5.87 -1.48 1.10
N LEU A 78 -7.12 -1.76 1.47
CA LEU A 78 -7.50 -2.14 2.84
C LEU A 78 -6.86 -3.49 3.21
N GLU A 79 -6.97 -4.46 2.27
CA GLU A 79 -6.43 -5.82 2.43
C GLU A 79 -4.90 -5.78 2.55
N VAL A 80 -4.25 -5.05 1.61
CA VAL A 80 -2.79 -4.88 1.57
C VAL A 80 -2.26 -4.26 2.88
N ALA A 81 -2.94 -3.18 3.33
CA ALA A 81 -2.58 -2.43 4.54
C ALA A 81 -2.52 -3.35 5.79
N ASN A 82 -3.61 -4.12 5.98
CA ASN A 82 -3.77 -5.05 7.10
C ASN A 82 -2.95 -6.33 6.89
N LYS A 83 -2.65 -6.68 5.61
CA LYS A 83 -1.90 -7.91 5.24
C LYS A 83 -0.46 -7.80 5.79
N ILE A 84 0.19 -6.66 5.46
CA ILE A 84 1.56 -6.35 5.89
C ILE A 84 1.61 -6.23 7.43
N ALA A 85 0.60 -5.54 8.01
CA ALA A 85 0.46 -5.37 9.48
C ALA A 85 0.35 -6.72 10.21
N ASN A 86 -0.34 -7.69 9.55
CA ASN A 86 -0.60 -9.03 10.12
C ASN A 86 0.66 -9.92 10.00
N GLU A 87 1.40 -9.77 8.88
CA GLU A 87 2.67 -10.50 8.66
C GLU A 87 3.68 -10.21 9.77
N LEU A 88 3.76 -8.93 10.13
CA LEU A 88 4.75 -8.41 11.08
C LEU A 88 4.24 -8.52 12.53
N GLY A 89 2.91 -8.36 12.71
CA GLY A 89 2.32 -8.23 14.04
C GLY A 89 2.59 -6.84 14.61
N ALA A 90 2.26 -5.82 13.81
CA ALA A 90 2.62 -4.41 14.07
C ALA A 90 1.37 -3.53 14.25
N LYS A 91 1.61 -2.22 14.51
CA LYS A 91 0.57 -1.17 14.61
C LYS A 91 -0.27 -1.11 13.31
N GLN A 92 -1.54 -0.71 13.43
CA GLN A 92 -2.52 -0.79 12.33
C GLN A 92 -2.45 0.42 11.40
N SER A 93 -3.23 0.33 10.32
CA SER A 93 -3.30 1.34 9.27
C SER A 93 -4.48 2.29 9.50
N THR A 94 -4.32 3.54 9.06
CA THR A 94 -5.42 4.48 8.88
C THR A 94 -5.76 4.54 7.37
N THR A 95 -7.05 4.70 7.05
CA THR A 95 -7.54 4.69 5.66
C THR A 95 -8.50 5.86 5.41
N THR A 96 -8.35 6.48 4.23
CA THR A 96 -9.14 7.64 3.81
C THR A 96 -9.61 7.44 2.36
N THR A 97 -10.92 7.26 2.16
CA THR A 97 -11.53 7.34 0.84
C THR A 97 -12.13 8.74 0.65
N ASP A 98 -11.42 9.58 -0.11
CA ASP A 98 -11.84 10.96 -0.44
C ASP A 98 -12.71 10.93 -1.71
N GLY A 99 -13.51 12.00 -1.94
CA GLY A 99 -14.35 12.11 -3.13
C GLY A 99 -13.56 11.92 -4.42
N ASP A 100 -12.40 12.60 -4.49
CA ASP A 100 -11.47 12.49 -5.62
C ASP A 100 -10.43 11.40 -5.34
N THR A 101 -9.54 11.65 -4.36
CA THR A 101 -8.35 10.81 -4.08
C THR A 101 -8.71 9.60 -3.18
N PHE A 102 -7.76 8.66 -3.07
CA PHE A 102 -7.87 7.47 -2.21
C PHE A 102 -6.48 7.19 -1.60
N GLU A 103 -6.32 7.45 -0.29
CA GLU A 103 -5.03 7.29 0.41
C GLU A 103 -5.22 6.46 1.70
N VAL A 104 -4.31 5.49 1.89
CA VAL A 104 -4.32 4.57 3.03
C VAL A 104 -2.88 4.55 3.58
N GLU A 105 -2.68 5.18 4.73
CA GLU A 105 -1.36 5.25 5.38
C GLU A 105 -1.28 4.10 6.39
N VAL A 106 -0.26 3.27 6.22
CA VAL A 106 -0.04 2.09 7.04
C VAL A 106 1.02 2.47 8.08
N ILE A 107 0.57 2.70 9.32
CA ILE A 107 1.46 3.08 10.41
C ILE A 107 1.97 1.80 11.07
N LEU A 108 3.16 1.34 10.67
CA LEU A 108 3.78 0.14 11.24
C LEU A 108 4.84 0.55 12.27
N GLU A 109 4.47 0.50 13.54
CA GLU A 109 5.39 0.78 14.65
C GLU A 109 5.85 -0.55 15.23
N LEU A 110 7.15 -0.86 15.05
CA LEU A 110 7.79 -2.03 15.68
C LEU A 110 8.91 -1.53 16.60
N GLU A 111 8.63 -1.48 17.93
CA GLU A 111 9.66 -1.18 18.95
C GLU A 111 10.52 -2.46 19.08
N HIS A 112 11.57 -2.53 18.23
CA HIS A 112 12.42 -3.71 17.94
C HIS A 112 11.59 -4.93 17.41
N HIS A 113 10.64 -5.42 18.26
CA HIS A 113 9.71 -6.49 17.95
C HIS A 113 10.50 -7.79 17.70
N HIS A 114 10.91 -7.97 16.44
CA HIS A 114 11.71 -9.10 15.99
C HIS A 114 11.88 -8.96 14.47
N HIS A 115 13.14 -8.81 14.02
CA HIS A 115 13.47 -8.80 12.58
C HIS A 115 13.23 -10.22 12.02
N HIS A 116 12.19 -10.37 11.17
CA HIS A 116 11.74 -11.68 10.65
C HIS A 116 12.84 -12.36 9.82
N HIS A 117 13.61 -13.24 10.48
CA HIS A 117 14.64 -14.05 9.83
C HIS A 117 13.96 -15.15 9.00
N MET A 1 2.76 6.82 -22.48
CA MET A 1 3.28 7.43 -21.24
C MET A 1 2.49 6.91 -20.03
N ALA A 2 1.27 7.41 -19.87
CA ALA A 2 0.37 7.02 -18.75
C ALA A 2 -0.19 5.59 -18.93
N GLY A 3 -0.13 5.09 -20.17
CA GLY A 3 -0.64 3.77 -20.52
C GLY A 3 -2.10 3.83 -20.91
N LYS A 4 -2.98 3.25 -20.08
CA LYS A 4 -4.44 3.28 -20.25
C LYS A 4 -5.15 2.86 -18.96
N GLU A 5 -4.37 2.61 -17.91
CA GLU A 5 -4.83 1.88 -16.70
C GLU A 5 -4.84 2.79 -15.46
N LEU A 6 -4.98 2.15 -14.28
CA LEU A 6 -5.18 2.84 -13.00
C LEU A 6 -3.85 3.43 -12.51
N ARG A 7 -3.85 4.77 -12.29
CA ARG A 7 -2.66 5.49 -11.79
C ARG A 7 -2.54 5.23 -10.27
N VAL A 8 -1.52 4.45 -9.87
CA VAL A 8 -1.31 4.09 -8.47
C VAL A 8 0.09 4.58 -8.05
N GLU A 9 0.20 5.12 -6.83
CA GLU A 9 1.49 5.38 -6.17
C GLU A 9 1.54 4.56 -4.88
N ILE A 10 2.15 3.37 -4.91
CA ILE A 10 2.35 2.60 -3.68
C ILE A 10 3.73 2.99 -3.14
N LYS A 11 3.74 3.62 -1.98
CA LYS A 11 4.90 4.40 -1.49
C LYS A 11 5.36 3.84 -0.13
N ILE A 12 6.69 3.80 0.07
CA ILE A 12 7.32 3.35 1.33
C ILE A 12 8.05 4.53 1.98
N ASP A 13 7.81 4.74 3.28
CA ASP A 13 8.54 5.71 4.11
C ASP A 13 9.13 4.99 5.33
N CYS A 14 10.46 4.81 5.31
CA CYS A 14 11.20 4.00 6.30
C CYS A 14 11.71 4.84 7.50
N GLY A 15 11.54 6.18 7.44
CA GLY A 15 11.96 7.08 8.53
C GLY A 15 12.35 8.46 8.01
N ASN A 16 13.66 8.68 7.80
CA ASN A 16 14.21 9.96 7.28
C ASN A 16 15.30 9.63 6.24
N ASP A 17 14.98 8.63 5.43
CA ASP A 17 15.87 8.09 4.39
C ASP A 17 15.90 9.00 3.16
N ASP A 18 14.75 9.70 2.92
CA ASP A 18 14.49 10.53 1.72
C ASP A 18 14.44 9.69 0.44
N LYS A 19 14.42 8.36 0.61
CA LYS A 19 14.35 7.41 -0.50
C LYS A 19 12.89 7.19 -0.86
N GLU A 20 12.39 8.03 -1.78
CA GLU A 20 11.04 7.90 -2.32
C GLU A 20 10.96 6.60 -3.10
N THR A 21 10.17 5.65 -2.60
CA THR A 21 10.03 4.34 -3.22
C THR A 21 8.57 4.14 -3.62
N THR A 22 8.29 4.27 -4.91
CA THR A 22 6.99 3.97 -5.49
C THR A 22 7.14 2.71 -6.34
N TYR A 23 6.08 1.89 -6.37
CA TYR A 23 6.04 0.66 -7.17
C TYR A 23 5.20 0.94 -8.42
N ASP A 24 5.71 0.52 -9.59
CA ASP A 24 4.99 0.67 -10.86
C ASP A 24 4.12 -0.57 -11.08
N LEU A 25 2.83 -0.42 -10.80
CA LEU A 25 1.83 -1.47 -11.04
C LEU A 25 0.51 -0.82 -11.46
N TYR A 26 -0.29 -1.59 -12.19
CA TYR A 26 -1.58 -1.17 -12.72
C TYR A 26 -2.56 -2.30 -12.44
N PHE A 27 -3.65 -2.02 -11.70
CA PHE A 27 -4.56 -3.07 -11.22
C PHE A 27 -5.45 -3.56 -12.36
N SER A 28 -5.32 -4.85 -12.67
CA SER A 28 -6.34 -5.57 -13.42
C SER A 28 -7.56 -5.86 -12.48
N LYS A 29 -8.60 -6.49 -13.02
CA LYS A 29 -9.91 -6.70 -12.34
C LYS A 29 -9.82 -7.50 -11.00
N ALA A 30 -9.55 -6.75 -9.90
CA ALA A 30 -9.64 -7.21 -8.47
C ALA A 30 -8.87 -8.52 -8.15
N GLU A 31 -9.45 -9.68 -8.56
CA GLU A 31 -8.83 -11.01 -8.38
C GLU A 31 -7.56 -11.15 -9.25
N GLU A 32 -7.57 -10.45 -10.39
CA GLU A 32 -6.41 -10.34 -11.29
C GLU A 32 -5.32 -9.43 -10.67
N ALA A 33 -5.76 -8.43 -9.87
CA ALA A 33 -4.88 -7.51 -9.14
C ALA A 33 -4.17 -8.20 -7.95
N LYS A 34 -4.76 -9.32 -7.44
CA LYS A 34 -4.25 -10.08 -6.26
C LYS A 34 -2.77 -10.52 -6.41
N GLU A 35 -2.31 -10.73 -7.65
CA GLU A 35 -0.89 -11.05 -7.94
C GLU A 35 0.02 -9.88 -7.49
N LEU A 36 -0.38 -8.65 -7.89
CA LEU A 36 0.30 -7.40 -7.55
C LEU A 36 0.23 -7.13 -6.03
N LEU A 37 -0.91 -7.53 -5.44
CA LEU A 37 -1.18 -7.43 -4.00
C LEU A 37 -0.13 -8.18 -3.19
N LYS A 38 0.17 -9.41 -3.64
CA LYS A 38 1.17 -10.26 -3.02
C LYS A 38 2.56 -9.60 -3.14
N LYS A 39 2.92 -9.20 -4.38
CA LYS A 39 4.24 -8.63 -4.72
C LYS A 39 4.57 -7.38 -3.86
N VAL A 40 3.57 -6.49 -3.67
CA VAL A 40 3.72 -5.30 -2.82
C VAL A 40 3.97 -5.71 -1.35
N ALA A 41 3.10 -6.59 -0.82
CA ALA A 41 3.12 -7.01 0.60
C ALA A 41 4.38 -7.83 0.96
N GLU A 42 4.92 -8.60 -0.02
CA GLU A 42 6.14 -9.41 0.15
C GLU A 42 7.37 -8.49 0.28
N LYS A 43 7.52 -7.58 -0.71
CA LYS A 43 8.69 -6.72 -0.85
C LYS A 43 8.74 -5.66 0.25
N ALA A 44 7.57 -5.01 0.50
CA ALA A 44 7.43 -3.96 1.53
C ALA A 44 7.83 -4.48 2.92
N ALA A 45 7.51 -5.78 3.17
CA ALA A 45 7.85 -6.47 4.42
C ALA A 45 9.36 -6.47 4.71
N ASP A 46 10.18 -6.54 3.63
CA ASP A 46 11.65 -6.51 3.73
C ASP A 46 12.18 -5.10 4.06
N LYS A 47 11.52 -4.02 3.54
CA LYS A 47 11.95 -2.61 3.83
C LYS A 47 11.73 -2.29 5.33
N ILE A 48 10.59 -2.77 5.86
CA ILE A 48 10.18 -2.58 7.27
C ILE A 48 11.08 -3.39 8.21
N LYS A 49 11.54 -4.56 7.70
CA LYS A 49 12.37 -5.52 8.44
C LYS A 49 13.72 -4.90 8.94
N LYS A 50 14.23 -3.88 8.23
CA LYS A 50 15.49 -3.18 8.60
C LYS A 50 15.36 -2.42 9.94
N GLN A 51 14.12 -1.98 10.26
CA GLN A 51 13.82 -1.19 11.47
C GLN A 51 12.34 -1.32 11.83
N GLY A 52 11.48 -0.65 11.04
CA GLY A 52 10.05 -0.58 11.30
C GLY A 52 9.46 0.67 10.68
N CYS A 53 9.15 0.58 9.36
CA CYS A 53 8.53 1.66 8.60
C CYS A 53 7.15 1.98 9.20
N LYS A 54 7.10 3.09 9.95
CA LYS A 54 5.90 3.53 10.69
C LYS A 54 4.79 3.94 9.72
N ARG A 55 5.18 4.49 8.56
CA ARG A 55 4.23 4.93 7.53
C ARG A 55 4.57 4.24 6.21
N VAL A 56 3.67 3.37 5.78
CA VAL A 56 3.65 2.79 4.44
C VAL A 56 2.43 3.41 3.77
N LYS A 57 2.63 4.17 2.71
CA LYS A 57 1.60 5.05 2.17
C LYS A 57 1.08 4.51 0.84
N ILE A 58 -0.20 4.10 0.85
CA ILE A 58 -0.89 3.63 -0.34
C ILE A 58 -1.70 4.81 -0.89
N ARG A 59 -1.28 5.30 -2.05
CA ARG A 59 -1.90 6.41 -2.75
C ARG A 59 -2.45 5.85 -4.06
N PHE A 60 -3.58 6.36 -4.49
CA PHE A 60 -4.30 5.85 -5.66
C PHE A 60 -5.15 6.98 -6.24
N GLU A 61 -5.19 7.08 -7.58
CA GLU A 61 -5.98 8.11 -8.29
C GLU A 61 -7.44 7.65 -8.43
N LYS A 62 -8.39 8.59 -8.34
CA LYS A 62 -9.84 8.31 -8.47
C LYS A 62 -10.42 9.09 -9.69
N LYS A 63 -9.53 9.61 -10.56
CA LYS A 63 -9.92 10.50 -11.67
C LYS A 63 -10.09 9.74 -12.99
N GLY A 64 -9.00 9.11 -13.47
CA GLY A 64 -8.97 8.45 -14.78
C GLY A 64 -9.45 6.99 -14.71
N LEU A 65 -10.64 6.78 -14.11
CA LEU A 65 -11.27 5.46 -13.90
C LEU A 65 -12.70 5.64 -13.36
N ASP A 66 -13.35 4.52 -13.01
CA ASP A 66 -14.75 4.49 -12.53
C ASP A 66 -14.81 4.12 -11.03
N ASP A 67 -15.95 4.42 -10.38
CA ASP A 67 -16.22 4.12 -8.95
C ASP A 67 -16.10 2.61 -8.62
N ASP A 68 -16.33 1.76 -9.64
CA ASP A 68 -16.16 0.30 -9.56
C ASP A 68 -14.68 -0.04 -9.33
N ALA A 69 -13.80 0.63 -10.10
CA ALA A 69 -12.33 0.50 -9.99
C ALA A 69 -11.82 1.05 -8.64
N ARG A 70 -12.50 2.09 -8.12
CA ARG A 70 -12.24 2.69 -6.80
C ARG A 70 -12.42 1.64 -5.68
N LYS A 71 -13.56 0.90 -5.72
CA LYS A 71 -13.92 -0.09 -4.68
C LYS A 71 -13.03 -1.34 -4.75
N LYS A 72 -12.73 -1.79 -5.98
CA LYS A 72 -11.83 -2.95 -6.21
C LYS A 72 -10.42 -2.67 -5.68
N ALA A 73 -9.93 -1.45 -5.95
CA ALA A 73 -8.61 -0.97 -5.50
C ALA A 73 -8.60 -0.66 -4.00
N LYS A 74 -9.78 -0.27 -3.47
CA LYS A 74 -9.97 0.00 -2.04
C LYS A 74 -9.74 -1.29 -1.23
N LYS A 75 -10.48 -2.35 -1.64
CA LYS A 75 -10.42 -3.66 -0.97
C LYS A 75 -9.02 -4.28 -1.13
N TRP A 76 -8.43 -4.09 -2.33
CA TRP A 76 -7.04 -4.47 -2.63
C TRP A 76 -6.08 -3.83 -1.60
N ALA A 77 -6.21 -2.50 -1.42
CA ALA A 77 -5.36 -1.68 -0.54
C ALA A 77 -5.50 -2.09 0.94
N LEU A 78 -6.73 -2.48 1.31
CA LEU A 78 -7.04 -2.99 2.66
C LEU A 78 -6.28 -4.29 2.93
N GLU A 79 -6.39 -5.22 1.96
CA GLU A 79 -5.80 -6.56 2.07
C GLU A 79 -4.27 -6.50 2.09
N VAL A 80 -3.67 -5.59 1.28
CA VAL A 80 -2.20 -5.36 1.27
C VAL A 80 -1.72 -4.86 2.65
N ALA A 81 -2.41 -3.83 3.17
CA ALA A 81 -2.09 -3.20 4.47
C ALA A 81 -2.12 -4.23 5.63
N ASN A 82 -3.17 -5.07 5.63
CA ASN A 82 -3.36 -6.13 6.65
C ASN A 82 -2.41 -7.33 6.39
N LYS A 83 -2.01 -7.54 5.11
CA LYS A 83 -1.14 -8.68 4.74
C LYS A 83 0.30 -8.46 5.24
N ILE A 84 0.77 -7.20 5.12
CA ILE A 84 2.07 -6.77 5.66
C ILE A 84 2.06 -6.92 7.19
N ALA A 85 0.92 -6.56 7.81
CA ALA A 85 0.69 -6.69 9.25
C ALA A 85 0.77 -8.16 9.72
N ASN A 86 0.41 -9.10 8.83
CA ASN A 86 0.48 -10.55 9.10
C ASN A 86 1.94 -11.02 9.19
N GLU A 87 2.81 -10.40 8.38
CA GLU A 87 4.21 -10.81 8.24
C GLU A 87 5.08 -10.37 9.44
N LEU A 88 4.88 -9.12 9.90
CA LEU A 88 5.79 -8.46 10.87
C LEU A 88 5.01 -7.82 12.05
N GLY A 89 3.78 -8.29 12.28
CA GLY A 89 2.97 -7.85 13.43
C GLY A 89 2.29 -6.50 13.20
N ALA A 90 3.13 -5.42 13.20
CA ALA A 90 2.73 -4.07 12.76
C ALA A 90 1.59 -3.46 13.61
N LYS A 91 0.73 -2.60 12.98
CA LYS A 91 -0.49 -2.07 13.60
C LYS A 91 -1.66 -2.11 12.57
N GLN A 92 -1.94 -1.00 11.85
CA GLN A 92 -3.19 -0.87 11.04
C GLN A 92 -3.07 0.33 10.07
N SER A 93 -4.20 0.76 9.44
CA SER A 93 -4.21 1.79 8.39
C SER A 93 -5.43 2.73 8.52
N THR A 94 -5.21 4.04 8.26
CA THR A 94 -6.30 5.03 8.17
C THR A 94 -6.69 5.16 6.68
N THR A 95 -7.95 4.82 6.37
CA THR A 95 -8.47 4.78 5.00
C THR A 95 -9.40 5.98 4.74
N THR A 96 -8.92 6.92 3.91
CA THR A 96 -9.66 8.12 3.53
C THR A 96 -9.91 8.11 2.01
N THR A 97 -11.17 7.91 1.61
CA THR A 97 -11.55 7.83 0.19
C THR A 97 -12.08 9.20 -0.28
N ASP A 98 -11.27 9.89 -1.09
CA ASP A 98 -11.60 11.23 -1.63
C ASP A 98 -11.89 11.10 -3.13
N GLY A 99 -12.75 12.03 -3.63
CA GLY A 99 -13.18 12.03 -5.03
C GLY A 99 -12.06 12.32 -6.03
N ASP A 100 -10.99 12.97 -5.56
CA ASP A 100 -9.81 13.29 -6.39
C ASP A 100 -8.78 12.15 -6.29
N THR A 101 -8.29 11.89 -5.06
CA THR A 101 -7.26 10.87 -4.77
C THR A 101 -7.68 10.00 -3.58
N PHE A 102 -7.68 8.67 -3.80
CA PHE A 102 -7.89 7.69 -2.74
C PHE A 102 -6.59 7.59 -1.89
N GLU A 103 -6.67 8.11 -0.65
CA GLU A 103 -5.50 8.32 0.22
C GLU A 103 -5.60 7.41 1.46
N VAL A 104 -4.68 6.44 1.58
CA VAL A 104 -4.64 5.48 2.70
C VAL A 104 -3.21 5.42 3.25
N GLU A 105 -2.98 6.01 4.42
CA GLU A 105 -1.68 5.90 5.10
C GLU A 105 -1.79 4.74 6.08
N VAL A 106 -0.87 3.79 5.98
CA VAL A 106 -0.85 2.60 6.81
C VAL A 106 0.18 2.83 7.94
N ILE A 107 -0.34 3.05 9.17
CA ILE A 107 0.50 3.35 10.34
C ILE A 107 0.84 2.03 11.04
N LEU A 108 2.04 1.52 10.75
CA LEU A 108 2.54 0.26 11.32
C LEU A 108 3.56 0.60 12.42
N GLU A 109 3.11 0.53 13.68
CA GLU A 109 3.95 0.84 14.84
C GLU A 109 4.67 -0.43 15.32
N LEU A 110 5.94 -0.58 14.93
CA LEU A 110 6.82 -1.64 15.41
C LEU A 110 7.81 -1.03 16.40
N GLU A 111 7.68 -1.39 17.69
CA GLU A 111 8.69 -1.09 18.70
C GLU A 111 9.91 -1.99 18.44
N HIS A 112 9.69 -3.32 18.52
CA HIS A 112 10.62 -4.37 18.05
C HIS A 112 9.84 -5.70 17.94
N HIS A 113 9.63 -6.39 19.08
CA HIS A 113 9.05 -7.75 19.10
C HIS A 113 7.53 -7.72 18.86
N HIS A 114 7.02 -8.81 18.27
CA HIS A 114 5.58 -9.06 18.15
C HIS A 114 5.31 -10.54 18.42
N HIS A 115 4.17 -10.82 19.09
CA HIS A 115 3.71 -12.18 19.36
C HIS A 115 3.14 -12.80 18.08
N HIS A 116 4.04 -13.31 17.23
CA HIS A 116 3.70 -13.99 15.98
C HIS A 116 3.26 -15.43 16.29
N HIS A 117 2.26 -15.90 15.55
CA HIS A 117 1.85 -17.32 15.59
C HIS A 117 2.58 -18.08 14.46
N MET A 1 -0.33 -2.88 -19.89
CA MET A 1 -0.52 -4.30 -19.54
C MET A 1 -2.02 -4.67 -19.60
N ALA A 2 -2.83 -4.07 -18.70
CA ALA A 2 -4.29 -4.33 -18.61
C ALA A 2 -5.04 -3.15 -17.94
N GLY A 3 -4.31 -2.17 -17.39
CA GLY A 3 -4.93 -1.05 -16.67
C GLY A 3 -4.03 0.17 -16.60
N LYS A 4 -3.66 0.71 -17.77
CA LYS A 4 -2.76 1.89 -17.88
C LYS A 4 -3.45 3.19 -17.41
N GLU A 5 -4.78 3.22 -17.54
CA GLU A 5 -5.62 4.34 -17.07
C GLU A 5 -5.92 4.21 -15.56
N LEU A 6 -5.29 3.21 -14.90
CA LEU A 6 -5.24 3.12 -13.43
C LEU A 6 -3.75 3.13 -13.03
N ARG A 7 -3.25 4.32 -12.68
CA ARG A 7 -1.84 4.52 -12.35
C ARG A 7 -1.69 4.52 -10.82
N VAL A 8 -0.96 3.54 -10.30
CA VAL A 8 -0.81 3.34 -8.86
C VAL A 8 0.63 3.66 -8.43
N GLU A 9 0.75 4.50 -7.41
CA GLU A 9 2.04 4.91 -6.83
C GLU A 9 2.07 4.46 -5.36
N ILE A 10 2.74 3.33 -5.07
CA ILE A 10 2.91 2.88 -3.68
C ILE A 10 4.23 3.46 -3.15
N LYS A 11 4.12 4.37 -2.18
CA LYS A 11 5.22 5.14 -1.64
C LYS A 11 5.62 4.54 -0.29
N ILE A 12 6.93 4.33 -0.07
CA ILE A 12 7.46 3.76 1.16
C ILE A 12 7.95 4.90 2.08
N ASP A 13 7.56 4.86 3.38
CA ASP A 13 8.16 5.72 4.42
C ASP A 13 8.72 4.82 5.52
N CYS A 14 10.03 4.58 5.46
CA CYS A 14 10.74 3.75 6.45
C CYS A 14 11.53 4.66 7.41
N GLY A 15 12.69 5.17 6.95
CA GLY A 15 13.57 6.01 7.78
C GLY A 15 13.38 7.50 7.53
N ASN A 16 12.81 7.80 6.35
CA ASN A 16 12.63 9.16 5.81
C ASN A 16 13.99 9.80 5.45
N ASP A 17 14.87 8.98 4.86
CA ASP A 17 16.23 9.39 4.43
C ASP A 17 16.45 9.12 2.92
N ASP A 18 15.42 9.42 2.11
CA ASP A 18 15.51 9.50 0.61
C ASP A 18 15.51 8.11 -0.11
N LYS A 19 16.20 7.11 0.47
CA LYS A 19 16.43 5.78 -0.17
C LYS A 19 15.11 5.01 -0.44
N GLU A 20 14.10 5.27 0.40
CA GLU A 20 12.71 4.79 0.24
C GLU A 20 12.13 5.28 -1.12
N THR A 21 11.22 4.47 -1.72
CA THR A 21 10.93 4.53 -3.16
C THR A 21 9.42 4.55 -3.41
N THR A 22 9.03 5.00 -4.61
CA THR A 22 7.66 4.89 -5.09
C THR A 22 7.72 4.08 -6.39
N TYR A 23 7.15 2.88 -6.35
CA TYR A 23 7.21 1.93 -7.48
C TYR A 23 5.87 1.89 -8.19
N ASP A 24 5.93 1.77 -9.52
CA ASP A 24 4.76 1.83 -10.41
C ASP A 24 4.13 0.44 -10.55
N LEU A 25 2.80 0.44 -10.55
CA LEU A 25 1.97 -0.75 -10.77
C LEU A 25 0.62 -0.31 -11.38
N TYR A 26 -0.10 -1.25 -12.00
CA TYR A 26 -1.34 -0.97 -12.74
C TYR A 26 -2.36 -2.10 -12.51
N PHE A 27 -3.64 -1.76 -12.34
CA PHE A 27 -4.73 -2.74 -12.15
C PHE A 27 -5.77 -2.62 -13.27
N SER A 28 -6.35 -3.76 -13.65
CA SER A 28 -7.62 -3.81 -14.39
C SER A 28 -8.78 -4.09 -13.38
N LYS A 29 -8.39 -4.26 -12.08
CA LYS A 29 -9.29 -4.48 -10.91
C LYS A 29 -9.97 -5.85 -10.97
N ALA A 30 -9.13 -6.87 -11.16
CA ALA A 30 -9.52 -8.28 -11.24
C ALA A 30 -8.42 -9.16 -10.57
N GLU A 31 -8.03 -10.28 -11.21
CA GLU A 31 -7.02 -11.24 -10.67
C GLU A 31 -5.63 -10.59 -10.54
N GLU A 32 -5.26 -9.75 -11.53
CA GLU A 32 -3.93 -9.09 -11.57
C GLU A 32 -3.79 -8.09 -10.41
N ALA A 33 -4.94 -7.52 -9.97
CA ALA A 33 -5.00 -6.61 -8.82
C ALA A 33 -4.49 -7.32 -7.55
N LYS A 34 -4.92 -8.58 -7.39
CA LYS A 34 -4.48 -9.46 -6.27
C LYS A 34 -3.00 -9.86 -6.42
N GLU A 35 -2.52 -9.95 -7.66
CA GLU A 35 -1.11 -10.26 -7.96
C GLU A 35 -0.19 -9.11 -7.52
N LEU A 36 -0.60 -7.85 -7.84
CA LEU A 36 0.11 -6.64 -7.39
C LEU A 36 -0.01 -6.47 -5.86
N LEU A 37 -1.13 -6.92 -5.28
CA LEU A 37 -1.36 -6.95 -3.81
C LEU A 37 -0.25 -7.72 -3.10
N LYS A 38 0.06 -8.92 -3.66
CA LYS A 38 1.13 -9.80 -3.18
C LYS A 38 2.48 -9.09 -3.25
N LYS A 39 2.78 -8.51 -4.43
CA LYS A 39 4.06 -7.85 -4.72
C LYS A 39 4.32 -6.66 -3.76
N VAL A 40 3.29 -5.80 -3.55
CA VAL A 40 3.37 -4.64 -2.66
C VAL A 40 3.56 -5.07 -1.19
N ALA A 41 2.84 -6.13 -0.78
CA ALA A 41 2.91 -6.67 0.58
C ALA A 41 4.32 -7.26 0.86
N GLU A 42 4.96 -7.82 -0.20
CA GLU A 42 6.34 -8.37 -0.16
C GLU A 42 7.40 -7.24 -0.12
N LYS A 43 7.24 -6.21 -0.99
CA LYS A 43 8.26 -5.16 -1.18
C LYS A 43 8.26 -4.17 0.00
N ALA A 44 7.08 -3.96 0.62
CA ALA A 44 6.96 -3.16 1.85
C ALA A 44 7.54 -3.95 3.05
N ALA A 45 7.36 -5.30 3.00
CA ALA A 45 7.86 -6.22 4.03
C ALA A 45 9.41 -6.28 4.06
N ASP A 46 10.05 -6.04 2.89
CA ASP A 46 11.52 -5.93 2.80
C ASP A 46 12.03 -4.74 3.64
N LYS A 47 11.26 -3.63 3.57
CA LYS A 47 11.56 -2.35 4.28
C LYS A 47 11.21 -2.46 5.78
N ILE A 48 10.22 -3.32 6.12
CA ILE A 48 9.93 -3.69 7.51
C ILE A 48 11.10 -4.58 8.06
N LYS A 49 11.67 -5.39 7.16
CA LYS A 49 12.83 -6.27 7.47
C LYS A 49 14.11 -5.44 7.69
N LYS A 50 14.22 -4.29 6.96
CA LYS A 50 15.36 -3.34 7.14
C LYS A 50 15.41 -2.81 8.58
N GLN A 51 14.21 -2.52 9.12
CA GLN A 51 14.02 -1.96 10.47
C GLN A 51 12.51 -1.91 10.76
N GLY A 52 11.79 -1.27 9.83
CA GLY A 52 10.37 -1.01 9.99
C GLY A 52 9.93 0.16 9.13
N CYS A 53 9.22 -0.12 8.03
CA CYS A 53 8.53 0.91 7.24
C CYS A 53 7.35 1.43 8.08
N LYS A 54 7.65 2.50 8.88
CA LYS A 54 6.74 3.02 9.93
C LYS A 54 5.45 3.63 9.34
N ARG A 55 5.44 3.83 8.03
CA ARG A 55 4.30 4.37 7.29
C ARG A 55 4.43 3.88 5.85
N VAL A 56 3.44 3.13 5.37
CA VAL A 56 3.41 2.67 3.99
C VAL A 56 2.25 3.43 3.33
N LYS A 57 2.55 4.25 2.33
CA LYS A 57 1.54 5.09 1.65
C LYS A 57 1.06 4.37 0.39
N ILE A 58 -0.25 4.19 0.32
CA ILE A 58 -0.92 3.70 -0.88
C ILE A 58 -1.58 4.92 -1.54
N ARG A 59 -1.04 5.31 -2.71
CA ARG A 59 -1.53 6.44 -3.50
C ARG A 59 -2.04 5.90 -4.83
N PHE A 60 -3.25 6.30 -5.20
CA PHE A 60 -3.96 5.72 -6.34
C PHE A 60 -5.01 6.75 -6.81
N GLU A 61 -5.46 6.60 -8.06
CA GLU A 61 -6.46 7.49 -8.66
C GLU A 61 -7.88 6.99 -8.40
N LYS A 62 -8.79 7.95 -8.17
CA LYS A 62 -10.23 7.70 -7.98
C LYS A 62 -11.04 8.65 -8.87
N LYS A 63 -12.38 8.45 -8.89
CA LYS A 63 -13.36 9.23 -9.68
C LYS A 63 -13.34 8.82 -11.18
N GLY A 64 -12.13 8.79 -11.78
CA GLY A 64 -11.95 8.40 -13.19
C GLY A 64 -11.99 6.90 -13.44
N LEU A 65 -12.21 6.10 -12.38
CA LEU A 65 -12.43 4.65 -12.49
C LEU A 65 -13.92 4.29 -12.36
N ASP A 66 -14.23 3.01 -12.55
CA ASP A 66 -15.60 2.46 -12.46
C ASP A 66 -16.05 2.42 -10.97
N ASP A 67 -17.37 2.31 -10.73
CA ASP A 67 -17.93 2.27 -9.36
C ASP A 67 -17.56 0.95 -8.63
N ASP A 68 -17.42 -0.15 -9.38
CA ASP A 68 -16.95 -1.44 -8.83
C ASP A 68 -15.43 -1.39 -8.61
N ALA A 69 -14.71 -0.66 -9.49
CA ALA A 69 -13.24 -0.40 -9.34
C ALA A 69 -12.96 0.48 -8.11
N ARG A 70 -13.94 1.33 -7.78
CA ARG A 70 -13.95 2.19 -6.58
C ARG A 70 -13.95 1.31 -5.31
N LYS A 71 -14.72 0.21 -5.37
CA LYS A 71 -14.83 -0.82 -4.31
C LYS A 71 -13.53 -1.65 -4.25
N LYS A 72 -13.10 -2.14 -5.43
CA LYS A 72 -11.94 -3.06 -5.57
C LYS A 72 -10.63 -2.36 -5.10
N ALA A 73 -10.57 -1.03 -5.28
CA ALA A 73 -9.44 -0.19 -4.83
C ALA A 73 -9.40 -0.12 -3.30
N LYS A 74 -10.58 0.14 -2.74
CA LYS A 74 -10.80 0.36 -1.30
C LYS A 74 -10.49 -0.93 -0.50
N LYS A 75 -10.94 -2.08 -1.04
CA LYS A 75 -10.68 -3.41 -0.46
C LYS A 75 -9.19 -3.77 -0.58
N TRP A 76 -8.60 -3.49 -1.76
CA TRP A 76 -7.21 -3.84 -2.11
C TRP A 76 -6.22 -3.31 -1.06
N ALA A 77 -6.34 -1.99 -0.77
CA ALA A 77 -5.45 -1.28 0.17
C ALA A 77 -5.53 -1.86 1.58
N LEU A 78 -6.75 -2.28 1.98
CA LEU A 78 -7.01 -2.90 3.29
C LEU A 78 -6.31 -4.28 3.37
N GLU A 79 -6.49 -5.11 2.32
CA GLU A 79 -5.96 -6.49 2.29
C GLU A 79 -4.42 -6.52 2.24
N VAL A 80 -3.80 -5.52 1.58
CA VAL A 80 -2.35 -5.29 1.62
C VAL A 80 -1.93 -4.96 3.07
N ALA A 81 -2.67 -4.01 3.70
CA ALA A 81 -2.42 -3.54 5.07
C ALA A 81 -2.54 -4.69 6.09
N ASN A 82 -3.56 -5.54 5.91
CA ASN A 82 -3.87 -6.65 6.83
C ASN A 82 -2.89 -7.80 6.66
N LYS A 83 -2.34 -7.98 5.44
CA LYS A 83 -1.36 -9.05 5.15
C LYS A 83 -0.06 -8.76 5.93
N ILE A 84 0.44 -7.52 5.81
CA ILE A 84 1.70 -7.09 6.46
C ILE A 84 1.50 -7.02 8.00
N ALA A 85 0.30 -6.57 8.43
CA ALA A 85 -0.06 -6.50 9.86
C ALA A 85 -0.17 -7.90 10.49
N ASN A 86 -0.60 -8.88 9.68
CA ASN A 86 -0.71 -10.30 10.09
C ASN A 86 0.68 -10.96 10.18
N GLU A 87 1.52 -10.67 9.16
CA GLU A 87 2.83 -11.30 8.94
C GLU A 87 3.79 -10.92 10.09
N LEU A 88 3.86 -9.61 10.40
CA LEU A 88 4.78 -9.07 11.41
C LEU A 88 4.13 -9.02 12.79
N GLY A 89 2.86 -8.64 12.83
CA GLY A 89 2.17 -8.33 14.09
C GLY A 89 2.31 -6.84 14.35
N ALA A 90 1.61 -6.06 13.53
CA ALA A 90 1.78 -4.60 13.45
C ALA A 90 0.40 -3.90 13.39
N LYS A 91 0.42 -2.56 13.32
CA LYS A 91 -0.78 -1.70 13.37
C LYS A 91 -1.68 -1.85 12.10
N GLN A 92 -2.77 -1.07 12.05
CA GLN A 92 -3.71 -1.00 10.91
C GLN A 92 -3.39 0.22 10.00
N SER A 93 -4.31 0.50 9.05
CA SER A 93 -4.20 1.63 8.13
C SER A 93 -5.34 2.64 8.37
N THR A 94 -5.06 3.93 8.08
CA THR A 94 -6.10 4.95 7.95
C THR A 94 -6.45 5.07 6.46
N THR A 95 -7.75 5.23 6.15
CA THR A 95 -8.26 5.15 4.77
C THR A 95 -9.00 6.43 4.34
N THR A 96 -8.41 7.13 3.37
CA THR A 96 -9.08 8.21 2.62
C THR A 96 -9.33 7.70 1.19
N THR A 97 -10.59 7.50 0.84
CA THR A 97 -10.98 6.97 -0.48
C THR A 97 -11.85 8.00 -1.20
N ASP A 98 -11.49 8.27 -2.46
CA ASP A 98 -12.28 9.08 -3.41
C ASP A 98 -12.34 10.57 -3.01
N GLY A 99 -13.24 11.34 -3.65
CA GLY A 99 -13.30 12.80 -3.47
C GLY A 99 -12.34 13.50 -4.42
N ASP A 100 -11.05 13.12 -4.31
CA ASP A 100 -9.99 13.58 -5.22
C ASP A 100 -9.03 12.40 -5.48
N THR A 101 -8.26 12.02 -4.46
CA THR A 101 -7.23 10.96 -4.56
C THR A 101 -7.52 9.83 -3.52
N PHE A 102 -6.97 8.65 -3.79
CA PHE A 102 -6.96 7.51 -2.87
C PHE A 102 -5.64 7.55 -2.08
N GLU A 103 -5.74 7.86 -0.77
CA GLU A 103 -4.58 7.87 0.14
C GLU A 103 -4.92 6.96 1.33
N VAL A 104 -4.25 5.80 1.41
CA VAL A 104 -4.37 4.88 2.55
C VAL A 104 -2.99 4.65 3.16
N GLU A 105 -2.76 5.24 4.34
CA GLU A 105 -1.49 5.16 5.05
C GLU A 105 -1.55 4.03 6.06
N VAL A 106 -0.73 3.00 5.85
CA VAL A 106 -0.61 1.89 6.78
C VAL A 106 0.57 2.21 7.70
N ILE A 107 0.27 2.72 8.90
CA ILE A 107 1.31 3.26 9.79
C ILE A 107 1.70 2.16 10.77
N LEU A 108 2.79 1.46 10.46
CA LEU A 108 3.26 0.31 11.22
C LEU A 108 4.37 0.76 12.17
N GLU A 109 3.99 0.99 13.44
CA GLU A 109 4.92 1.47 14.47
C GLU A 109 5.71 0.28 15.05
N LEU A 110 6.82 -0.08 14.40
CA LEU A 110 7.72 -1.13 14.88
C LEU A 110 8.69 -0.55 15.92
N GLU A 111 8.10 -0.16 17.08
CA GLU A 111 8.82 0.23 18.31
C GLU A 111 9.52 -0.98 18.96
N HIS A 112 9.23 -2.18 18.42
CA HIS A 112 9.97 -3.44 18.67
C HIS A 112 11.48 -3.24 18.44
N HIS A 113 11.82 -2.49 17.37
CA HIS A 113 13.22 -2.36 16.88
C HIS A 113 13.97 -1.18 17.54
N HIS A 114 13.24 -0.36 18.32
CA HIS A 114 13.81 0.80 19.05
C HIS A 114 13.25 0.83 20.48
N HIS A 115 13.50 1.93 21.20
CA HIS A 115 12.89 2.18 22.52
C HIS A 115 11.57 2.93 22.34
N HIS A 116 10.75 2.97 23.42
CA HIS A 116 9.44 3.64 23.42
C HIS A 116 9.57 5.14 23.76
N HIS A 117 8.42 5.82 23.92
CA HIS A 117 8.36 7.26 24.21
C HIS A 117 8.62 7.50 25.72
N MET A 1 -14.71 -2.21 -16.61
CA MET A 1 -13.43 -1.51 -16.89
C MET A 1 -13.31 -1.30 -18.39
N ALA A 2 -13.24 -0.02 -18.82
CA ALA A 2 -13.18 0.36 -20.24
C ALA A 2 -12.09 1.43 -20.44
N GLY A 3 -10.87 0.98 -20.77
CA GLY A 3 -9.74 1.88 -21.05
C GLY A 3 -9.19 2.56 -19.80
N LYS A 4 -8.38 3.62 -20.02
CA LYS A 4 -7.85 4.51 -18.96
C LYS A 4 -6.82 3.84 -18.04
N GLU A 5 -6.13 4.71 -17.28
CA GLU A 5 -4.97 4.37 -16.46
C GLU A 5 -5.31 4.49 -14.96
N LEU A 6 -5.27 3.34 -14.25
CA LEU A 6 -5.53 3.29 -12.79
C LEU A 6 -4.23 3.60 -12.04
N ARG A 7 -4.11 4.84 -11.53
CA ARG A 7 -2.86 5.37 -10.96
C ARG A 7 -2.62 4.80 -9.55
N VAL A 8 -1.70 3.83 -9.42
CA VAL A 8 -1.35 3.23 -8.12
C VAL A 8 0.14 3.52 -7.84
N GLU A 9 0.40 4.45 -6.90
CA GLU A 9 1.75 4.86 -6.51
C GLU A 9 1.95 4.56 -5.03
N ILE A 10 2.60 3.42 -4.72
CA ILE A 10 2.75 2.96 -3.33
C ILE A 10 4.08 3.48 -2.74
N LYS A 11 4.02 4.40 -1.77
CA LYS A 11 5.21 5.06 -1.22
C LYS A 11 5.67 4.30 0.04
N ILE A 12 6.84 3.64 -0.06
CA ILE A 12 7.38 2.80 1.03
C ILE A 12 8.49 3.58 1.76
N ASP A 13 8.22 3.92 3.02
CA ASP A 13 9.15 4.64 3.91
C ASP A 13 9.68 3.66 4.98
N CYS A 14 10.92 3.18 4.79
CA CYS A 14 11.61 2.31 5.76
C CYS A 14 12.97 2.92 6.13
N GLY A 15 13.95 2.84 5.20
CA GLY A 15 15.33 3.30 5.44
C GLY A 15 15.75 4.42 4.50
N ASN A 16 14.77 5.24 4.06
CA ASN A 16 15.01 6.37 3.13
C ASN A 16 13.82 7.34 3.13
N ASP A 17 14.12 8.64 3.04
CA ASP A 17 13.10 9.72 2.96
C ASP A 17 13.48 10.65 1.81
N ASP A 18 14.72 11.18 1.86
CA ASP A 18 15.31 11.97 0.76
C ASP A 18 15.81 10.99 -0.33
N LYS A 19 14.82 10.33 -0.95
CA LYS A 19 14.99 9.22 -1.89
C LYS A 19 13.58 8.63 -2.13
N GLU A 20 12.87 9.14 -3.15
CA GLU A 20 11.50 8.70 -3.46
C GLU A 20 11.48 7.22 -3.88
N THR A 21 10.74 6.38 -3.11
CA THR A 21 10.45 4.99 -3.50
C THR A 21 8.94 4.80 -3.58
N THR A 22 8.44 4.74 -4.82
CA THR A 22 7.03 4.41 -5.12
C THR A 22 6.99 3.19 -6.04
N TYR A 23 5.95 2.37 -5.87
CA TYR A 23 5.69 1.24 -6.77
C TYR A 23 4.53 1.66 -7.66
N ASP A 24 4.78 1.69 -8.97
CA ASP A 24 3.85 2.19 -9.97
C ASP A 24 3.30 1.02 -10.75
N LEU A 25 2.09 0.59 -10.37
CA LEU A 25 1.40 -0.54 -11.00
C LEU A 25 0.00 -0.10 -11.43
N TYR A 26 -0.67 -0.97 -12.20
CA TYR A 26 -2.01 -0.73 -12.72
C TYR A 26 -2.84 -2.00 -12.55
N PHE A 27 -4.11 -1.82 -12.15
CA PHE A 27 -5.05 -2.93 -12.03
C PHE A 27 -5.57 -3.28 -13.41
N SER A 28 -5.02 -4.37 -13.99
CA SER A 28 -5.49 -4.91 -15.28
C SER A 28 -6.87 -5.55 -15.10
N LYS A 29 -6.93 -6.55 -14.18
CA LYS A 29 -8.18 -7.17 -13.71
C LYS A 29 -8.01 -7.62 -12.24
N ALA A 30 -9.03 -8.33 -11.70
CA ALA A 30 -9.13 -8.67 -10.27
C ALA A 30 -8.01 -9.60 -9.79
N GLU A 31 -7.92 -10.80 -10.39
CA GLU A 31 -6.92 -11.83 -10.01
C GLU A 31 -5.49 -11.29 -10.12
N GLU A 32 -5.27 -10.48 -11.16
CA GLU A 32 -3.99 -9.83 -11.42
C GLU A 32 -3.68 -8.80 -10.33
N ALA A 33 -4.69 -7.97 -9.99
CA ALA A 33 -4.59 -6.92 -8.95
C ALA A 33 -4.24 -7.55 -7.60
N LYS A 34 -4.83 -8.71 -7.30
CA LYS A 34 -4.58 -9.44 -6.04
C LYS A 34 -3.12 -9.93 -5.98
N GLU A 35 -2.51 -10.23 -7.14
CA GLU A 35 -1.09 -10.60 -7.19
C GLU A 35 -0.23 -9.35 -6.92
N LEU A 36 -0.60 -8.19 -7.55
CA LEU A 36 0.06 -6.88 -7.27
C LEU A 36 -0.02 -6.52 -5.77
N LEU A 37 -1.11 -6.95 -5.13
CA LEU A 37 -1.35 -6.77 -3.70
C LEU A 37 -0.27 -7.49 -2.89
N LYS A 38 -0.04 -8.78 -3.20
CA LYS A 38 0.99 -9.59 -2.54
C LYS A 38 2.39 -9.12 -2.93
N LYS A 39 2.57 -8.58 -4.17
CA LYS A 39 3.88 -8.07 -4.62
C LYS A 39 4.30 -6.89 -3.74
N VAL A 40 3.37 -5.93 -3.55
CA VAL A 40 3.56 -4.77 -2.68
C VAL A 40 3.79 -5.20 -1.22
N ALA A 41 2.95 -6.15 -0.75
CA ALA A 41 2.99 -6.64 0.63
C ALA A 41 4.34 -7.33 0.96
N GLU A 42 4.82 -8.15 0.01
CA GLU A 42 6.06 -8.94 0.16
C GLU A 42 7.32 -8.07 -0.04
N LYS A 43 7.25 -7.04 -0.92
CA LYS A 43 8.35 -6.08 -1.12
C LYS A 43 8.51 -5.22 0.15
N ALA A 44 7.37 -4.75 0.68
CA ALA A 44 7.32 -3.98 1.93
C ALA A 44 7.84 -4.83 3.09
N ALA A 45 7.40 -6.11 3.14
CA ALA A 45 7.81 -7.08 4.18
C ALA A 45 9.34 -7.31 4.16
N ASP A 46 9.91 -7.32 2.94
CA ASP A 46 11.36 -7.42 2.69
C ASP A 46 12.10 -6.16 3.21
N LYS A 47 11.47 -4.98 3.00
CA LYS A 47 12.03 -3.69 3.44
C LYS A 47 11.97 -3.56 4.96
N ILE A 48 10.94 -4.19 5.57
CA ILE A 48 10.78 -4.27 7.05
C ILE A 48 11.88 -5.17 7.64
N LYS A 49 12.23 -6.23 6.89
CA LYS A 49 13.32 -7.14 7.25
C LYS A 49 14.68 -6.39 7.17
N LYS A 50 14.76 -5.39 6.29
CA LYS A 50 15.95 -4.52 6.15
C LYS A 50 15.94 -3.34 7.16
N GLN A 51 14.72 -2.89 7.51
CA GLN A 51 14.46 -1.72 8.39
C GLN A 51 12.94 -1.57 8.57
N GLY A 52 12.46 -1.79 9.81
CA GLY A 52 11.01 -1.80 10.11
C GLY A 52 10.29 -0.54 9.63
N CYS A 53 9.36 -0.70 8.65
CA CYS A 53 8.61 0.43 8.06
C CYS A 53 7.70 1.08 9.12
N LYS A 54 8.23 2.15 9.74
CA LYS A 54 7.54 2.86 10.83
C LYS A 54 6.26 3.55 10.33
N ARG A 55 6.24 3.89 9.03
CA ARG A 55 5.08 4.48 8.36
C ARG A 55 5.12 4.10 6.88
N VAL A 56 4.02 3.52 6.40
CA VAL A 56 3.84 3.15 4.99
C VAL A 56 2.82 4.13 4.40
N LYS A 57 2.96 4.47 3.12
CA LYS A 57 2.04 5.38 2.41
C LYS A 57 1.57 4.74 1.10
N ILE A 58 0.33 5.05 0.71
CA ILE A 58 -0.31 4.58 -0.52
C ILE A 58 -1.07 5.76 -1.14
N ARG A 59 -0.76 6.10 -2.40
CA ARG A 59 -1.51 7.10 -3.17
C ARG A 59 -2.26 6.38 -4.29
N PHE A 60 -3.57 6.63 -4.36
CA PHE A 60 -4.44 6.21 -5.46
C PHE A 60 -5.52 7.28 -5.63
N GLU A 61 -5.89 7.58 -6.87
CA GLU A 61 -6.91 8.60 -7.19
C GLU A 61 -8.20 7.91 -7.63
N LYS A 62 -9.27 8.00 -6.80
CA LYS A 62 -10.56 7.32 -7.07
C LYS A 62 -11.75 8.24 -6.73
N LYS A 63 -12.40 8.78 -7.77
CA LYS A 63 -13.75 9.36 -7.66
C LYS A 63 -14.76 8.39 -8.31
N GLY A 64 -14.45 8.00 -9.56
CA GLY A 64 -15.31 7.11 -10.33
C GLY A 64 -14.67 6.73 -11.66
N LEU A 65 -13.65 5.86 -11.61
CA LEU A 65 -12.94 5.35 -12.81
C LEU A 65 -13.85 4.42 -13.62
N ASP A 66 -14.57 3.58 -12.86
CA ASP A 66 -15.45 2.53 -13.38
C ASP A 66 -16.14 1.87 -12.20
N ASP A 67 -17.28 1.21 -12.43
CA ASP A 67 -18.06 0.52 -11.37
C ASP A 67 -17.25 -0.60 -10.71
N ASP A 68 -16.51 -1.35 -11.54
CA ASP A 68 -15.69 -2.49 -11.11
C ASP A 68 -14.39 -1.98 -10.48
N ALA A 69 -13.66 -1.13 -11.24
CA ALA A 69 -12.36 -0.56 -10.82
C ALA A 69 -12.44 0.18 -9.47
N ARG A 70 -13.62 0.76 -9.20
CA ARG A 70 -13.96 1.43 -7.94
C ARG A 70 -13.79 0.46 -6.74
N LYS A 71 -14.42 -0.71 -6.88
CA LYS A 71 -14.50 -1.72 -5.82
C LYS A 71 -13.15 -2.45 -5.65
N LYS A 72 -12.40 -2.61 -6.77
CA LYS A 72 -11.11 -3.31 -6.75
C LYS A 72 -10.11 -2.49 -5.93
N ALA A 73 -9.99 -1.21 -6.27
CA ALA A 73 -9.08 -0.25 -5.61
C ALA A 73 -9.43 -0.06 -4.14
N LYS A 74 -10.76 -0.03 -3.86
CA LYS A 74 -11.30 0.11 -2.52
C LYS A 74 -10.78 -1.01 -1.59
N LYS A 75 -10.98 -2.28 -2.01
CA LYS A 75 -10.62 -3.44 -1.19
C LYS A 75 -9.10 -3.62 -1.14
N TRP A 76 -8.44 -3.36 -2.29
CA TRP A 76 -7.02 -3.66 -2.53
C TRP A 76 -6.11 -2.98 -1.50
N ALA A 77 -6.22 -1.65 -1.40
CA ALA A 77 -5.34 -0.83 -0.56
C ALA A 77 -5.54 -1.10 0.94
N LEU A 78 -6.79 -1.48 1.31
CA LEU A 78 -7.12 -1.88 2.69
C LEU A 78 -6.49 -3.24 3.02
N GLU A 79 -6.57 -4.16 2.04
CA GLU A 79 -6.07 -5.54 2.16
C GLU A 79 -4.54 -5.60 2.14
N VAL A 80 -3.89 -4.64 1.45
CA VAL A 80 -2.42 -4.48 1.53
C VAL A 80 -2.03 -4.11 2.97
N ALA A 81 -2.81 -3.16 3.55
CA ALA A 81 -2.65 -2.71 4.94
C ALA A 81 -2.88 -3.88 5.92
N ASN A 82 -3.86 -4.74 5.61
CA ASN A 82 -4.25 -5.89 6.45
C ASN A 82 -3.21 -7.01 6.39
N LYS A 83 -2.72 -7.36 5.18
CA LYS A 83 -1.75 -8.46 4.97
C LYS A 83 -0.51 -8.22 5.82
N ILE A 84 0.07 -7.02 5.65
CA ILE A 84 1.30 -6.60 6.36
C ILE A 84 1.04 -6.47 7.88
N ALA A 85 -0.18 -6.01 8.25
CA ALA A 85 -0.60 -5.92 9.68
C ALA A 85 -0.60 -7.30 10.37
N ASN A 86 -1.01 -8.35 9.61
CA ASN A 86 -1.04 -9.74 10.10
C ASN A 86 0.38 -10.35 10.12
N GLU A 87 1.21 -9.95 9.12
CA GLU A 87 2.61 -10.43 9.00
C GLU A 87 3.44 -9.96 10.20
N LEU A 88 3.26 -8.67 10.56
CA LEU A 88 4.06 -8.02 11.62
C LEU A 88 3.40 -8.19 13.00
N GLY A 89 2.06 -8.29 13.00
CA GLY A 89 1.28 -8.23 14.23
C GLY A 89 1.32 -6.83 14.84
N ALA A 90 1.52 -5.81 13.99
CA ALA A 90 1.77 -4.42 14.43
C ALA A 90 0.45 -3.66 14.66
N LYS A 91 0.00 -2.88 13.66
CA LYS A 91 -1.17 -1.96 13.79
C LYS A 91 -1.94 -1.89 12.45
N GLN A 92 -3.04 -1.12 12.46
CA GLN A 92 -3.90 -0.91 11.28
C GLN A 92 -3.49 0.41 10.57
N SER A 93 -4.43 1.10 9.88
CA SER A 93 -4.10 2.20 8.96
C SER A 93 -5.10 3.38 9.09
N THR A 94 -4.62 4.59 8.75
CA THR A 94 -5.46 5.79 8.54
C THR A 94 -5.73 5.91 7.03
N THR A 95 -7.01 5.87 6.65
CA THR A 95 -7.44 5.73 5.24
C THR A 95 -8.48 6.80 4.85
N THR A 96 -8.12 7.65 3.89
CA THR A 96 -9.06 8.52 3.19
C THR A 96 -9.67 7.70 2.03
N THR A 97 -10.97 7.39 2.10
CA THR A 97 -11.57 6.30 1.30
C THR A 97 -12.71 6.78 0.35
N ASP A 98 -12.56 6.44 -0.94
CA ASP A 98 -13.65 6.37 -1.95
C ASP A 98 -14.10 7.75 -2.51
N GLY A 99 -13.81 8.84 -1.79
CA GLY A 99 -14.29 10.18 -2.15
C GLY A 99 -13.67 10.73 -3.43
N ASP A 100 -12.40 11.14 -3.35
CA ASP A 100 -11.68 11.80 -4.46
C ASP A 100 -10.34 11.10 -4.71
N THR A 101 -9.53 10.97 -3.66
CA THR A 101 -8.27 10.21 -3.69
C THR A 101 -8.26 9.18 -2.55
N PHE A 102 -8.10 7.90 -2.91
CA PHE A 102 -7.98 6.80 -1.95
C PHE A 102 -6.51 6.78 -1.42
N GLU A 103 -6.34 7.24 -0.19
CA GLU A 103 -5.02 7.48 0.43
C GLU A 103 -4.90 6.64 1.71
N VAL A 104 -3.94 5.71 1.75
CA VAL A 104 -3.78 4.75 2.86
C VAL A 104 -2.36 4.87 3.46
N GLU A 105 -2.27 5.43 4.67
CA GLU A 105 -1.00 5.50 5.41
C GLU A 105 -1.06 4.52 6.59
N VAL A 106 -0.23 3.48 6.53
CA VAL A 106 -0.29 2.36 7.49
C VAL A 106 0.78 2.58 8.57
N ILE A 107 0.35 2.90 9.79
CA ILE A 107 1.26 3.22 10.91
C ILE A 107 1.70 1.92 11.58
N LEU A 108 2.89 1.43 11.23
CA LEU A 108 3.43 0.16 11.75
C LEU A 108 4.65 0.45 12.64
N GLU A 109 4.44 0.43 13.95
CA GLU A 109 5.48 0.83 14.93
C GLU A 109 6.13 -0.43 15.53
N LEU A 110 7.26 -0.86 14.93
CA LEU A 110 8.06 -2.02 15.40
C LEU A 110 9.39 -1.53 16.02
N GLU A 111 9.27 -0.61 16.99
CA GLU A 111 10.41 -0.16 17.82
C GLU A 111 10.92 -1.37 18.64
N HIS A 112 9.94 -2.10 19.21
CA HIS A 112 10.18 -3.38 19.88
C HIS A 112 10.22 -4.47 18.79
N HIS A 113 11.39 -4.61 18.16
CA HIS A 113 11.63 -5.55 17.05
C HIS A 113 11.43 -7.01 17.51
N HIS A 114 10.57 -7.76 16.77
CA HIS A 114 10.29 -9.20 17.00
C HIS A 114 9.66 -9.47 18.40
N HIS A 115 9.17 -8.41 19.09
CA HIS A 115 8.49 -8.55 20.39
C HIS A 115 7.10 -9.18 20.16
N HIS A 116 7.08 -10.51 20.21
CA HIS A 116 5.87 -11.33 19.99
C HIS A 116 5.35 -11.92 21.32
N HIS A 117 6.28 -12.09 22.28
CA HIS A 117 6.03 -12.73 23.59
C HIS A 117 5.73 -14.25 23.39
N MET A 1 -1.66 -7.35 -19.74
CA MET A 1 -0.90 -6.73 -20.83
C MET A 1 -1.39 -5.28 -21.05
N ALA A 2 -2.71 -5.14 -21.26
CA ALA A 2 -3.34 -3.82 -21.45
C ALA A 2 -3.48 -3.09 -20.10
N GLY A 3 -2.53 -2.18 -19.83
CA GLY A 3 -2.51 -1.39 -18.60
C GLY A 3 -3.60 -0.33 -18.58
N LYS A 4 -4.64 -0.55 -17.79
CA LYS A 4 -5.75 0.40 -17.63
C LYS A 4 -5.25 1.65 -16.88
N GLU A 5 -5.93 2.79 -17.08
CA GLU A 5 -5.42 4.14 -16.66
C GLU A 5 -5.66 4.45 -15.16
N LEU A 6 -5.74 3.39 -14.34
CA LEU A 6 -5.81 3.50 -12.87
C LEU A 6 -4.37 3.49 -12.33
N ARG A 7 -3.84 4.68 -12.02
CA ARG A 7 -2.48 4.84 -11.52
C ARG A 7 -2.45 4.50 -10.03
N VAL A 8 -1.79 3.38 -9.70
CA VAL A 8 -1.59 2.94 -8.31
C VAL A 8 -0.11 3.15 -7.95
N GLU A 9 0.18 4.12 -7.09
CA GLU A 9 1.56 4.40 -6.62
C GLU A 9 1.66 4.09 -5.12
N ILE A 10 2.21 2.92 -4.77
CA ILE A 10 2.38 2.55 -3.35
C ILE A 10 3.76 3.01 -2.89
N LYS A 11 3.79 3.97 -1.96
CA LYS A 11 5.01 4.60 -1.48
C LYS A 11 5.51 3.86 -0.23
N ILE A 12 6.68 3.23 -0.36
CA ILE A 12 7.36 2.58 0.76
C ILE A 12 8.39 3.59 1.32
N ASP A 13 8.14 4.03 2.54
CA ASP A 13 8.93 5.04 3.24
C ASP A 13 9.76 4.35 4.34
N CYS A 14 11.08 4.32 4.16
CA CYS A 14 12.01 3.53 5.00
C CYS A 14 13.33 4.29 5.21
N GLY A 15 14.10 3.86 6.23
CA GLY A 15 15.42 4.41 6.52
C GLY A 15 16.49 3.32 6.46
N ASN A 16 16.59 2.66 5.30
CA ASN A 16 17.42 1.46 5.11
C ASN A 16 18.29 1.59 3.83
N ASP A 17 18.68 2.85 3.50
CA ASP A 17 19.56 3.16 2.34
C ASP A 17 18.84 2.87 0.98
N ASP A 18 17.52 2.52 1.07
CA ASP A 18 16.70 2.13 -0.09
C ASP A 18 16.31 3.35 -0.94
N LYS A 19 16.29 4.54 -0.29
CA LYS A 19 15.69 5.78 -0.83
C LYS A 19 14.14 5.64 -0.81
N GLU A 20 13.42 6.71 -1.16
CA GLU A 20 11.97 6.65 -1.43
C GLU A 20 11.72 5.64 -2.58
N THR A 21 10.98 4.56 -2.28
CA THR A 21 10.72 3.48 -3.24
C THR A 21 9.22 3.37 -3.46
N THR A 22 8.76 3.83 -4.62
CA THR A 22 7.33 3.82 -4.99
C THR A 22 7.15 2.91 -6.20
N TYR A 23 6.09 2.09 -6.19
CA TYR A 23 5.81 1.12 -7.24
C TYR A 23 4.64 1.62 -8.08
N ASP A 24 4.84 1.64 -9.41
CA ASP A 24 3.81 1.99 -10.39
C ASP A 24 3.17 0.71 -10.91
N LEU A 25 2.04 0.37 -10.32
CA LEU A 25 1.21 -0.76 -10.73
C LEU A 25 -0.12 -0.23 -11.23
N TYR A 26 -0.85 -1.05 -11.97
CA TYR A 26 -2.11 -0.67 -12.61
C TYR A 26 -3.15 -1.74 -12.36
N PHE A 27 -4.29 -1.31 -11.78
CA PHE A 27 -5.46 -2.14 -11.65
C PHE A 27 -6.15 -2.16 -13.03
N SER A 28 -5.70 -3.11 -13.84
CA SER A 28 -6.33 -3.46 -15.12
C SER A 28 -7.41 -4.53 -14.89
N LYS A 29 -7.26 -5.25 -13.76
CA LYS A 29 -8.11 -6.37 -13.37
C LYS A 29 -7.85 -6.68 -11.88
N ALA A 30 -8.82 -7.30 -11.20
CA ALA A 30 -8.74 -7.61 -9.75
C ALA A 30 -7.81 -8.81 -9.48
N GLU A 31 -7.77 -9.75 -10.45
CA GLU A 31 -6.88 -10.92 -10.40
C GLU A 31 -5.42 -10.45 -10.59
N GLU A 32 -5.23 -9.49 -11.53
CA GLU A 32 -3.94 -8.82 -11.75
C GLU A 32 -3.52 -8.08 -10.47
N ALA A 33 -4.45 -7.29 -9.91
CA ALA A 33 -4.25 -6.51 -8.69
C ALA A 33 -3.79 -7.40 -7.53
N LYS A 34 -4.34 -8.64 -7.48
CA LYS A 34 -4.01 -9.66 -6.46
C LYS A 34 -2.52 -10.07 -6.51
N GLU A 35 -1.98 -10.20 -7.74
CA GLU A 35 -0.55 -10.52 -7.94
C GLU A 35 0.33 -9.35 -7.48
N LEU A 36 -0.03 -8.14 -7.98
CA LEU A 36 0.63 -6.88 -7.62
C LEU A 36 0.56 -6.60 -6.10
N LEU A 37 -0.54 -7.05 -5.49
CA LEU A 37 -0.80 -6.95 -4.04
C LEU A 37 0.28 -7.70 -3.28
N LYS A 38 0.52 -8.96 -3.69
CA LYS A 38 1.49 -9.86 -3.05
C LYS A 38 2.91 -9.32 -3.21
N LYS A 39 3.26 -8.87 -4.44
CA LYS A 39 4.62 -8.36 -4.76
C LYS A 39 4.97 -7.13 -3.91
N VAL A 40 4.08 -6.14 -3.93
CA VAL A 40 4.33 -4.85 -3.26
C VAL A 40 4.28 -4.99 -1.73
N ALA A 41 3.37 -5.85 -1.22
CA ALA A 41 3.25 -6.12 0.23
C ALA A 41 4.48 -6.88 0.76
N GLU A 42 5.04 -7.75 -0.11
CA GLU A 42 6.26 -8.52 0.15
C GLU A 42 7.49 -7.60 0.19
N LYS A 43 7.51 -6.58 -0.70
CA LYS A 43 8.60 -5.60 -0.77
C LYS A 43 8.55 -4.67 0.45
N ALA A 44 7.34 -4.27 0.85
CA ALA A 44 7.11 -3.47 2.07
C ALA A 44 7.59 -4.23 3.30
N ALA A 45 7.27 -5.55 3.33
CA ALA A 45 7.70 -6.47 4.38
C ALA A 45 9.24 -6.61 4.42
N ASP A 46 9.89 -6.50 3.23
CA ASP A 46 11.36 -6.49 3.12
C ASP A 46 11.96 -5.30 3.87
N LYS A 47 11.48 -4.08 3.56
CA LYS A 47 12.00 -2.83 4.18
C LYS A 47 11.78 -2.83 5.71
N ILE A 48 10.72 -3.52 6.20
CA ILE A 48 10.49 -3.73 7.64
C ILE A 48 11.54 -4.70 8.22
N LYS A 49 11.77 -5.81 7.50
CA LYS A 49 12.65 -6.91 7.94
C LYS A 49 14.12 -6.44 8.03
N LYS A 50 14.53 -5.61 7.06
CA LYS A 50 15.88 -5.05 6.99
C LYS A 50 16.06 -3.92 8.03
N GLN A 51 15.04 -3.05 8.17
CA GLN A 51 15.07 -1.89 9.08
C GLN A 51 13.77 -1.83 9.91
N GLY A 52 12.69 -1.37 9.26
CA GLY A 52 11.42 -1.11 9.93
C GLY A 52 10.74 0.09 9.30
N CYS A 53 10.19 -0.09 8.07
CA CYS A 53 9.35 0.93 7.42
C CYS A 53 7.98 0.94 8.10
N LYS A 54 7.91 1.67 9.22
CA LYS A 54 6.74 1.70 10.11
C LYS A 54 5.63 2.57 9.54
N ARG A 55 6.01 3.60 8.77
CA ARG A 55 5.06 4.46 8.09
C ARG A 55 5.11 4.17 6.59
N VAL A 56 4.02 3.56 6.10
CA VAL A 56 3.82 3.19 4.70
C VAL A 56 2.65 4.03 4.17
N LYS A 57 2.75 4.51 2.92
CA LYS A 57 1.69 5.33 2.31
C LYS A 57 1.21 4.62 1.04
N ILE A 58 -0.08 4.29 0.98
CA ILE A 58 -0.72 3.69 -0.21
C ILE A 58 -1.46 4.82 -0.95
N ARG A 59 -1.02 5.15 -2.16
CA ARG A 59 -1.67 6.15 -3.01
C ARG A 59 -2.25 5.47 -4.26
N PHE A 60 -3.43 5.91 -4.63
CA PHE A 60 -4.19 5.39 -5.76
C PHE A 60 -5.07 6.50 -6.31
N GLU A 61 -5.20 6.59 -7.64
CA GLU A 61 -6.09 7.56 -8.29
C GLU A 61 -7.37 6.86 -8.77
N LYS A 62 -8.45 7.04 -8.00
CA LYS A 62 -9.78 6.63 -8.41
C LYS A 62 -10.39 7.82 -9.16
N LYS A 63 -10.52 7.70 -10.48
CA LYS A 63 -10.97 8.80 -11.33
C LYS A 63 -11.51 8.24 -12.64
N GLY A 64 -10.59 7.71 -13.46
CA GLY A 64 -10.93 7.11 -14.74
C GLY A 64 -11.22 5.63 -14.62
N LEU A 65 -12.11 5.27 -13.67
CA LEU A 65 -12.52 3.89 -13.44
C LEU A 65 -14.05 3.74 -13.40
N ASP A 66 -14.48 2.48 -13.24
CA ASP A 66 -15.88 2.13 -12.97
C ASP A 66 -16.13 2.23 -11.46
N ASP A 67 -17.42 2.32 -11.09
CA ASP A 67 -17.86 2.27 -9.68
C ASP A 67 -17.45 0.92 -9.06
N ASP A 68 -17.50 -0.13 -9.89
CA ASP A 68 -17.06 -1.49 -9.55
C ASP A 68 -15.55 -1.51 -9.24
N ALA A 69 -14.74 -0.91 -10.16
CA ALA A 69 -13.27 -0.83 -10.03
C ALA A 69 -12.84 -0.06 -8.78
N ARG A 70 -13.68 0.94 -8.40
CA ARG A 70 -13.46 1.77 -7.20
C ARG A 70 -13.69 0.92 -5.94
N LYS A 71 -14.77 0.11 -5.95
CA LYS A 71 -15.14 -0.77 -4.83
C LYS A 71 -14.10 -1.89 -4.63
N LYS A 72 -13.57 -2.39 -5.76
CA LYS A 72 -12.50 -3.40 -5.78
C LYS A 72 -11.22 -2.84 -5.14
N ALA A 73 -10.79 -1.66 -5.64
CA ALA A 73 -9.56 -0.96 -5.22
C ALA A 73 -9.65 -0.46 -3.77
N LYS A 74 -10.88 -0.13 -3.34
CA LYS A 74 -11.19 0.26 -1.96
C LYS A 74 -10.78 -0.85 -0.99
N LYS A 75 -11.30 -2.06 -1.27
CA LYS A 75 -11.05 -3.26 -0.45
C LYS A 75 -9.60 -3.71 -0.60
N TRP A 76 -9.07 -3.57 -1.83
CA TRP A 76 -7.72 -4.00 -2.22
C TRP A 76 -6.65 -3.28 -1.38
N ALA A 77 -6.77 -1.94 -1.28
CA ALA A 77 -5.85 -1.09 -0.51
C ALA A 77 -5.83 -1.48 0.99
N LEU A 78 -6.99 -1.97 1.48
CA LEU A 78 -7.15 -2.46 2.85
C LEU A 78 -6.47 -3.83 3.01
N GLU A 79 -6.63 -4.70 1.97
CA GLU A 79 -6.01 -6.03 1.96
C GLU A 79 -4.48 -5.91 2.03
N VAL A 80 -3.91 -5.07 1.14
CA VAL A 80 -2.45 -4.79 1.06
C VAL A 80 -1.90 -4.32 2.42
N ALA A 81 -2.61 -3.36 3.03
CA ALA A 81 -2.27 -2.80 4.35
C ALA A 81 -2.22 -3.89 5.44
N ASN A 82 -3.21 -4.80 5.40
CA ASN A 82 -3.31 -5.94 6.34
C ASN A 82 -2.27 -7.03 6.02
N LYS A 83 -1.85 -7.16 4.74
CA LYS A 83 -0.83 -8.16 4.34
C LYS A 83 0.52 -7.80 4.96
N ILE A 84 0.89 -6.50 4.82
CA ILE A 84 2.13 -5.93 5.37
C ILE A 84 2.14 -6.00 6.91
N ALA A 85 0.98 -5.66 7.51
CA ALA A 85 0.81 -5.58 8.97
C ALA A 85 0.92 -6.97 9.64
N ASN A 86 0.14 -7.93 9.11
CA ASN A 86 -0.03 -9.28 9.70
C ASN A 86 1.31 -10.02 9.90
N GLU A 87 2.24 -9.80 8.97
CA GLU A 87 3.55 -10.47 8.98
C GLU A 87 4.39 -10.12 10.24
N LEU A 88 4.15 -8.91 10.79
CA LEU A 88 4.85 -8.43 11.99
C LEU A 88 3.84 -8.20 13.15
N GLY A 89 2.61 -8.71 12.99
CA GLY A 89 1.50 -8.38 13.88
C GLY A 89 1.02 -6.96 13.63
N ALA A 90 1.82 -5.99 14.13
CA ALA A 90 1.76 -4.57 13.73
C ALA A 90 0.38 -3.92 14.00
N LYS A 91 0.00 -2.90 13.19
CA LYS A 91 -1.23 -2.11 13.42
C LYS A 91 -1.96 -1.84 12.09
N GLN A 92 -3.24 -1.42 12.19
CA GLN A 92 -4.10 -1.12 11.03
C GLN A 92 -3.73 0.23 10.37
N SER A 93 -4.44 0.53 9.26
CA SER A 93 -4.23 1.71 8.42
C SER A 93 -5.43 2.67 8.48
N THR A 94 -5.16 3.96 8.25
CA THR A 94 -6.22 4.98 8.11
C THR A 94 -6.57 5.14 6.62
N THR A 95 -7.87 5.10 6.31
CA THR A 95 -8.38 5.22 4.95
C THR A 95 -8.98 6.62 4.73
N THR A 96 -8.51 7.30 3.67
CA THR A 96 -8.96 8.66 3.32
C THR A 96 -9.32 8.69 1.83
N THR A 97 -10.61 8.93 1.54
CA THR A 97 -11.11 9.14 0.17
C THR A 97 -11.13 10.66 -0.12
N ASP A 98 -10.16 11.10 -0.91
CA ASP A 98 -9.98 12.51 -1.28
C ASP A 98 -10.50 12.72 -2.73
N GLY A 99 -10.56 13.99 -3.18
CA GLY A 99 -11.03 14.35 -4.52
C GLY A 99 -10.24 13.67 -5.63
N ASP A 100 -10.76 12.50 -6.07
CA ASP A 100 -10.22 11.65 -7.15
C ASP A 100 -8.87 11.00 -6.79
N THR A 101 -8.43 11.16 -5.53
CA THR A 101 -7.25 10.50 -4.98
C THR A 101 -7.70 9.68 -3.76
N PHE A 102 -7.07 8.54 -3.54
CA PHE A 102 -7.45 7.60 -2.50
C PHE A 102 -6.17 7.15 -1.80
N GLU A 103 -5.96 7.63 -0.57
CA GLU A 103 -4.74 7.39 0.20
C GLU A 103 -5.09 6.63 1.48
N VAL A 104 -4.53 5.42 1.61
CA VAL A 104 -4.63 4.60 2.82
C VAL A 104 -3.24 4.56 3.46
N GLU A 105 -3.05 5.30 4.55
CA GLU A 105 -1.73 5.43 5.19
C GLU A 105 -1.63 4.41 6.33
N VAL A 106 -0.66 3.50 6.21
CA VAL A 106 -0.49 2.36 7.10
C VAL A 106 0.53 2.75 8.19
N ILE A 107 0.03 2.97 9.42
CA ILE A 107 0.88 3.30 10.57
C ILE A 107 1.07 2.04 11.41
N LEU A 108 2.19 1.39 11.19
CA LEU A 108 2.62 0.21 11.95
C LEU A 108 3.34 0.66 13.24
N GLU A 109 2.64 0.59 14.38
CA GLU A 109 3.20 0.91 15.70
C GLU A 109 3.74 -0.36 16.37
N LEU A 110 5.05 -0.60 16.21
CA LEU A 110 5.77 -1.70 16.88
C LEU A 110 6.74 -1.15 17.95
N GLU A 111 6.84 0.19 18.02
CA GLU A 111 7.71 0.89 18.98
C GLU A 111 7.14 0.78 20.40
N HIS A 112 7.40 -0.36 21.06
CA HIS A 112 6.97 -0.63 22.45
C HIS A 112 8.12 -1.28 23.25
N HIS A 113 9.29 -1.45 22.60
CA HIS A 113 10.52 -1.96 23.26
C HIS A 113 11.19 -0.79 24.04
N HIS A 114 10.48 -0.39 25.11
CA HIS A 114 10.79 0.77 25.97
C HIS A 114 9.60 0.94 26.95
N HIS A 115 9.83 1.63 28.09
CA HIS A 115 8.78 1.93 29.12
C HIS A 115 8.39 0.67 29.93
N HIS A 116 9.08 -0.46 29.67
CA HIS A 116 8.88 -1.75 30.37
C HIS A 116 9.17 -1.59 31.88
N HIS A 117 10.21 -0.80 32.17
CA HIS A 117 10.54 -0.39 33.55
C HIS A 117 9.66 0.84 33.92
N MET A 1 1.19 6.38 -19.58
CA MET A 1 0.55 7.55 -20.23
C MET A 1 -0.49 7.06 -21.25
N ALA A 2 -1.75 6.85 -20.77
CA ALA A 2 -2.85 6.30 -21.59
C ALA A 2 -4.15 7.13 -21.45
N GLY A 3 -4.32 7.77 -20.27
CA GLY A 3 -5.52 8.58 -19.99
C GLY A 3 -6.51 7.81 -19.14
N LYS A 4 -7.14 6.82 -19.77
CA LYS A 4 -7.92 5.77 -19.09
C LYS A 4 -6.93 4.80 -18.40
N GLU A 5 -6.36 5.27 -17.30
CA GLU A 5 -5.17 4.68 -16.68
C GLU A 5 -5.20 4.87 -15.16
N LEU A 6 -5.06 3.75 -14.43
CA LEU A 6 -5.05 3.75 -12.98
C LEU A 6 -3.60 3.98 -12.50
N ARG A 7 -3.31 5.25 -12.14
CA ARG A 7 -1.97 5.67 -11.71
C ARG A 7 -1.84 5.56 -10.18
N VAL A 8 -0.77 4.88 -9.73
CA VAL A 8 -0.50 4.66 -8.31
C VAL A 8 0.85 5.31 -7.92
N GLU A 9 0.89 5.92 -6.74
CA GLU A 9 2.12 6.27 -6.05
C GLU A 9 2.12 5.49 -4.74
N ILE A 10 2.77 4.32 -4.71
CA ILE A 10 2.87 3.53 -3.48
C ILE A 10 4.17 3.96 -2.80
N LYS A 11 4.05 4.77 -1.74
CA LYS A 11 5.21 5.39 -1.09
C LYS A 11 5.60 4.52 0.12
N ILE A 12 6.82 3.99 0.07
CA ILE A 12 7.37 3.16 1.12
C ILE A 12 8.23 4.03 2.07
N ASP A 13 7.96 3.92 3.37
CA ASP A 13 8.76 4.51 4.44
C ASP A 13 9.82 3.50 4.90
N CYS A 14 11.05 3.97 5.17
CA CYS A 14 12.16 3.14 5.66
C CYS A 14 13.32 4.05 6.07
N GLY A 15 13.74 4.93 5.13
CA GLY A 15 14.81 5.88 5.35
C GLY A 15 15.22 6.55 4.04
N ASN A 16 14.25 7.22 3.40
CA ASN A 16 14.41 7.77 2.03
C ASN A 16 14.96 9.20 2.06
N ASP A 17 16.24 9.31 2.49
CA ASP A 17 17.03 10.54 2.35
C ASP A 17 17.48 10.69 0.89
N ASP A 18 17.82 9.53 0.30
CA ASP A 18 18.12 9.37 -1.13
C ASP A 18 17.23 8.24 -1.69
N LYS A 19 16.95 8.32 -3.01
CA LYS A 19 16.17 7.31 -3.77
C LYS A 19 14.68 7.28 -3.33
N GLU A 20 13.80 7.88 -4.15
CA GLU A 20 12.35 7.77 -3.98
C GLU A 20 11.90 6.38 -4.48
N THR A 21 11.33 5.56 -3.57
CA THR A 21 10.78 4.24 -3.93
C THR A 21 9.24 4.32 -3.98
N THR A 22 8.72 4.30 -5.21
CA THR A 22 7.29 4.20 -5.50
C THR A 22 7.07 3.04 -6.46
N TYR A 23 6.02 2.23 -6.22
CA TYR A 23 5.74 1.04 -7.02
C TYR A 23 4.59 1.29 -7.99
N ASP A 24 4.84 1.01 -9.28
CA ASP A 24 3.85 1.16 -10.35
C ASP A 24 3.11 -0.17 -10.56
N LEU A 25 1.78 -0.08 -10.68
CA LEU A 25 0.88 -1.22 -10.88
C LEU A 25 -0.42 -0.73 -11.50
N TYR A 26 -1.00 -1.54 -12.39
CA TYR A 26 -2.17 -1.17 -13.20
C TYR A 26 -3.26 -2.23 -13.02
N PHE A 27 -4.18 -1.96 -12.08
CA PHE A 27 -5.37 -2.79 -11.85
C PHE A 27 -6.34 -2.67 -13.04
N SER A 28 -6.78 -3.83 -13.52
CA SER A 28 -7.77 -3.97 -14.59
C SER A 28 -8.61 -5.26 -14.36
N LYS A 29 -7.99 -6.25 -13.68
CA LYS A 29 -8.64 -7.50 -13.25
C LYS A 29 -8.27 -7.78 -11.79
N ALA A 30 -9.28 -8.14 -10.97
CA ALA A 30 -9.13 -8.36 -9.51
C ALA A 30 -8.21 -9.56 -9.22
N GLU A 31 -8.20 -10.55 -10.12
CA GLU A 31 -7.32 -11.74 -10.05
C GLU A 31 -5.84 -11.30 -10.05
N GLU A 32 -5.50 -10.46 -11.03
CA GLU A 32 -4.16 -9.92 -11.21
C GLU A 32 -3.80 -8.97 -10.05
N ALA A 33 -4.79 -8.17 -9.61
CA ALA A 33 -4.63 -7.21 -8.51
C ALA A 33 -4.18 -7.89 -7.22
N LYS A 34 -4.73 -9.08 -6.94
CA LYS A 34 -4.36 -9.87 -5.76
C LYS A 34 -2.90 -10.37 -5.85
N GLU A 35 -2.38 -10.55 -7.08
CA GLU A 35 -0.95 -10.82 -7.29
C GLU A 35 -0.11 -9.54 -7.12
N LEU A 36 -0.68 -8.35 -7.42
CA LEU A 36 -0.02 -7.05 -7.05
C LEU A 36 0.01 -6.86 -5.52
N LEU A 37 -1.01 -7.41 -4.82
CA LEU A 37 -1.01 -7.54 -3.35
C LEU A 37 0.17 -8.45 -2.92
N LYS A 38 0.33 -9.58 -3.64
CA LYS A 38 1.41 -10.56 -3.41
C LYS A 38 2.79 -9.91 -3.56
N LYS A 39 2.93 -9.06 -4.60
CA LYS A 39 4.21 -8.40 -4.92
C LYS A 39 4.54 -7.27 -3.92
N VAL A 40 3.62 -6.30 -3.78
CA VAL A 40 3.85 -5.07 -2.99
C VAL A 40 4.05 -5.36 -1.50
N ALA A 41 3.26 -6.30 -0.95
CA ALA A 41 3.33 -6.65 0.48
C ALA A 41 4.65 -7.37 0.83
N GLU A 42 5.21 -8.15 -0.12
CA GLU A 42 6.54 -8.78 0.04
C GLU A 42 7.67 -7.75 -0.13
N LYS A 43 7.49 -6.81 -1.08
CA LYS A 43 8.46 -5.74 -1.35
C LYS A 43 8.57 -4.79 -0.14
N ALA A 44 7.41 -4.58 0.53
CA ALA A 44 7.31 -3.74 1.74
C ALA A 44 7.88 -4.51 2.94
N ALA A 45 7.57 -5.84 3.02
CA ALA A 45 8.09 -6.72 4.08
C ALA A 45 9.64 -6.84 4.04
N ASP A 46 10.18 -6.69 2.82
CA ASP A 46 11.64 -6.63 2.55
C ASP A 46 12.25 -5.33 3.15
N LYS A 47 11.50 -4.24 3.04
CA LYS A 47 11.91 -2.92 3.56
C LYS A 47 11.91 -2.93 5.09
N ILE A 48 10.89 -3.61 5.65
CA ILE A 48 10.73 -3.83 7.10
C ILE A 48 11.84 -4.75 7.63
N LYS A 49 12.23 -5.73 6.78
CA LYS A 49 13.28 -6.70 7.10
C LYS A 49 14.62 -5.97 7.32
N LYS A 50 14.90 -4.97 6.47
CA LYS A 50 16.07 -4.09 6.60
C LYS A 50 15.88 -3.09 7.76
N GLN A 51 14.70 -2.45 7.82
CA GLN A 51 14.36 -1.40 8.79
C GLN A 51 12.83 -1.19 8.81
N GLY A 52 12.19 -1.53 9.96
CA GLY A 52 10.73 -1.55 10.11
C GLY A 52 10.04 -0.24 9.73
N CYS A 53 9.18 -0.29 8.69
CA CYS A 53 8.38 0.87 8.27
C CYS A 53 7.31 1.19 9.33
N LYS A 54 7.35 2.43 9.87
CA LYS A 54 6.47 2.87 10.98
C LYS A 54 5.13 3.41 10.46
N ARG A 55 5.14 3.87 9.21
CA ARG A 55 3.98 4.53 8.59
C ARG A 55 4.14 4.43 7.06
N VAL A 56 3.22 3.71 6.41
CA VAL A 56 3.25 3.46 4.96
C VAL A 56 2.14 4.30 4.32
N LYS A 57 2.34 4.80 3.10
CA LYS A 57 1.38 5.67 2.41
C LYS A 57 1.08 5.12 1.01
N ILE A 58 -0.16 4.69 0.79
CA ILE A 58 -0.67 4.23 -0.50
C ILE A 58 -1.49 5.37 -1.13
N ARG A 59 -1.04 5.91 -2.25
CA ARG A 59 -1.76 6.94 -3.03
C ARG A 59 -2.24 6.30 -4.34
N PHE A 60 -3.43 6.69 -4.79
CA PHE A 60 -4.08 6.09 -5.94
C PHE A 60 -5.07 7.09 -6.56
N GLU A 61 -5.13 7.12 -7.91
CA GLU A 61 -6.07 7.98 -8.66
C GLU A 61 -7.38 7.21 -8.91
N LYS A 62 -8.50 7.87 -8.60
CA LYS A 62 -9.84 7.25 -8.57
C LYS A 62 -10.79 8.01 -9.52
N LYS A 63 -10.56 9.33 -9.71
CA LYS A 63 -11.37 10.15 -10.62
C LYS A 63 -11.07 9.77 -12.09
N GLY A 64 -11.95 8.94 -12.67
CA GLY A 64 -11.84 8.54 -14.09
C GLY A 64 -12.24 7.09 -14.36
N LEU A 65 -12.16 6.25 -13.31
CA LEU A 65 -12.45 4.80 -13.41
C LEU A 65 -13.90 4.46 -12.98
N ASP A 66 -14.22 3.15 -12.99
CA ASP A 66 -15.54 2.62 -12.57
C ASP A 66 -15.65 2.67 -11.04
N ASP A 67 -16.88 2.80 -10.51
CA ASP A 67 -17.16 2.69 -9.06
C ASP A 67 -16.94 1.23 -8.57
N ASP A 68 -16.98 0.30 -9.52
CA ASP A 68 -16.56 -1.10 -9.32
C ASP A 68 -15.03 -1.12 -9.07
N ALA A 69 -14.28 -0.47 -9.98
CA ALA A 69 -12.81 -0.36 -9.90
C ALA A 69 -12.35 0.37 -8.61
N ARG A 70 -13.17 1.36 -8.20
CA ARG A 70 -12.97 2.13 -6.95
C ARG A 70 -13.06 1.18 -5.74
N LYS A 71 -14.08 0.30 -5.78
CA LYS A 71 -14.40 -0.63 -4.68
C LYS A 71 -13.37 -1.77 -4.54
N LYS A 72 -12.89 -2.28 -5.69
CA LYS A 72 -11.92 -3.39 -5.72
C LYS A 72 -10.53 -2.91 -5.24
N ALA A 73 -10.16 -1.69 -5.66
CA ALA A 73 -8.91 -1.03 -5.24
C ALA A 73 -9.00 -0.55 -3.77
N LYS A 74 -10.24 -0.22 -3.32
CA LYS A 74 -10.53 0.14 -1.92
C LYS A 74 -10.21 -1.06 -1.01
N LYS A 75 -10.69 -2.24 -1.42
CA LYS A 75 -10.40 -3.49 -0.72
C LYS A 75 -8.91 -3.88 -0.86
N TRP A 76 -8.33 -3.63 -2.07
CA TRP A 76 -6.93 -4.01 -2.37
C TRP A 76 -5.94 -3.34 -1.42
N ALA A 77 -6.11 -2.02 -1.22
CA ALA A 77 -5.28 -1.24 -0.30
C ALA A 77 -5.38 -1.75 1.15
N LEU A 78 -6.57 -2.31 1.48
CA LEU A 78 -6.83 -2.97 2.78
C LEU A 78 -6.19 -4.38 2.82
N GLU A 79 -6.15 -5.09 1.67
CA GLU A 79 -5.55 -6.44 1.59
C GLU A 79 -4.04 -6.36 1.86
N VAL A 80 -3.38 -5.38 1.22
CA VAL A 80 -1.97 -5.06 1.41
C VAL A 80 -1.72 -4.66 2.89
N ALA A 81 -2.62 -3.83 3.42
CA ALA A 81 -2.56 -3.31 4.79
C ALA A 81 -2.66 -4.44 5.84
N ASN A 82 -3.64 -5.33 5.67
CA ASN A 82 -3.98 -6.38 6.63
C ASN A 82 -2.97 -7.54 6.55
N LYS A 83 -2.39 -7.77 5.36
CA LYS A 83 -1.35 -8.80 5.16
C LYS A 83 -0.12 -8.44 6.02
N ILE A 84 0.34 -7.19 5.87
CA ILE A 84 1.56 -6.69 6.52
C ILE A 84 1.30 -6.45 8.03
N ALA A 85 0.10 -5.96 8.39
CA ALA A 85 -0.31 -5.76 9.80
C ALA A 85 -0.41 -7.11 10.55
N ASN A 86 -0.78 -8.17 9.81
CA ASN A 86 -0.85 -9.55 10.34
C ASN A 86 0.56 -10.14 10.48
N GLU A 87 1.41 -9.79 9.51
CA GLU A 87 2.76 -10.33 9.36
C GLU A 87 3.68 -9.77 10.47
N LEU A 88 3.49 -8.49 10.80
CA LEU A 88 4.30 -7.77 11.81
C LEU A 88 3.66 -7.84 13.22
N GLY A 89 2.34 -8.02 13.26
CA GLY A 89 1.58 -7.90 14.52
C GLY A 89 1.34 -6.45 14.89
N ALA A 90 1.09 -5.63 13.86
CA ALA A 90 0.79 -4.20 13.98
C ALA A 90 -0.74 -3.98 14.09
N LYS A 91 -1.19 -2.71 13.91
CA LYS A 91 -2.61 -2.31 14.03
C LYS A 91 -3.37 -2.55 12.70
N GLN A 92 -3.54 -1.48 11.90
CA GLN A 92 -4.40 -1.47 10.67
C GLN A 92 -3.95 -0.30 9.76
N SER A 93 -4.82 0.09 8.81
CA SER A 93 -4.61 1.24 7.93
C SER A 93 -5.77 2.23 8.07
N THR A 94 -5.45 3.53 8.04
CA THR A 94 -6.45 4.60 8.01
C THR A 94 -6.72 4.99 6.54
N THR A 95 -8.00 5.01 6.16
CA THR A 95 -8.43 5.22 4.78
C THR A 95 -8.99 6.65 4.60
N THR A 96 -8.52 7.34 3.55
CA THR A 96 -9.04 8.65 3.14
C THR A 96 -9.61 8.52 1.73
N THR A 97 -10.93 8.65 1.60
CA THR A 97 -11.61 8.58 0.31
C THR A 97 -11.96 10.02 -0.14
N ASP A 98 -11.70 10.30 -1.42
CA ASP A 98 -11.92 11.62 -2.01
C ASP A 98 -12.38 11.44 -3.45
N GLY A 99 -13.03 12.48 -4.00
CA GLY A 99 -13.51 12.47 -5.38
C GLY A 99 -12.43 12.25 -6.43
N ASP A 100 -11.19 12.63 -6.07
CA ASP A 100 -10.02 12.49 -6.96
C ASP A 100 -9.08 11.38 -6.45
N THR A 101 -8.44 11.63 -5.28
CA THR A 101 -7.35 10.77 -4.76
C THR A 101 -7.86 9.85 -3.62
N PHE A 102 -7.73 8.55 -3.83
CA PHE A 102 -7.94 7.54 -2.79
C PHE A 102 -6.58 7.21 -2.13
N GLU A 103 -6.40 7.63 -0.86
CA GLU A 103 -5.12 7.50 -0.13
C GLU A 103 -5.32 6.72 1.19
N VAL A 104 -4.66 5.55 1.29
CA VAL A 104 -4.73 4.66 2.47
C VAL A 104 -3.34 4.58 3.13
N GLU A 105 -3.21 5.13 4.33
CA GLU A 105 -1.95 5.09 5.09
C GLU A 105 -1.98 3.93 6.09
N VAL A 106 -1.00 3.01 5.97
CA VAL A 106 -0.94 1.79 6.78
C VAL A 106 0.00 2.02 7.97
N ILE A 107 -0.57 2.15 9.17
CA ILE A 107 0.18 2.53 10.37
C ILE A 107 0.67 1.29 11.11
N LEU A 108 1.96 0.99 10.93
CA LEU A 108 2.61 -0.18 11.55
C LEU A 108 3.56 0.29 12.65
N GLU A 109 3.11 0.23 13.91
CA GLU A 109 3.95 0.62 15.06
C GLU A 109 4.47 -0.66 15.75
N LEU A 110 5.76 -0.98 15.51
CA LEU A 110 6.40 -2.18 16.06
C LEU A 110 7.34 -1.80 17.22
N GLU A 111 7.19 -2.48 18.37
CA GLU A 111 8.11 -2.35 19.51
C GLU A 111 9.47 -3.02 19.19
N HIS A 112 9.51 -3.76 18.07
CA HIS A 112 10.76 -4.25 17.47
C HIS A 112 11.58 -3.08 16.92
N HIS A 113 12.70 -2.76 17.60
CA HIS A 113 13.65 -1.74 17.17
C HIS A 113 15.07 -2.16 17.59
N HIS A 114 15.92 -2.44 16.60
CA HIS A 114 17.34 -2.77 16.83
C HIS A 114 18.16 -1.47 16.87
N HIS A 115 17.78 -0.57 17.79
CA HIS A 115 18.39 0.76 17.93
C HIS A 115 17.90 1.36 19.26
N HIS A 116 18.76 1.30 20.29
CA HIS A 116 18.49 1.89 21.61
C HIS A 116 18.64 3.42 21.52
N HIS A 117 17.83 4.16 22.27
CA HIS A 117 17.79 5.64 22.21
C HIS A 117 17.27 6.22 23.56
N MET A 1 1.36 11.05 -19.52
CA MET A 1 0.30 10.91 -20.55
C MET A 1 -1.08 10.76 -19.87
N ALA A 2 -2.10 10.36 -20.66
CA ALA A 2 -3.50 10.23 -20.19
C ALA A 2 -3.63 9.22 -19.04
N GLY A 3 -4.46 9.56 -18.03
CA GLY A 3 -4.72 8.70 -16.87
C GLY A 3 -5.84 7.68 -17.11
N LYS A 4 -5.76 7.00 -18.28
CA LYS A 4 -6.74 5.96 -18.67
C LYS A 4 -6.53 4.70 -17.82
N GLU A 5 -5.27 4.30 -17.66
CA GLU A 5 -4.87 3.26 -16.72
C GLU A 5 -4.78 3.83 -15.30
N LEU A 6 -4.89 2.95 -14.29
CA LEU A 6 -4.96 3.35 -12.87
C LEU A 6 -3.54 3.46 -12.28
N ARG A 7 -3.04 4.70 -12.14
CA ARG A 7 -1.68 4.96 -11.60
C ARG A 7 -1.70 4.82 -10.08
N VAL A 8 -0.85 3.92 -9.58
CA VAL A 8 -0.63 3.71 -8.14
C VAL A 8 0.76 4.28 -7.77
N GLU A 9 0.83 5.03 -6.68
CA GLU A 9 2.10 5.40 -6.05
C GLU A 9 2.14 4.77 -4.67
N ILE A 10 2.77 3.58 -4.58
CA ILE A 10 2.94 2.90 -3.31
C ILE A 10 4.30 3.34 -2.75
N LYS A 11 4.28 4.10 -1.66
CA LYS A 11 5.49 4.65 -1.02
C LYS A 11 5.76 3.93 0.30
N ILE A 12 6.86 3.17 0.34
CA ILE A 12 7.35 2.56 1.59
C ILE A 12 8.44 3.47 2.15
N ASP A 13 8.17 4.12 3.28
CA ASP A 13 9.07 5.13 3.84
C ASP A 13 10.08 4.42 4.77
N CYS A 14 11.27 4.17 4.23
CA CYS A 14 12.39 3.54 4.97
C CYS A 14 13.32 4.64 5.53
N GLY A 15 12.69 5.75 6.01
CA GLY A 15 13.42 6.95 6.45
C GLY A 15 13.99 7.75 5.28
N ASN A 16 13.54 7.41 4.06
CA ASN A 16 14.07 7.96 2.81
C ASN A 16 13.38 9.29 2.46
N ASP A 17 13.94 10.39 2.96
CA ASP A 17 13.48 11.75 2.65
C ASP A 17 13.99 12.16 1.25
N ASP A 18 15.24 11.78 0.97
CA ASP A 18 15.97 12.11 -0.27
C ASP A 18 16.00 10.89 -1.24
N LYS A 19 14.87 10.14 -1.30
CA LYS A 19 14.69 9.03 -2.25
C LYS A 19 13.20 8.79 -2.48
N GLU A 20 12.78 8.81 -3.75
CA GLU A 20 11.42 8.45 -4.15
C GLU A 20 11.32 6.92 -4.32
N THR A 21 10.44 6.31 -3.52
CA THR A 21 10.12 4.88 -3.58
C THR A 21 8.65 4.75 -3.99
N THR A 22 8.42 4.34 -5.23
CA THR A 22 7.08 4.11 -5.77
C THR A 22 7.07 2.79 -6.52
N TYR A 23 6.04 1.98 -6.25
CA TYR A 23 5.81 0.72 -6.97
C TYR A 23 4.69 0.98 -7.95
N ASP A 24 4.95 0.68 -9.24
CA ASP A 24 4.03 0.95 -10.34
C ASP A 24 3.38 -0.36 -10.79
N LEU A 25 2.06 -0.42 -10.68
CA LEU A 25 1.24 -1.54 -11.13
C LEU A 25 -0.10 -1.00 -11.61
N TYR A 26 -0.88 -1.84 -12.30
CA TYR A 26 -2.15 -1.44 -12.90
C TYR A 26 -3.22 -2.49 -12.58
N PHE A 27 -4.30 -2.02 -11.94
CA PHE A 27 -5.51 -2.81 -11.73
C PHE A 27 -6.24 -2.95 -13.07
N SER A 28 -6.02 -4.08 -13.73
CA SER A 28 -6.76 -4.49 -14.93
C SER A 28 -8.02 -5.27 -14.52
N LYS A 29 -7.88 -6.01 -13.41
CA LYS A 29 -8.92 -6.92 -12.89
C LYS A 29 -8.54 -7.29 -11.44
N ALA A 30 -9.55 -7.67 -10.61
CA ALA A 30 -9.36 -7.98 -9.18
C ALA A 30 -8.49 -9.23 -8.97
N GLU A 31 -8.65 -10.22 -9.87
CA GLU A 31 -7.85 -11.48 -9.86
C GLU A 31 -6.37 -11.16 -10.06
N GLU A 32 -6.10 -10.27 -11.02
CA GLU A 32 -4.74 -9.80 -11.34
C GLU A 32 -4.16 -8.96 -10.20
N ALA A 33 -5.04 -8.13 -9.60
CA ALA A 33 -4.69 -7.22 -8.51
C ALA A 33 -4.16 -7.97 -7.27
N LYS A 34 -4.70 -9.18 -7.02
CA LYS A 34 -4.30 -10.03 -5.88
C LYS A 34 -2.80 -10.41 -5.94
N GLU A 35 -2.29 -10.63 -7.17
CA GLU A 35 -0.87 -10.96 -7.41
C GLU A 35 0.02 -9.74 -7.11
N LEU A 36 -0.36 -8.58 -7.67
CA LEU A 36 0.35 -7.30 -7.47
C LEU A 36 0.33 -6.86 -5.98
N LEU A 37 -0.77 -7.22 -5.30
CA LEU A 37 -0.99 -6.99 -3.86
C LEU A 37 0.05 -7.73 -3.03
N LYS A 38 0.25 -9.02 -3.37
CA LYS A 38 1.23 -9.90 -2.73
C LYS A 38 2.66 -9.35 -2.91
N LYS A 39 2.97 -8.96 -4.16
CA LYS A 39 4.30 -8.45 -4.54
C LYS A 39 4.66 -7.20 -3.72
N VAL A 40 3.76 -6.20 -3.71
CA VAL A 40 3.93 -4.96 -2.94
C VAL A 40 4.16 -5.25 -1.45
N ALA A 41 3.35 -6.19 -0.91
CA ALA A 41 3.40 -6.56 0.50
C ALA A 41 4.76 -7.16 0.89
N GLU A 42 5.32 -8.00 -0.02
CA GLU A 42 6.63 -8.67 0.21
C GLU A 42 7.81 -7.70 0.03
N LYS A 43 7.69 -6.81 -0.98
CA LYS A 43 8.73 -5.80 -1.28
C LYS A 43 8.78 -4.72 -0.18
N ALA A 44 7.62 -4.48 0.45
CA ALA A 44 7.48 -3.61 1.61
C ALA A 44 8.06 -4.30 2.85
N ALA A 45 7.71 -5.61 2.99
CA ALA A 45 8.13 -6.45 4.12
C ALA A 45 9.66 -6.52 4.25
N ASP A 46 10.37 -6.36 3.11
CA ASP A 46 11.84 -6.29 3.07
C ASP A 46 12.37 -5.07 3.88
N LYS A 47 11.75 -3.89 3.66
CA LYS A 47 12.12 -2.64 4.37
C LYS A 47 11.73 -2.73 5.86
N ILE A 48 10.60 -3.44 6.14
CA ILE A 48 10.14 -3.68 7.52
C ILE A 48 11.14 -4.63 8.23
N LYS A 49 11.70 -5.57 7.46
CA LYS A 49 12.68 -6.56 7.95
C LYS A 49 13.99 -5.86 8.36
N LYS A 50 14.46 -4.96 7.49
CA LYS A 50 15.78 -4.29 7.66
C LYS A 50 15.78 -3.29 8.83
N GLN A 51 14.68 -2.53 9.00
CA GLN A 51 14.62 -1.45 10.02
C GLN A 51 13.27 -1.40 10.74
N GLY A 52 12.17 -1.67 9.99
CA GLY A 52 10.83 -1.53 10.51
C GLY A 52 10.23 -0.18 10.16
N CYS A 53 9.73 -0.05 8.92
CA CYS A 53 9.06 1.16 8.45
C CYS A 53 7.68 1.29 9.14
N LYS A 54 7.63 2.13 10.19
CA LYS A 54 6.43 2.33 11.02
C LYS A 54 5.37 3.20 10.32
N ARG A 55 5.68 3.66 9.10
CA ARG A 55 4.81 4.50 8.30
C ARG A 55 4.93 4.10 6.82
N VAL A 56 3.79 3.82 6.20
CA VAL A 56 3.65 3.52 4.77
C VAL A 56 2.61 4.51 4.21
N LYS A 57 2.79 4.97 2.96
CA LYS A 57 1.86 5.90 2.32
C LYS A 57 1.41 5.31 0.97
N ILE A 58 0.14 4.94 0.87
CA ILE A 58 -0.48 4.43 -0.36
C ILE A 58 -1.31 5.57 -0.98
N ARG A 59 -0.93 6.03 -2.17
CA ARG A 59 -1.68 7.06 -2.93
C ARG A 59 -2.14 6.44 -4.25
N PHE A 60 -3.40 6.73 -4.64
CA PHE A 60 -4.05 6.06 -5.77
C PHE A 60 -5.13 6.97 -6.39
N GLU A 61 -5.30 6.86 -7.73
CA GLU A 61 -6.34 7.59 -8.48
C GLU A 61 -7.68 6.85 -8.37
N LYS A 62 -8.66 7.45 -7.69
CA LYS A 62 -9.98 6.83 -7.46
C LYS A 62 -11.08 7.87 -7.70
N LYS A 63 -11.64 7.86 -8.93
CA LYS A 63 -12.89 8.58 -9.29
C LYS A 63 -13.34 8.10 -10.68
N GLY A 64 -12.53 8.42 -11.69
CA GLY A 64 -12.79 8.02 -13.06
C GLY A 64 -12.07 6.73 -13.41
N LEU A 65 -12.32 5.68 -12.61
CA LEU A 65 -11.79 4.33 -12.89
C LEU A 65 -12.86 3.57 -13.69
N ASP A 66 -13.92 3.23 -12.96
CA ASP A 66 -14.97 2.28 -13.35
C ASP A 66 -15.80 1.98 -12.08
N ASP A 67 -17.05 1.51 -12.28
CA ASP A 67 -17.99 1.17 -11.18
C ASP A 67 -17.37 0.10 -10.26
N ASP A 68 -16.96 -1.01 -10.88
CA ASP A 68 -16.43 -2.19 -10.19
C ASP A 68 -15.02 -1.91 -9.65
N ALA A 69 -14.20 -1.21 -10.46
CA ALA A 69 -12.80 -0.89 -10.10
C ALA A 69 -12.72 0.00 -8.85
N ARG A 70 -13.70 0.91 -8.69
CA ARG A 70 -13.84 1.78 -7.50
C ARG A 70 -14.02 0.94 -6.21
N LYS A 71 -14.90 -0.07 -6.30
CA LYS A 71 -15.28 -0.93 -5.16
C LYS A 71 -14.11 -1.84 -4.76
N LYS A 72 -13.47 -2.43 -5.77
CA LYS A 72 -12.33 -3.35 -5.60
C LYS A 72 -11.07 -2.60 -5.13
N ALA A 73 -10.94 -1.32 -5.55
CA ALA A 73 -9.79 -0.45 -5.17
C ALA A 73 -9.80 -0.14 -3.68
N LYS A 74 -11.00 0.16 -3.17
CA LYS A 74 -11.26 0.37 -1.74
C LYS A 74 -10.80 -0.85 -0.92
N LYS A 75 -11.24 -2.03 -1.38
CA LYS A 75 -10.90 -3.32 -0.75
C LYS A 75 -9.39 -3.61 -0.85
N TRP A 76 -8.83 -3.34 -2.04
CA TRP A 76 -7.44 -3.71 -2.40
C TRP A 76 -6.43 -2.99 -1.50
N ALA A 77 -6.61 -1.66 -1.37
CA ALA A 77 -5.74 -0.78 -0.57
C ALA A 77 -5.73 -1.21 0.92
N LEU A 78 -6.87 -1.75 1.38
CA LEU A 78 -7.01 -2.30 2.75
C LEU A 78 -6.31 -3.66 2.85
N GLU A 79 -6.52 -4.53 1.84
CA GLU A 79 -6.00 -5.91 1.85
C GLU A 79 -4.46 -5.95 1.71
N VAL A 80 -3.89 -4.93 1.03
CA VAL A 80 -2.42 -4.71 0.97
C VAL A 80 -1.88 -4.37 2.37
N ALA A 81 -2.59 -3.43 3.03
CA ALA A 81 -2.28 -2.98 4.38
C ALA A 81 -2.40 -4.12 5.40
N ASN A 82 -3.45 -4.94 5.23
CA ASN A 82 -3.73 -6.11 6.09
C ASN A 82 -2.76 -7.25 5.82
N LYS A 83 -2.22 -7.31 4.57
CA LYS A 83 -1.28 -8.37 4.17
C LYS A 83 0.04 -8.20 4.96
N ILE A 84 0.62 -6.98 4.89
CA ILE A 84 1.87 -6.65 5.62
C ILE A 84 1.63 -6.75 7.15
N ALA A 85 0.45 -6.27 7.57
CA ALA A 85 -0.02 -6.34 8.97
C ALA A 85 -0.22 -7.81 9.44
N ASN A 86 -0.52 -8.72 8.49
CA ASN A 86 -0.75 -10.15 8.80
C ASN A 86 0.56 -10.84 9.23
N GLU A 87 1.67 -10.53 8.52
CA GLU A 87 3.00 -11.06 8.87
C GLU A 87 3.52 -10.43 10.19
N LEU A 88 3.47 -9.08 10.25
CA LEU A 88 4.14 -8.30 11.32
C LEU A 88 3.32 -8.24 12.63
N GLY A 89 1.99 -8.23 12.50
CA GLY A 89 1.10 -8.12 13.66
C GLY A 89 1.24 -6.81 14.42
N ALA A 90 1.21 -5.70 13.67
CA ALA A 90 1.32 -4.35 14.23
C ALA A 90 -0.07 -3.89 14.74
N LYS A 91 -0.94 -3.45 13.79
CA LYS A 91 -2.27 -2.93 14.11
C LYS A 91 -3.14 -2.89 12.84
N GLN A 92 -3.10 -1.75 12.11
CA GLN A 92 -4.00 -1.49 10.98
C GLN A 92 -3.59 -0.17 10.27
N SER A 93 -4.29 0.17 9.19
CA SER A 93 -4.03 1.37 8.38
C SER A 93 -5.08 2.46 8.64
N THR A 94 -4.63 3.72 8.61
CA THR A 94 -5.49 4.90 8.70
C THR A 94 -5.80 5.38 7.26
N THR A 95 -7.09 5.39 6.89
CA THR A 95 -7.52 5.69 5.52
C THR A 95 -8.12 7.10 5.43
N THR A 96 -7.94 7.71 4.25
CA THR A 96 -8.53 8.98 3.87
C THR A 96 -9.33 8.77 2.58
N THR A 97 -10.66 8.86 2.70
CA THR A 97 -11.59 8.71 1.58
C THR A 97 -12.03 10.10 1.10
N ASP A 98 -12.30 10.19 -0.20
CA ASP A 98 -12.83 11.39 -0.86
C ASP A 98 -13.47 10.95 -2.18
N GLY A 99 -14.24 11.85 -2.82
CA GLY A 99 -14.80 11.60 -4.16
C GLY A 99 -13.72 11.23 -5.16
N ASP A 100 -12.82 12.18 -5.42
CA ASP A 100 -11.61 11.97 -6.24
C ASP A 100 -10.44 11.57 -5.32
N THR A 101 -9.56 10.67 -5.82
CA THR A 101 -8.34 10.19 -5.08
C THR A 101 -8.70 9.33 -3.83
N PHE A 102 -7.81 8.36 -3.51
CA PHE A 102 -7.92 7.51 -2.31
C PHE A 102 -6.50 7.30 -1.73
N GLU A 103 -6.31 7.63 -0.44
CA GLU A 103 -4.99 7.57 0.23
C GLU A 103 -5.08 6.78 1.54
N VAL A 104 -4.26 5.73 1.68
CA VAL A 104 -4.20 4.87 2.87
C VAL A 104 -2.79 4.94 3.47
N GLU A 105 -2.64 5.59 4.63
CA GLU A 105 -1.36 5.62 5.35
C GLU A 105 -1.37 4.50 6.40
N VAL A 106 -0.47 3.52 6.21
CA VAL A 106 -0.43 2.31 7.05
C VAL A 106 0.63 2.53 8.12
N ILE A 107 0.17 2.77 9.36
CA ILE A 107 1.07 3.06 10.48
C ILE A 107 1.32 1.75 11.23
N LEU A 108 2.46 1.10 10.92
CA LEU A 108 2.83 -0.18 11.50
C LEU A 108 3.59 0.05 12.82
N GLU A 109 2.87 -0.07 13.93
CA GLU A 109 3.41 0.16 15.26
C GLU A 109 3.81 -1.17 15.90
N LEU A 110 5.05 -1.57 15.64
CA LEU A 110 5.71 -2.69 16.33
C LEU A 110 6.58 -2.14 17.48
N GLU A 111 6.10 -1.03 18.06
CA GLU A 111 6.83 -0.27 19.09
C GLU A 111 6.61 -0.93 20.47
N HIS A 112 7.23 -2.11 20.59
CA HIS A 112 7.34 -2.90 21.82
C HIS A 112 8.81 -3.29 21.94
N HIS A 113 9.66 -2.29 21.67
CA HIS A 113 11.13 -2.42 21.62
C HIS A 113 11.73 -2.01 22.99
N HIS A 114 10.92 -2.14 24.05
CA HIS A 114 11.34 -1.85 25.45
C HIS A 114 12.30 -2.98 25.92
N HIS A 115 13.35 -2.60 26.69
CA HIS A 115 14.41 -3.53 27.14
C HIS A 115 13.83 -4.67 28.00
N HIS A 116 14.10 -5.93 27.57
CA HIS A 116 13.60 -7.14 28.23
C HIS A 116 14.22 -7.34 29.61
N HIS A 117 13.33 -7.67 30.57
CA HIS A 117 13.69 -8.16 31.90
C HIS A 117 12.46 -8.93 32.46
#